data_5J1K
# 
_entry.id   5J1K 
# 
_audit_conform.dict_name       mmcif_pdbx.dic 
_audit_conform.dict_version    5.387 
_audit_conform.dict_location   http://mmcif.pdb.org/dictionaries/ascii/mmcif_pdbx.dic 
# 
loop_
_database_2.database_id 
_database_2.database_code 
_database_2.pdbx_database_accession 
_database_2.pdbx_DOI 
PDB   5J1K         pdb_00005j1k 10.2210/pdb5j1k/pdb 
WWPDB D_1000219660 ?            ?                   
# 
loop_
_pdbx_audit_revision_history.ordinal 
_pdbx_audit_revision_history.data_content_type 
_pdbx_audit_revision_history.major_revision 
_pdbx_audit_revision_history.minor_revision 
_pdbx_audit_revision_history.revision_date 
1 'Structure model' 1 0 2016-10-19 
2 'Structure model' 1 1 2024-03-20 
# 
_pdbx_audit_revision_details.ordinal             1 
_pdbx_audit_revision_details.revision_ordinal    1 
_pdbx_audit_revision_details.data_content_type   'Structure model' 
_pdbx_audit_revision_details.provider            repository 
_pdbx_audit_revision_details.type                'Initial release' 
_pdbx_audit_revision_details.description         ? 
_pdbx_audit_revision_details.details             ? 
# 
loop_
_pdbx_audit_revision_group.ordinal 
_pdbx_audit_revision_group.revision_ordinal 
_pdbx_audit_revision_group.data_content_type 
_pdbx_audit_revision_group.group 
1 2 'Structure model' 'Data collection'      
2 2 'Structure model' 'Database references'  
3 2 'Structure model' 'Derived calculations' 
# 
loop_
_pdbx_audit_revision_category.ordinal 
_pdbx_audit_revision_category.revision_ordinal 
_pdbx_audit_revision_category.data_content_type 
_pdbx_audit_revision_category.category 
1 2 'Structure model' chem_comp_atom        
2 2 'Structure model' chem_comp_bond        
3 2 'Structure model' database_2            
4 2 'Structure model' pdbx_struct_oper_list 
# 
loop_
_pdbx_audit_revision_item.ordinal 
_pdbx_audit_revision_item.revision_ordinal 
_pdbx_audit_revision_item.data_content_type 
_pdbx_audit_revision_item.item 
1 2 'Structure model' '_database_2.pdbx_DOI'                      
2 2 'Structure model' '_database_2.pdbx_database_accession'       
3 2 'Structure model' '_pdbx_struct_oper_list.symmetry_operation' 
# 
_pdbx_database_status.status_code                     REL 
_pdbx_database_status.status_code_sf                  REL 
_pdbx_database_status.status_code_mr                  ? 
_pdbx_database_status.entry_id                        5J1K 
_pdbx_database_status.recvd_initial_deposition_date   2016-03-29 
_pdbx_database_status.SG_entry                        N 
_pdbx_database_status.deposit_site                    RCSB 
_pdbx_database_status.process_site                    PDBJ 
_pdbx_database_status.status_code_cs                  ? 
_pdbx_database_status.methods_development_category    ? 
_pdbx_database_status.pdb_format_compatible           Y 
_pdbx_database_status.status_code_nmr_data            ? 
# 
loop_
_pdbx_database_related.content_type 
_pdbx_database_related.db_id 
_pdbx_database_related.db_name 
_pdbx_database_related.details 
unspecified 5J1M PDB . 
unspecified 5J1L PDB . 
# 
loop_
_audit_author.name 
_audit_author.pdbx_ordinal 
'An, D.R.'  1 
'Suh, S.W.' 2 
# 
_citation.abstract                  ? 
_citation.abstract_id_CAS           ? 
_citation.book_id_ISBN              ? 
_citation.book_publisher            ? 
_citation.book_publisher_city       ? 
_citation.book_title                ? 
_citation.coordinate_linkage        ? 
_citation.country                   US 
_citation.database_id_Medline       ? 
_citation.details                   ? 
_citation.id                        primary 
_citation.journal_abbrev            'Plos One' 
_citation.journal_id_ASTM           ? 
_citation.journal_id_CSD            ? 
_citation.journal_id_ISSN           1932-6203 
_citation.journal_full              ? 
_citation.journal_issue             ? 
_citation.journal_volume            11 
_citation.language                  ? 
_citation.page_first                e0164243 
_citation.page_last                 e0164243 
_citation.title                     
'Structural Basis of the Heterodimer Formation between Cell Shape-Determining Proteins Csd1 and Csd2 from Helicobacter pylori' 
_citation.year                      2016 
_citation.database_id_CSD           ? 
_citation.pdbx_database_id_DOI      10.1371/journal.pone.0164243 
_citation.pdbx_database_id_PubMed   27711177 
_citation.unpublished_flag          ? 
# 
loop_
_citation_author.citation_id 
_citation_author.name 
_citation_author.ordinal 
_citation_author.identifier_ORCID 
primary 'An, D.R.'      1  ? 
primary 'Im, H.N.'      2  ? 
primary 'Jang, J.Y.'    3  ? 
primary 'Kim, H.S.'     4  ? 
primary 'Kim, J.'       5  ? 
primary 'Yoon, H.J.'    6  ? 
primary 'Hesek, D.'     7  ? 
primary 'Lee, M.'       8  ? 
primary 'Mobashery, S.' 9  ? 
primary 'Kim, S.J.'     10 ? 
primary 'Suh, S.W.'     11 ? 
# 
loop_
_entity.id 
_entity.type 
_entity.src_method 
_entity.pdbx_description 
_entity.formula_weight 
_entity.pdbx_number_of_molecules 
_entity.pdbx_ec 
_entity.pdbx_mutation 
_entity.pdbx_fragment 
_entity.details 
1 polymer     man 'ToxR-activated gene (TagE)' 24458.762 1  ? ? 'UNP residues 125-308' ? 
2 non-polymer syn GLYCEROL                     92.094    2  ? ? ?                      ? 
3 water       nat water                        18.015    97 ? ? ?                      ? 
# 
_entity_poly.entity_id                      1 
_entity_poly.type                           'polypeptide(L)' 
_entity_poly.nstd_linkage                   no 
_entity_poly.nstd_monomer                   no 
_entity_poly.pdbx_seq_one_letter_code       
;MGSSHHHHHHSSGLVPRGSHLDNLNLAQKHLALMLIPNGMPIKTYSAIKPTKERNHPIKKIKGVESGIDFIAPLNTPVYA
SADGIVDFVKTNSNVGYGNLVRIEHAFGFSSIYTHLDHVNVQPKSFIQKGQLIGYSGKSGNSGGEKLHYEVRFLGKILDA
QKFLAWDLDHFQSALEENKFIEWKNLFWVLEDIVQLQEHVDKDALISQLEHHHHHH
;
_entity_poly.pdbx_seq_one_letter_code_can   
;MGSSHHHHHHSSGLVPRGSHLDNLNLAQKHLALMLIPNGMPIKTYSAIKPTKERNHPIKKIKGVESGIDFIAPLNTPVYA
SADGIVDFVKTNSNVGYGNLVRIEHAFGFSSIYTHLDHVNVQPKSFIQKGQLIGYSGKSGNSGGEKLHYEVRFLGKILDA
QKFLAWDLDHFQSALEENKFIEWKNLFWVLEDIVQLQEHVDKDALISQLEHHHHHH
;
_entity_poly.pdbx_strand_id                 A 
_entity_poly.pdbx_target_identifier         ? 
# 
loop_
_pdbx_entity_nonpoly.entity_id 
_pdbx_entity_nonpoly.name 
_pdbx_entity_nonpoly.comp_id 
2 GLYCEROL GOL 
3 water    HOH 
# 
loop_
_entity_poly_seq.entity_id 
_entity_poly_seq.num 
_entity_poly_seq.mon_id 
_entity_poly_seq.hetero 
1 1   MET n 
1 2   GLY n 
1 3   SER n 
1 4   SER n 
1 5   HIS n 
1 6   HIS n 
1 7   HIS n 
1 8   HIS n 
1 9   HIS n 
1 10  HIS n 
1 11  SER n 
1 12  SER n 
1 13  GLY n 
1 14  LEU n 
1 15  VAL n 
1 16  PRO n 
1 17  ARG n 
1 18  GLY n 
1 19  SER n 
1 20  HIS n 
1 21  LEU n 
1 22  ASP n 
1 23  ASN n 
1 24  LEU n 
1 25  ASN n 
1 26  LEU n 
1 27  ALA n 
1 28  GLN n 
1 29  LYS n 
1 30  HIS n 
1 31  LEU n 
1 32  ALA n 
1 33  LEU n 
1 34  MET n 
1 35  LEU n 
1 36  ILE n 
1 37  PRO n 
1 38  ASN n 
1 39  GLY n 
1 40  MET n 
1 41  PRO n 
1 42  ILE n 
1 43  LYS n 
1 44  THR n 
1 45  TYR n 
1 46  SER n 
1 47  ALA n 
1 48  ILE n 
1 49  LYS n 
1 50  PRO n 
1 51  THR n 
1 52  LYS n 
1 53  GLU n 
1 54  ARG n 
1 55  ASN n 
1 56  HIS n 
1 57  PRO n 
1 58  ILE n 
1 59  LYS n 
1 60  LYS n 
1 61  ILE n 
1 62  LYS n 
1 63  GLY n 
1 64  VAL n 
1 65  GLU n 
1 66  SER n 
1 67  GLY n 
1 68  ILE n 
1 69  ASP n 
1 70  PHE n 
1 71  ILE n 
1 72  ALA n 
1 73  PRO n 
1 74  LEU n 
1 75  ASN n 
1 76  THR n 
1 77  PRO n 
1 78  VAL n 
1 79  TYR n 
1 80  ALA n 
1 81  SER n 
1 82  ALA n 
1 83  ASP n 
1 84  GLY n 
1 85  ILE n 
1 86  VAL n 
1 87  ASP n 
1 88  PHE n 
1 89  VAL n 
1 90  LYS n 
1 91  THR n 
1 92  ASN n 
1 93  SER n 
1 94  ASN n 
1 95  VAL n 
1 96  GLY n 
1 97  TYR n 
1 98  GLY n 
1 99  ASN n 
1 100 LEU n 
1 101 VAL n 
1 102 ARG n 
1 103 ILE n 
1 104 GLU n 
1 105 HIS n 
1 106 ALA n 
1 107 PHE n 
1 108 GLY n 
1 109 PHE n 
1 110 SER n 
1 111 SER n 
1 112 ILE n 
1 113 TYR n 
1 114 THR n 
1 115 HIS n 
1 116 LEU n 
1 117 ASP n 
1 118 HIS n 
1 119 VAL n 
1 120 ASN n 
1 121 VAL n 
1 122 GLN n 
1 123 PRO n 
1 124 LYS n 
1 125 SER n 
1 126 PHE n 
1 127 ILE n 
1 128 GLN n 
1 129 LYS n 
1 130 GLY n 
1 131 GLN n 
1 132 LEU n 
1 133 ILE n 
1 134 GLY n 
1 135 TYR n 
1 136 SER n 
1 137 GLY n 
1 138 LYS n 
1 139 SER n 
1 140 GLY n 
1 141 ASN n 
1 142 SER n 
1 143 GLY n 
1 144 GLY n 
1 145 GLU n 
1 146 LYS n 
1 147 LEU n 
1 148 HIS n 
1 149 TYR n 
1 150 GLU n 
1 151 VAL n 
1 152 ARG n 
1 153 PHE n 
1 154 LEU n 
1 155 GLY n 
1 156 LYS n 
1 157 ILE n 
1 158 LEU n 
1 159 ASP n 
1 160 ALA n 
1 161 GLN n 
1 162 LYS n 
1 163 PHE n 
1 164 LEU n 
1 165 ALA n 
1 166 TRP n 
1 167 ASP n 
1 168 LEU n 
1 169 ASP n 
1 170 HIS n 
1 171 PHE n 
1 172 GLN n 
1 173 SER n 
1 174 ALA n 
1 175 LEU n 
1 176 GLU n 
1 177 GLU n 
1 178 ASN n 
1 179 LYS n 
1 180 PHE n 
1 181 ILE n 
1 182 GLU n 
1 183 TRP n 
1 184 LYS n 
1 185 ASN n 
1 186 LEU n 
1 187 PHE n 
1 188 TRP n 
1 189 VAL n 
1 190 LEU n 
1 191 GLU n 
1 192 ASP n 
1 193 ILE n 
1 194 VAL n 
1 195 GLN n 
1 196 LEU n 
1 197 GLN n 
1 198 GLU n 
1 199 HIS n 
1 200 VAL n 
1 201 ASP n 
1 202 LYS n 
1 203 ASP n 
1 204 ALA n 
1 205 LEU n 
1 206 ILE n 
1 207 SER n 
1 208 GLN n 
1 209 LEU n 
1 210 GLU n 
1 211 HIS n 
1 212 HIS n 
1 213 HIS n 
1 214 HIS n 
1 215 HIS n 
1 216 HIS n 
# 
_entity_src_gen.entity_id                          1 
_entity_src_gen.pdbx_src_id                        1 
_entity_src_gen.pdbx_alt_source_flag               sample 
_entity_src_gen.pdbx_seq_type                      'Biological sequence' 
_entity_src_gen.pdbx_beg_seq_num                   1 
_entity_src_gen.pdbx_end_seq_num                   216 
_entity_src_gen.gene_src_common_name               ? 
_entity_src_gen.gene_src_genus                     ? 
_entity_src_gen.pdbx_gene_src_gene                 HP_1544 
_entity_src_gen.gene_src_species                   ? 
_entity_src_gen.gene_src_strain                    'ATCC 700392 / 26695' 
_entity_src_gen.gene_src_tissue                    ? 
_entity_src_gen.gene_src_tissue_fraction           ? 
_entity_src_gen.gene_src_details                   ? 
_entity_src_gen.pdbx_gene_src_fragment             ? 
_entity_src_gen.pdbx_gene_src_scientific_name      'Helicobacter pylori' 
_entity_src_gen.pdbx_gene_src_ncbi_taxonomy_id     85962 
_entity_src_gen.pdbx_gene_src_variant              ? 
_entity_src_gen.pdbx_gene_src_cell_line            ? 
_entity_src_gen.pdbx_gene_src_atcc                 ? 
_entity_src_gen.pdbx_gene_src_organ                ? 
_entity_src_gen.pdbx_gene_src_organelle            ? 
_entity_src_gen.pdbx_gene_src_cell                 ? 
_entity_src_gen.pdbx_gene_src_cellular_location    ? 
_entity_src_gen.host_org_common_name               ? 
_entity_src_gen.pdbx_host_org_scientific_name      'Escherichia coli' 
_entity_src_gen.pdbx_host_org_ncbi_taxonomy_id     562 
_entity_src_gen.host_org_genus                     ? 
_entity_src_gen.pdbx_host_org_gene                 ? 
_entity_src_gen.pdbx_host_org_organ                ? 
_entity_src_gen.host_org_species                   ? 
_entity_src_gen.pdbx_host_org_tissue               ? 
_entity_src_gen.pdbx_host_org_tissue_fraction      ? 
_entity_src_gen.pdbx_host_org_strain               ? 
_entity_src_gen.pdbx_host_org_variant              ? 
_entity_src_gen.pdbx_host_org_cell_line            ? 
_entity_src_gen.pdbx_host_org_atcc                 ? 
_entity_src_gen.pdbx_host_org_culture_collection   ? 
_entity_src_gen.pdbx_host_org_cell                 ? 
_entity_src_gen.pdbx_host_org_organelle            ? 
_entity_src_gen.pdbx_host_org_cellular_location    ? 
_entity_src_gen.pdbx_host_org_vector_type          plasmid 
_entity_src_gen.pdbx_host_org_vector               ? 
_entity_src_gen.host_org_details                   ? 
_entity_src_gen.expression_system_id               ? 
_entity_src_gen.plasmid_name                       ? 
_entity_src_gen.plasmid_details                    ? 
_entity_src_gen.pdbx_description                   ? 
# 
loop_
_chem_comp.id 
_chem_comp.type 
_chem_comp.mon_nstd_flag 
_chem_comp.name 
_chem_comp.pdbx_synonyms 
_chem_comp.formula 
_chem_comp.formula_weight 
ALA 'L-peptide linking' y ALANINE         ?                               'C3 H7 N O2'     89.093  
ARG 'L-peptide linking' y ARGININE        ?                               'C6 H15 N4 O2 1' 175.209 
ASN 'L-peptide linking' y ASPARAGINE      ?                               'C4 H8 N2 O3'    132.118 
ASP 'L-peptide linking' y 'ASPARTIC ACID' ?                               'C4 H7 N O4'     133.103 
GLN 'L-peptide linking' y GLUTAMINE       ?                               'C5 H10 N2 O3'   146.144 
GLU 'L-peptide linking' y 'GLUTAMIC ACID' ?                               'C5 H9 N O4'     147.129 
GLY 'peptide linking'   y GLYCINE         ?                               'C2 H5 N O2'     75.067  
GOL non-polymer         . GLYCEROL        'GLYCERIN; PROPANE-1,2,3-TRIOL' 'C3 H8 O3'       92.094  
HIS 'L-peptide linking' y HISTIDINE       ?                               'C6 H10 N3 O2 1' 156.162 
HOH non-polymer         . WATER           ?                               'H2 O'           18.015  
ILE 'L-peptide linking' y ISOLEUCINE      ?                               'C6 H13 N O2'    131.173 
LEU 'L-peptide linking' y LEUCINE         ?                               'C6 H13 N O2'    131.173 
LYS 'L-peptide linking' y LYSINE          ?                               'C6 H15 N2 O2 1' 147.195 
MET 'L-peptide linking' y METHIONINE      ?                               'C5 H11 N O2 S'  149.211 
PHE 'L-peptide linking' y PHENYLALANINE   ?                               'C9 H11 N O2'    165.189 
PRO 'L-peptide linking' y PROLINE         ?                               'C5 H9 N O2'     115.130 
SER 'L-peptide linking' y SERINE          ?                               'C3 H7 N O3'     105.093 
THR 'L-peptide linking' y THREONINE       ?                               'C4 H9 N O3'     119.119 
TRP 'L-peptide linking' y TRYPTOPHAN      ?                               'C11 H12 N2 O2'  204.225 
TYR 'L-peptide linking' y TYROSINE        ?                               'C9 H11 N O3'    181.189 
VAL 'L-peptide linking' y VALINE          ?                               'C5 H11 N O2'    117.146 
# 
loop_
_pdbx_poly_seq_scheme.asym_id 
_pdbx_poly_seq_scheme.entity_id 
_pdbx_poly_seq_scheme.seq_id 
_pdbx_poly_seq_scheme.mon_id 
_pdbx_poly_seq_scheme.ndb_seq_num 
_pdbx_poly_seq_scheme.pdb_seq_num 
_pdbx_poly_seq_scheme.auth_seq_num 
_pdbx_poly_seq_scheme.pdb_mon_id 
_pdbx_poly_seq_scheme.auth_mon_id 
_pdbx_poly_seq_scheme.pdb_strand_id 
_pdbx_poly_seq_scheme.pdb_ins_code 
_pdbx_poly_seq_scheme.hetero 
A 1 1   MET 1   101 ?   ?   ?   A . n 
A 1 2   GLY 2   102 ?   ?   ?   A . n 
A 1 3   SER 3   103 ?   ?   ?   A . n 
A 1 4   SER 4   104 ?   ?   ?   A . n 
A 1 5   HIS 5   105 ?   ?   ?   A . n 
A 1 6   HIS 6   106 ?   ?   ?   A . n 
A 1 7   HIS 7   107 ?   ?   ?   A . n 
A 1 8   HIS 8   108 ?   ?   ?   A . n 
A 1 9   HIS 9   109 ?   ?   ?   A . n 
A 1 10  HIS 10  110 ?   ?   ?   A . n 
A 1 11  SER 11  111 ?   ?   ?   A . n 
A 1 12  SER 12  112 ?   ?   ?   A . n 
A 1 13  GLY 13  113 ?   ?   ?   A . n 
A 1 14  LEU 14  114 ?   ?   ?   A . n 
A 1 15  VAL 15  115 ?   ?   ?   A . n 
A 1 16  PRO 16  116 ?   ?   ?   A . n 
A 1 17  ARG 17  117 ?   ?   ?   A . n 
A 1 18  GLY 18  118 ?   ?   ?   A . n 
A 1 19  SER 19  119 ?   ?   ?   A . n 
A 1 20  HIS 20  120 120 HIS HIS A . n 
A 1 21  LEU 21  121 121 LEU LEU A . n 
A 1 22  ASP 22  122 122 ASP ASP A . n 
A 1 23  ASN 23  123 123 ASN ASN A . n 
A 1 24  LEU 24  124 124 LEU LEU A . n 
A 1 25  ASN 25  125 125 ASN ASN A . n 
A 1 26  LEU 26  126 126 LEU LEU A . n 
A 1 27  ALA 27  127 127 ALA ALA A . n 
A 1 28  GLN 28  128 128 GLN GLN A . n 
A 1 29  LYS 29  129 129 LYS LYS A . n 
A 1 30  HIS 30  130 130 HIS HIS A . n 
A 1 31  LEU 31  131 131 LEU LEU A . n 
A 1 32  ALA 32  132 132 ALA ALA A . n 
A 1 33  LEU 33  133 133 LEU LEU A . n 
A 1 34  MET 34  134 134 MET MET A . n 
A 1 35  LEU 35  135 135 LEU LEU A . n 
A 1 36  ILE 36  136 136 ILE ILE A . n 
A 1 37  PRO 37  137 137 PRO PRO A . n 
A 1 38  ASN 38  138 138 ASN ASN A . n 
A 1 39  GLY 39  139 139 GLY GLY A . n 
A 1 40  MET 40  140 140 MET MET A . n 
A 1 41  PRO 41  141 141 PRO PRO A . n 
A 1 42  ILE 42  142 142 ILE ILE A . n 
A 1 43  LYS 43  143 143 LYS LYS A . n 
A 1 44  THR 44  144 144 THR THR A . n 
A 1 45  TYR 45  145 145 TYR TYR A . n 
A 1 46  SER 46  146 146 SER SER A . n 
A 1 47  ALA 47  147 147 ALA ALA A . n 
A 1 48  ILE 48  148 148 ILE ILE A . n 
A 1 49  LYS 49  149 149 LYS LYS A . n 
A 1 50  PRO 50  150 150 PRO PRO A . n 
A 1 51  THR 51  151 151 THR THR A . n 
A 1 52  LYS 52  152 152 LYS LYS A . n 
A 1 53  GLU 53  153 153 GLU GLU A . n 
A 1 54  ARG 54  154 154 ARG ARG A . n 
A 1 55  ASN 55  155 155 ASN ASN A . n 
A 1 56  HIS 56  156 156 HIS HIS A . n 
A 1 57  PRO 57  157 157 PRO PRO A . n 
A 1 58  ILE 58  158 158 ILE ILE A . n 
A 1 59  LYS 59  159 159 LYS LYS A . n 
A 1 60  LYS 60  160 160 LYS LYS A . n 
A 1 61  ILE 61  161 161 ILE ILE A . n 
A 1 62  LYS 62  162 162 LYS LYS A . n 
A 1 63  GLY 63  163 163 GLY GLY A . n 
A 1 64  VAL 64  164 164 VAL VAL A . n 
A 1 65  GLU 65  165 165 GLU GLU A . n 
A 1 66  SER 66  166 166 SER SER A . n 
A 1 67  GLY 67  167 167 GLY GLY A . n 
A 1 68  ILE 68  168 168 ILE ILE A . n 
A 1 69  ASP 69  169 169 ASP ASP A . n 
A 1 70  PHE 70  170 170 PHE PHE A . n 
A 1 71  ILE 71  171 171 ILE ILE A . n 
A 1 72  ALA 72  172 172 ALA ALA A . n 
A 1 73  PRO 73  173 173 PRO PRO A . n 
A 1 74  LEU 74  174 174 LEU LEU A . n 
A 1 75  ASN 75  175 175 ASN ASN A . n 
A 1 76  THR 76  176 176 THR THR A . n 
A 1 77  PRO 77  177 177 PRO PRO A . n 
A 1 78  VAL 78  178 178 VAL VAL A . n 
A 1 79  TYR 79  179 179 TYR TYR A . n 
A 1 80  ALA 80  180 180 ALA ALA A . n 
A 1 81  SER 81  181 181 SER SER A . n 
A 1 82  ALA 82  182 182 ALA ALA A . n 
A 1 83  ASP 83  183 183 ASP ASP A . n 
A 1 84  GLY 84  184 184 GLY GLY A . n 
A 1 85  ILE 85  185 185 ILE ILE A . n 
A 1 86  VAL 86  186 186 VAL VAL A . n 
A 1 87  ASP 87  187 187 ASP ASP A . n 
A 1 88  PHE 88  188 188 PHE PHE A . n 
A 1 89  VAL 89  189 189 VAL VAL A . n 
A 1 90  LYS 90  190 190 LYS LYS A . n 
A 1 91  THR 91  191 191 THR THR A . n 
A 1 92  ASN 92  192 192 ASN ASN A . n 
A 1 93  SER 93  193 193 SER SER A . n 
A 1 94  ASN 94  194 194 ASN ASN A . n 
A 1 95  VAL 95  195 195 VAL VAL A . n 
A 1 96  GLY 96  196 196 GLY GLY A . n 
A 1 97  TYR 97  197 197 TYR TYR A . n 
A 1 98  GLY 98  198 198 GLY GLY A . n 
A 1 99  ASN 99  199 199 ASN ASN A . n 
A 1 100 LEU 100 200 200 LEU LEU A . n 
A 1 101 VAL 101 201 201 VAL VAL A . n 
A 1 102 ARG 102 202 202 ARG ARG A . n 
A 1 103 ILE 103 203 203 ILE ILE A . n 
A 1 104 GLU 104 204 204 GLU GLU A . n 
A 1 105 HIS 105 205 205 HIS HIS A . n 
A 1 106 ALA 106 206 206 ALA ALA A . n 
A 1 107 PHE 107 207 207 PHE PHE A . n 
A 1 108 GLY 108 208 208 GLY GLY A . n 
A 1 109 PHE 109 209 209 PHE PHE A . n 
A 1 110 SER 110 210 210 SER SER A . n 
A 1 111 SER 111 211 211 SER SER A . n 
A 1 112 ILE 112 212 212 ILE ILE A . n 
A 1 113 TYR 113 213 213 TYR TYR A . n 
A 1 114 THR 114 214 214 THR THR A . n 
A 1 115 HIS 115 215 215 HIS HIS A . n 
A 1 116 LEU 116 216 216 LEU LEU A . n 
A 1 117 ASP 117 217 217 ASP ASP A . n 
A 1 118 HIS 118 218 218 HIS HIS A . n 
A 1 119 VAL 119 219 219 VAL VAL A . n 
A 1 120 ASN 120 220 220 ASN ASN A . n 
A 1 121 VAL 121 221 221 VAL VAL A . n 
A 1 122 GLN 122 222 222 GLN GLN A . n 
A 1 123 PRO 123 223 223 PRO PRO A . n 
A 1 124 LYS 124 224 224 LYS LYS A . n 
A 1 125 SER 125 225 225 SER SER A . n 
A 1 126 PHE 126 226 226 PHE PHE A . n 
A 1 127 ILE 127 227 227 ILE ILE A . n 
A 1 128 GLN 128 228 228 GLN GLN A . n 
A 1 129 LYS 129 229 229 LYS LYS A . n 
A 1 130 GLY 130 230 230 GLY GLY A . n 
A 1 131 GLN 131 231 231 GLN GLN A . n 
A 1 132 LEU 132 232 232 LEU LEU A . n 
A 1 133 ILE 133 233 233 ILE ILE A . n 
A 1 134 GLY 134 234 234 GLY GLY A . n 
A 1 135 TYR 135 235 235 TYR TYR A . n 
A 1 136 SER 136 236 236 SER SER A . n 
A 1 137 GLY 137 237 237 GLY GLY A . n 
A 1 138 LYS 138 238 238 LYS LYS A . n 
A 1 139 SER 139 239 239 SER SER A . n 
A 1 140 GLY 140 240 240 GLY GLY A . n 
A 1 141 ASN 141 241 241 ASN ASN A . n 
A 1 142 SER 142 242 242 SER SER A . n 
A 1 143 GLY 143 243 243 GLY GLY A . n 
A 1 144 GLY 144 244 244 GLY GLY A . n 
A 1 145 GLU 145 245 245 GLU GLU A . n 
A 1 146 LYS 146 246 246 LYS LYS A . n 
A 1 147 LEU 147 247 247 LEU LEU A . n 
A 1 148 HIS 148 248 248 HIS HIS A . n 
A 1 149 TYR 149 249 249 TYR TYR A . n 
A 1 150 GLU 150 250 250 GLU GLU A . n 
A 1 151 VAL 151 251 251 VAL VAL A . n 
A 1 152 ARG 152 252 252 ARG ARG A . n 
A 1 153 PHE 153 253 253 PHE PHE A . n 
A 1 154 LEU 154 254 254 LEU LEU A . n 
A 1 155 GLY 155 255 255 GLY GLY A . n 
A 1 156 LYS 156 256 256 LYS LYS A . n 
A 1 157 ILE 157 257 257 ILE ILE A . n 
A 1 158 LEU 158 258 258 LEU LEU A . n 
A 1 159 ASP 159 259 259 ASP ASP A . n 
A 1 160 ALA 160 260 260 ALA ALA A . n 
A 1 161 GLN 161 261 261 GLN GLN A . n 
A 1 162 LYS 162 262 262 LYS LYS A . n 
A 1 163 PHE 163 263 263 PHE PHE A . n 
A 1 164 LEU 164 264 264 LEU LEU A . n 
A 1 165 ALA 165 265 265 ALA ALA A . n 
A 1 166 TRP 166 266 266 TRP TRP A . n 
A 1 167 ASP 167 267 267 ASP ASP A . n 
A 1 168 LEU 168 268 268 LEU LEU A . n 
A 1 169 ASP 169 269 269 ASP ASP A . n 
A 1 170 HIS 170 270 270 HIS HIS A . n 
A 1 171 PHE 171 271 271 PHE PHE A . n 
A 1 172 GLN 172 272 272 GLN GLN A . n 
A 1 173 SER 173 273 273 SER SER A . n 
A 1 174 ALA 174 274 274 ALA ALA A . n 
A 1 175 LEU 175 275 275 LEU LEU A . n 
A 1 176 GLU 176 276 276 GLU GLU A . n 
A 1 177 GLU 177 277 277 GLU GLU A . n 
A 1 178 ASN 178 278 278 ASN ASN A . n 
A 1 179 LYS 179 279 279 LYS LYS A . n 
A 1 180 PHE 180 280 280 PHE PHE A . n 
A 1 181 ILE 181 281 281 ILE ILE A . n 
A 1 182 GLU 182 282 282 GLU GLU A . n 
A 1 183 TRP 183 283 283 TRP TRP A . n 
A 1 184 LYS 184 284 284 LYS LYS A . n 
A 1 185 ASN 185 285 285 ASN ASN A . n 
A 1 186 LEU 186 286 286 LEU LEU A . n 
A 1 187 PHE 187 287 287 PHE PHE A . n 
A 1 188 TRP 188 288 288 TRP TRP A . n 
A 1 189 VAL 189 289 289 VAL VAL A . n 
A 1 190 LEU 190 290 290 LEU LEU A . n 
A 1 191 GLU 191 291 291 GLU GLU A . n 
A 1 192 ASP 192 292 292 ASP ASP A . n 
A 1 193 ILE 193 293 293 ILE ILE A . n 
A 1 194 VAL 194 294 294 VAL VAL A . n 
A 1 195 GLN 195 295 295 GLN GLN A . n 
A 1 196 LEU 196 296 296 LEU LEU A . n 
A 1 197 GLN 197 297 297 GLN GLN A . n 
A 1 198 GLU 198 298 298 GLU GLU A . n 
A 1 199 HIS 199 299 299 HIS HIS A . n 
A 1 200 VAL 200 300 300 VAL VAL A . n 
A 1 201 ASP 201 301 301 ASP ASP A . n 
A 1 202 LYS 202 302 ?   ?   ?   A . n 
A 1 203 ASP 203 303 ?   ?   ?   A . n 
A 1 204 ALA 204 304 ?   ?   ?   A . n 
A 1 205 LEU 205 305 ?   ?   ?   A . n 
A 1 206 ILE 206 306 ?   ?   ?   A . n 
A 1 207 SER 207 307 ?   ?   ?   A . n 
A 1 208 GLN 208 308 ?   ?   ?   A . n 
A 1 209 LEU 209 309 ?   ?   ?   A . n 
A 1 210 GLU 210 310 ?   ?   ?   A . n 
A 1 211 HIS 211 311 ?   ?   ?   A . n 
A 1 212 HIS 212 312 ?   ?   ?   A . n 
A 1 213 HIS 213 313 ?   ?   ?   A . n 
A 1 214 HIS 214 314 ?   ?   ?   A . n 
A 1 215 HIS 215 315 ?   ?   ?   A . n 
A 1 216 HIS 216 316 ?   ?   ?   A . n 
# 
loop_
_pdbx_nonpoly_scheme.asym_id 
_pdbx_nonpoly_scheme.entity_id 
_pdbx_nonpoly_scheme.mon_id 
_pdbx_nonpoly_scheme.ndb_seq_num 
_pdbx_nonpoly_scheme.pdb_seq_num 
_pdbx_nonpoly_scheme.auth_seq_num 
_pdbx_nonpoly_scheme.pdb_mon_id 
_pdbx_nonpoly_scheme.auth_mon_id 
_pdbx_nonpoly_scheme.pdb_strand_id 
_pdbx_nonpoly_scheme.pdb_ins_code 
B 2 GOL 1  401 1  GOL GOL A . 
C 2 GOL 1  402 2  GOL GOL A . 
D 3 HOH 1  501 59 HOH HOH A . 
D 3 HOH 2  502 34 HOH HOH A . 
D 3 HOH 3  503 82 HOH HOH A . 
D 3 HOH 4  504 61 HOH HOH A . 
D 3 HOH 5  505 39 HOH HOH A . 
D 3 HOH 6  506 88 HOH HOH A . 
D 3 HOH 7  507 35 HOH HOH A . 
D 3 HOH 8  508 84 HOH HOH A . 
D 3 HOH 9  509 43 HOH HOH A . 
D 3 HOH 10 510 38 HOH HOH A . 
D 3 HOH 11 511 51 HOH HOH A . 
D 3 HOH 12 512 41 HOH HOH A . 
D 3 HOH 13 513 33 HOH HOH A . 
D 3 HOH 14 514 68 HOH HOH A . 
D 3 HOH 15 515 23 HOH HOH A . 
D 3 HOH 16 516 94 HOH HOH A . 
D 3 HOH 17 517 73 HOH HOH A . 
D 3 HOH 18 518 3  HOH HOH A . 
D 3 HOH 19 519 15 HOH HOH A . 
D 3 HOH 20 520 71 HOH HOH A . 
D 3 HOH 21 521 80 HOH HOH A . 
D 3 HOH 22 522 1  HOH HOH A . 
D 3 HOH 23 523 72 HOH HOH A . 
D 3 HOH 24 524 22 HOH HOH A . 
D 3 HOH 25 525 29 HOH HOH A . 
D 3 HOH 26 526 21 HOH HOH A . 
D 3 HOH 27 527 14 HOH HOH A . 
D 3 HOH 28 528 25 HOH HOH A . 
D 3 HOH 29 529 50 HOH HOH A . 
D 3 HOH 30 530 69 HOH HOH A . 
D 3 HOH 31 531 58 HOH HOH A . 
D 3 HOH 32 532 9  HOH HOH A . 
D 3 HOH 33 533 18 HOH HOH A . 
D 3 HOH 34 534 19 HOH HOH A . 
D 3 HOH 35 535 48 HOH HOH A . 
D 3 HOH 36 536 17 HOH HOH A . 
D 3 HOH 37 537 99 HOH HOH A . 
D 3 HOH 38 538 47 HOH HOH A . 
D 3 HOH 39 539 4  HOH HOH A . 
D 3 HOH 40 540 5  HOH HOH A . 
D 3 HOH 41 541 86 HOH HOH A . 
D 3 HOH 42 542 28 HOH HOH A . 
D 3 HOH 43 543 8  HOH HOH A . 
D 3 HOH 44 544 13 HOH HOH A . 
D 3 HOH 45 545 16 HOH HOH A . 
D 3 HOH 46 546 60 HOH HOH A . 
D 3 HOH 47 547 85 HOH HOH A . 
D 3 HOH 48 548 75 HOH HOH A . 
D 3 HOH 49 549 27 HOH HOH A . 
D 3 HOH 50 550 11 HOH HOH A . 
D 3 HOH 51 551 49 HOH HOH A . 
D 3 HOH 52 552 95 HOH HOH A . 
D 3 HOH 53 553 57 HOH HOH A . 
D 3 HOH 54 554 87 HOH HOH A . 
D 3 HOH 55 555 65 HOH HOH A . 
D 3 HOH 56 556 10 HOH HOH A . 
D 3 HOH 57 557 63 HOH HOH A . 
D 3 HOH 58 558 24 HOH HOH A . 
D 3 HOH 59 559 30 HOH HOH A . 
D 3 HOH 60 560 91 HOH HOH A . 
D 3 HOH 61 561 26 HOH HOH A . 
D 3 HOH 62 562 6  HOH HOH A . 
D 3 HOH 63 563 89 HOH HOH A . 
D 3 HOH 64 564 2  HOH HOH A . 
D 3 HOH 65 565 64 HOH HOH A . 
D 3 HOH 66 566 93 HOH HOH A . 
D 3 HOH 67 567 46 HOH HOH A . 
D 3 HOH 68 568 31 HOH HOH A . 
D 3 HOH 69 569 42 HOH HOH A . 
D 3 HOH 70 570 92 HOH HOH A . 
D 3 HOH 71 571 74 HOH HOH A . 
D 3 HOH 72 572 12 HOH HOH A . 
D 3 HOH 73 573 40 HOH HOH A . 
D 3 HOH 74 574 37 HOH HOH A . 
D 3 HOH 75 575 53 HOH HOH A . 
D 3 HOH 76 576 96 HOH HOH A . 
D 3 HOH 77 577 76 HOH HOH A . 
D 3 HOH 78 578 77 HOH HOH A . 
D 3 HOH 79 579 56 HOH HOH A . 
D 3 HOH 80 580 67 HOH HOH A . 
D 3 HOH 81 581 52 HOH HOH A . 
D 3 HOH 82 582 55 HOH HOH A . 
D 3 HOH 83 583 45 HOH HOH A . 
D 3 HOH 84 584 90 HOH HOH A . 
D 3 HOH 85 585 32 HOH HOH A . 
D 3 HOH 86 586 83 HOH HOH A . 
D 3 HOH 87 587 79 HOH HOH A . 
D 3 HOH 88 588 98 HOH HOH A . 
D 3 HOH 89 589 70 HOH HOH A . 
D 3 HOH 90 590 81 HOH HOH A . 
D 3 HOH 91 591 44 HOH HOH A . 
D 3 HOH 92 592 78 HOH HOH A . 
D 3 HOH 93 593 97 HOH HOH A . 
D 3 HOH 94 594 62 HOH HOH A . 
D 3 HOH 95 595 36 HOH HOH A . 
D 3 HOH 96 596 20 HOH HOH A . 
D 3 HOH 97 597 54 HOH HOH A . 
# 
loop_
_software.citation_id 
_software.classification 
_software.compiler_name 
_software.compiler_version 
_software.contact_author 
_software.contact_author_email 
_software.date 
_software.description 
_software.dependencies 
_software.hardware 
_software.language 
_software.location 
_software.mods 
_software.name 
_software.os 
_software.os_version 
_software.type 
_software.version 
_software.pdbx_ordinal 
? refinement     ? ? ? ? ? ? ? ? ? ? ? REFMAC   ? ? ? 5.8.0123 1 
? 'data scaling' ? ? ? ? ? ? ? ? ? ? ? HKL-2000 ? ? ? .        2 
? phasing        ? ? ? ? ? ? ? ? ? ? ? MOLREP   ? ? ? .        3 
# 
_cell.angle_alpha                  90.00 
_cell.angle_alpha_esd              ? 
_cell.angle_beta                   90.00 
_cell.angle_beta_esd               ? 
_cell.angle_gamma                  120.00 
_cell.angle_gamma_esd              ? 
_cell.entry_id                     5J1K 
_cell.details                      ? 
_cell.formula_units_Z              ? 
_cell.length_a                     140.772 
_cell.length_a_esd                 ? 
_cell.length_b                     140.772 
_cell.length_b_esd                 ? 
_cell.length_c                     40.244 
_cell.length_c_esd                 ? 
_cell.volume                       ? 
_cell.volume_esd                   ? 
_cell.Z_PDB                        12 
_cell.reciprocal_angle_alpha       ? 
_cell.reciprocal_angle_beta        ? 
_cell.reciprocal_angle_gamma       ? 
_cell.reciprocal_angle_alpha_esd   ? 
_cell.reciprocal_angle_beta_esd    ? 
_cell.reciprocal_angle_gamma_esd   ? 
_cell.reciprocal_length_a          ? 
_cell.reciprocal_length_b          ? 
_cell.reciprocal_length_c          ? 
_cell.reciprocal_length_a_esd      ? 
_cell.reciprocal_length_b_esd      ? 
_cell.reciprocal_length_c_esd      ? 
_cell.pdbx_unique_axis             ? 
# 
_symmetry.entry_id                         5J1K 
_symmetry.cell_setting                     ? 
_symmetry.Int_Tables_number                178 
_symmetry.space_group_name_Hall            ? 
_symmetry.space_group_name_H-M             'P 61 2 2' 
_symmetry.pdbx_full_space_group_name_H-M   ? 
# 
_exptl.absorpt_coefficient_mu     ? 
_exptl.absorpt_correction_T_max   ? 
_exptl.absorpt_correction_T_min   ? 
_exptl.absorpt_correction_type    ? 
_exptl.absorpt_process_details    ? 
_exptl.entry_id                   5J1K 
_exptl.crystals_number            1 
_exptl.details                    ? 
_exptl.method                     'X-RAY DIFFRACTION' 
_exptl.method_details             ? 
# 
_exptl_crystal.colour                      ? 
_exptl_crystal.density_diffrn              ? 
_exptl_crystal.density_Matthews            2.35 
_exptl_crystal.density_method              ? 
_exptl_crystal.density_percent_sol         47.73 
_exptl_crystal.description                 ? 
_exptl_crystal.F_000                       ? 
_exptl_crystal.id                          1 
_exptl_crystal.preparation                 ? 
_exptl_crystal.size_max                    ? 
_exptl_crystal.size_mid                    ? 
_exptl_crystal.size_min                    ? 
_exptl_crystal.size_rad                    ? 
_exptl_crystal.colour_lustre               ? 
_exptl_crystal.colour_modifier             ? 
_exptl_crystal.colour_primary              ? 
_exptl_crystal.density_meas                ? 
_exptl_crystal.density_meas_esd            ? 
_exptl_crystal.density_meas_gt             ? 
_exptl_crystal.density_meas_lt             ? 
_exptl_crystal.density_meas_temp           ? 
_exptl_crystal.density_meas_temp_esd       ? 
_exptl_crystal.density_meas_temp_gt        ? 
_exptl_crystal.density_meas_temp_lt        ? 
_exptl_crystal.pdbx_crystal_image_url      ? 
_exptl_crystal.pdbx_crystal_image_format   ? 
_exptl_crystal.pdbx_mosaicity              ? 
_exptl_crystal.pdbx_mosaicity_esd          ? 
# 
_exptl_crystal_grow.apparatus       ? 
_exptl_crystal_grow.atmosphere      ? 
_exptl_crystal_grow.crystal_id      1 
_exptl_crystal_grow.details         ? 
_exptl_crystal_grow.method          'VAPOR DIFFUSION, SITTING DROP' 
_exptl_crystal_grow.method_ref      ? 
_exptl_crystal_grow.pH              ? 
_exptl_crystal_grow.pressure        ? 
_exptl_crystal_grow.pressure_esd    ? 
_exptl_crystal_grow.seeding         ? 
_exptl_crystal_grow.seeding_ref     ? 
_exptl_crystal_grow.temp            296 
_exptl_crystal_grow.temp_details    ? 
_exptl_crystal_grow.temp_esd        ? 
_exptl_crystal_grow.time            ? 
_exptl_crystal_grow.pdbx_details    'HEPES, Jeffamine ED-2001' 
_exptl_crystal_grow.pdbx_pH_range   ? 
# 
_diffrn.ambient_environment    ? 
_diffrn.ambient_temp           100 
_diffrn.ambient_temp_details   ? 
_diffrn.ambient_temp_esd       ? 
_diffrn.crystal_id             1 
_diffrn.crystal_support        ? 
_diffrn.crystal_treatment      ? 
_diffrn.details                ? 
_diffrn.id                     1 
_diffrn.ambient_pressure       ? 
_diffrn.ambient_pressure_esd   ? 
_diffrn.ambient_pressure_gt    ? 
_diffrn.ambient_pressure_lt    ? 
_diffrn.ambient_temp_gt        ? 
_diffrn.ambient_temp_lt        ? 
# 
_diffrn_detector.details                      ? 
_diffrn_detector.detector                     CCD 
_diffrn_detector.diffrn_id                    1 
_diffrn_detector.type                         'ADSC QUANTUM 315r' 
_diffrn_detector.area_resol_mean              ? 
_diffrn_detector.dtime                        ? 
_diffrn_detector.pdbx_frames_total            ? 
_diffrn_detector.pdbx_collection_time_total   ? 
_diffrn_detector.pdbx_collection_date         2014-11-07 
# 
_diffrn_radiation.collimation                      ? 
_diffrn_radiation.diffrn_id                        1 
_diffrn_radiation.filter_edge                      ? 
_diffrn_radiation.inhomogeneity                    ? 
_diffrn_radiation.monochromator                    ? 
_diffrn_radiation.polarisn_norm                    ? 
_diffrn_radiation.polarisn_ratio                   ? 
_diffrn_radiation.probe                            ? 
_diffrn_radiation.type                             ? 
_diffrn_radiation.xray_symbol                      ? 
_diffrn_radiation.wavelength_id                    1 
_diffrn_radiation.pdbx_monochromatic_or_laue_m_l   M 
_diffrn_radiation.pdbx_wavelength_list             ? 
_diffrn_radiation.pdbx_wavelength                  ? 
_diffrn_radiation.pdbx_diffrn_protocol             'SINGLE WAVELENGTH' 
_diffrn_radiation.pdbx_analyzer                    ? 
_diffrn_radiation.pdbx_scattering_type             x-ray 
# 
_diffrn_radiation_wavelength.id           1 
_diffrn_radiation_wavelength.wavelength   0.97960 
_diffrn_radiation_wavelength.wt           1.0 
# 
_diffrn_source.current                     ? 
_diffrn_source.details                     ? 
_diffrn_source.diffrn_id                   1 
_diffrn_source.power                       ? 
_diffrn_source.size                        ? 
_diffrn_source.source                      SYNCHROTRON 
_diffrn_source.target                      ? 
_diffrn_source.type                        'PAL/PLS BEAMLINE 5C (4A)' 
_diffrn_source.voltage                     ? 
_diffrn_source.take-off_angle              ? 
_diffrn_source.pdbx_wavelength_list        0.97960 
_diffrn_source.pdbx_wavelength             ? 
_diffrn_source.pdbx_synchrotron_beamline   '5C (4A)' 
_diffrn_source.pdbx_synchrotron_site       PAL/PLS 
# 
_reflns.B_iso_Wilson_estimate            ? 
_reflns.entry_id                         5J1K 
_reflns.data_reduction_details           ? 
_reflns.data_reduction_method            ? 
_reflns.d_resolution_high                1.80 
_reflns.d_resolution_low                 50.01 
_reflns.details                          ? 
_reflns.limit_h_max                      ? 
_reflns.limit_h_min                      ? 
_reflns.limit_k_max                      ? 
_reflns.limit_k_min                      ? 
_reflns.limit_l_max                      ? 
_reflns.limit_l_min                      ? 
_reflns.number_all                       ? 
_reflns.number_obs                       22028 
_reflns.observed_criterion               ? 
_reflns.observed_criterion_F_max         ? 
_reflns.observed_criterion_F_min         ? 
_reflns.observed_criterion_I_max         ? 
_reflns.observed_criterion_I_min         ? 
_reflns.observed_criterion_sigma_F       ? 
_reflns.observed_criterion_sigma_I       ? 
_reflns.percent_possible_obs             99.8 
_reflns.R_free_details                   ? 
_reflns.Rmerge_F_all                     ? 
_reflns.Rmerge_F_obs                     ? 
_reflns.Friedel_coverage                 ? 
_reflns.number_gt                        ? 
_reflns.threshold_expression             ? 
_reflns.pdbx_redundancy                  16.4 
_reflns.pdbx_Rmerge_I_obs                ? 
_reflns.pdbx_Rmerge_I_all                ? 
_reflns.pdbx_Rsym_value                  ? 
_reflns.pdbx_netI_over_av_sigmaI         ? 
_reflns.pdbx_netI_over_sigmaI            47.1 
_reflns.pdbx_res_netI_over_av_sigmaI_2   ? 
_reflns.pdbx_res_netI_over_sigmaI_2      ? 
_reflns.pdbx_chi_squared                 ? 
_reflns.pdbx_scaling_rejects             ? 
_reflns.pdbx_d_res_high_opt              ? 
_reflns.pdbx_d_res_low_opt               ? 
_reflns.pdbx_d_res_opt_method            ? 
_reflns.phase_calculation_details        ? 
_reflns.pdbx_Rrim_I_all                  ? 
_reflns.pdbx_Rpim_I_all                  ? 
_reflns.pdbx_d_opt                       ? 
_reflns.pdbx_number_measured_all         ? 
_reflns.pdbx_diffrn_id                   1 
_reflns.pdbx_ordinal                     1 
_reflns.pdbx_CC_half                     ? 
_reflns.pdbx_R_split                     ? 
# 
_reflns_shell.d_res_high                  1.80 
_reflns_shell.d_res_low                   1.83 
_reflns_shell.meanI_over_sigI_all         ? 
_reflns_shell.meanI_over_sigI_obs         6.9 
_reflns_shell.number_measured_all         ? 
_reflns_shell.number_measured_obs         ? 
_reflns_shell.number_possible             ? 
_reflns_shell.number_unique_all           ? 
_reflns_shell.number_unique_obs           ? 
_reflns_shell.percent_possible_all        98.6 
_reflns_shell.percent_possible_obs        ? 
_reflns_shell.Rmerge_F_all                ? 
_reflns_shell.Rmerge_F_obs                ? 
_reflns_shell.Rmerge_I_all                ? 
_reflns_shell.Rmerge_I_obs                ? 
_reflns_shell.meanI_over_sigI_gt          ? 
_reflns_shell.meanI_over_uI_all           ? 
_reflns_shell.meanI_over_uI_gt            ? 
_reflns_shell.number_measured_gt          ? 
_reflns_shell.number_unique_gt            ? 
_reflns_shell.percent_possible_gt         ? 
_reflns_shell.Rmerge_F_gt                 ? 
_reflns_shell.Rmerge_I_gt                 ? 
_reflns_shell.pdbx_redundancy             17.0 
_reflns_shell.pdbx_Rsym_value             ? 
_reflns_shell.pdbx_chi_squared            ? 
_reflns_shell.pdbx_netI_over_sigmaI_all   ? 
_reflns_shell.pdbx_netI_over_sigmaI_obs   ? 
_reflns_shell.pdbx_Rrim_I_all             ? 
_reflns_shell.pdbx_Rpim_I_all             ? 
_reflns_shell.pdbx_rejects                ? 
_reflns_shell.pdbx_ordinal                1 
_reflns_shell.pdbx_diffrn_id              1 
_reflns_shell.pdbx_CC_half                ? 
_reflns_shell.pdbx_R_split                ? 
# 
_refine.aniso_B[1][1]                            0.08 
_refine.aniso_B[1][2]                            0.04 
_refine.aniso_B[1][3]                            0.00 
_refine.aniso_B[2][2]                            0.08 
_refine.aniso_B[2][3]                            -0.00 
_refine.aniso_B[3][3]                            -0.25 
_refine.B_iso_max                                ? 
_refine.B_iso_mean                               22.801 
_refine.B_iso_min                                ? 
_refine.correlation_coeff_Fo_to_Fc               0.953 
_refine.correlation_coeff_Fo_to_Fc_free          0.927 
_refine.details                                  'HYDROGENS HAVE BEEN ADDED IN THE RIDING POSITIONS' 
_refine.diff_density_max                         ? 
_refine.diff_density_max_esd                     ? 
_refine.diff_density_min                         ? 
_refine.diff_density_min_esd                     ? 
_refine.diff_density_rms                         ? 
_refine.diff_density_rms_esd                     ? 
_refine.entry_id                                 5J1K 
_refine.pdbx_refine_id                           'X-RAY DIFFRACTION' 
_refine.ls_abs_structure_details                 ? 
_refine.ls_abs_structure_Flack                   ? 
_refine.ls_abs_structure_Flack_esd               ? 
_refine.ls_abs_structure_Rogers                  ? 
_refine.ls_abs_structure_Rogers_esd              ? 
_refine.ls_d_res_high                            1.81 
_refine.ls_d_res_low                             50.01 
_refine.ls_extinction_coef                       ? 
_refine.ls_extinction_coef_esd                   ? 
_refine.ls_extinction_expression                 ? 
_refine.ls_extinction_method                     ? 
_refine.ls_goodness_of_fit_all                   ? 
_refine.ls_goodness_of_fit_all_esd               ? 
_refine.ls_goodness_of_fit_obs                   ? 
_refine.ls_goodness_of_fit_obs_esd               ? 
_refine.ls_hydrogen_treatment                    ? 
_refine.ls_matrix_type                           ? 
_refine.ls_number_constraints                    ? 
_refine.ls_number_parameters                     ? 
_refine.ls_number_reflns_all                     ? 
_refine.ls_number_reflns_obs                     20898 
_refine.ls_number_reflns_R_free                  1130 
_refine.ls_number_reflns_R_work                  ? 
_refine.ls_number_restraints                     ? 
_refine.ls_percent_reflns_obs                    99.77 
_refine.ls_percent_reflns_R_free                 5.1 
_refine.ls_R_factor_all                          ? 
_refine.ls_R_factor_obs                          0.18249 
_refine.ls_R_factor_R_free                       0.21822 
_refine.ls_R_factor_R_free_error                 ? 
_refine.ls_R_factor_R_free_error_details         ? 
_refine.ls_R_factor_R_work                       0.18057 
_refine.ls_R_Fsqd_factor_obs                     ? 
_refine.ls_R_I_factor_obs                        ? 
_refine.ls_redundancy_reflns_all                 ? 
_refine.ls_redundancy_reflns_obs                 ? 
_refine.ls_restrained_S_all                      ? 
_refine.ls_restrained_S_obs                      ? 
_refine.ls_shift_over_esd_max                    ? 
_refine.ls_shift_over_esd_mean                   ? 
_refine.ls_structure_factor_coef                 ? 
_refine.ls_weighting_details                     ? 
_refine.ls_weighting_scheme                      ? 
_refine.ls_wR_factor_all                         ? 
_refine.ls_wR_factor_obs                         ? 
_refine.ls_wR_factor_R_free                      ? 
_refine.ls_wR_factor_R_work                      ? 
_refine.occupancy_max                            ? 
_refine.occupancy_min                            ? 
_refine.solvent_model_details                    ? 
_refine.solvent_model_param_bsol                 ? 
_refine.solvent_model_param_ksol                 ? 
_refine.ls_R_factor_gt                           ? 
_refine.ls_goodness_of_fit_gt                    ? 
_refine.ls_goodness_of_fit_ref                   ? 
_refine.ls_shift_over_su_max                     ? 
_refine.ls_shift_over_su_max_lt                  ? 
_refine.ls_shift_over_su_mean                    ? 
_refine.ls_shift_over_su_mean_lt                 ? 
_refine.pdbx_ls_sigma_I                          ? 
_refine.pdbx_ls_sigma_F                          ? 
_refine.pdbx_ls_sigma_Fsqd                       ? 
_refine.pdbx_data_cutoff_high_absF               ? 
_refine.pdbx_data_cutoff_high_rms_absF           ? 
_refine.pdbx_data_cutoff_low_absF                ? 
_refine.pdbx_isotropic_thermal_model             ? 
_refine.pdbx_ls_cross_valid_method               THROUGHOUT 
_refine.pdbx_method_to_determine_struct          'MOLECULAR REPLACEMENT' 
_refine.pdbx_starting_model                      ? 
_refine.pdbx_stereochemistry_target_values       ? 
_refine.pdbx_R_Free_selection_details            RANDOM 
_refine.pdbx_stereochem_target_val_spec_case     ? 
_refine.pdbx_overall_ESU_R                       0.109 
_refine.pdbx_overall_ESU_R_Free                  0.110 
_refine.pdbx_solvent_vdw_probe_radii             1.20 
_refine.pdbx_solvent_ion_probe_radii             0.80 
_refine.pdbx_solvent_shrinkage_radii             0.80 
_refine.pdbx_real_space_R                        ? 
_refine.pdbx_density_correlation                 ? 
_refine.pdbx_pd_number_of_powder_patterns        ? 
_refine.pdbx_pd_number_of_points                 ? 
_refine.pdbx_pd_meas_number_of_points            ? 
_refine.pdbx_pd_proc_ls_prof_R_factor            ? 
_refine.pdbx_pd_proc_ls_prof_wR_factor           ? 
_refine.pdbx_pd_Marquardt_correlation_coeff      ? 
_refine.pdbx_pd_Fsqrd_R_factor                   ? 
_refine.pdbx_pd_ls_matrix_band_width             ? 
_refine.pdbx_overall_phase_error                 ? 
_refine.pdbx_overall_SU_R_free_Cruickshank_DPI   ? 
_refine.pdbx_overall_SU_R_free_Blow_DPI          ? 
_refine.pdbx_overall_SU_R_Blow_DPI               ? 
_refine.pdbx_TLS_residual_ADP_flag               ? 
_refine.pdbx_diffrn_id                           1 
_refine.overall_SU_B                             2.114 
_refine.overall_SU_ML                            0.068 
_refine.overall_SU_R_Cruickshank_DPI             ? 
_refine.overall_SU_R_free                        ? 
_refine.overall_FOM_free_R_set                   ? 
_refine.overall_FOM_work_R_set                   ? 
_refine.pdbx_average_fsc_overall                 ? 
_refine.pdbx_average_fsc_work                    ? 
_refine.pdbx_average_fsc_free                    ? 
# 
_refine_hist.pdbx_refine_id                   'X-RAY DIFFRACTION' 
_refine_hist.cycle_id                         1 
_refine_hist.pdbx_number_atoms_protein        1457 
_refine_hist.pdbx_number_atoms_nucleic_acid   0 
_refine_hist.pdbx_number_atoms_ligand         12 
_refine_hist.number_atoms_solvent             97 
_refine_hist.number_atoms_total               1566 
_refine_hist.d_res_high                       1.81 
_refine_hist.d_res_low                        50.01 
# 
loop_
_refine_ls_restr.pdbx_refine_id 
_refine_ls_restr.criterion 
_refine_ls_restr.dev_ideal 
_refine_ls_restr.dev_ideal_target 
_refine_ls_restr.number 
_refine_ls_restr.rejects 
_refine_ls_restr.type 
_refine_ls_restr.weight 
_refine_ls_restr.pdbx_restraint_function 
'X-RAY DIFFRACTION' ? 0.011  0.019  1504 ? r_bond_refined_d             ? ? 
'X-RAY DIFFRACTION' ? 0.002  0.020  1452 ? r_bond_other_d               ? ? 
'X-RAY DIFFRACTION' ? 1.428  1.946  2031 ? r_angle_refined_deg          ? ? 
'X-RAY DIFFRACTION' ? 0.928  3.000  3344 ? r_angle_other_deg            ? ? 
'X-RAY DIFFRACTION' ? 6.577  5.000  181  ? r_dihedral_angle_1_deg       ? ? 
'X-RAY DIFFRACTION' ? 34.417 25.211 71   ? r_dihedral_angle_2_deg       ? ? 
'X-RAY DIFFRACTION' ? 12.320 15.000 261  ? r_dihedral_angle_3_deg       ? ? 
'X-RAY DIFFRACTION' ? 17.463 15.000 3    ? r_dihedral_angle_4_deg       ? ? 
'X-RAY DIFFRACTION' ? 0.102  0.200  221  ? r_chiral_restr               ? ? 
'X-RAY DIFFRACTION' ? 0.007  0.020  1691 ? r_gen_planes_refined         ? ? 
'X-RAY DIFFRACTION' ? 0.002  0.020  354  ? r_gen_planes_other           ? ? 
'X-RAY DIFFRACTION' ? ?      ?      ?    ? r_nbd_refined                ? ? 
'X-RAY DIFFRACTION' ? ?      ?      ?    ? r_nbd_other                  ? ? 
'X-RAY DIFFRACTION' ? ?      ?      ?    ? r_nbtor_refined              ? ? 
'X-RAY DIFFRACTION' ? ?      ?      ?    ? r_nbtor_other                ? ? 
'X-RAY DIFFRACTION' ? ?      ?      ?    ? r_xyhbond_nbd_refined        ? ? 
'X-RAY DIFFRACTION' ? ?      ?      ?    ? r_xyhbond_nbd_other          ? ? 
'X-RAY DIFFRACTION' ? ?      ?      ?    ? r_metal_ion_refined          ? ? 
'X-RAY DIFFRACTION' ? ?      ?      ?    ? r_metal_ion_other            ? ? 
'X-RAY DIFFRACTION' ? ?      ?      ?    ? r_symmetry_vdw_refined       ? ? 
'X-RAY DIFFRACTION' ? ?      ?      ?    ? r_symmetry_vdw_other         ? ? 
'X-RAY DIFFRACTION' ? ?      ?      ?    ? r_symmetry_hbond_refined     ? ? 
'X-RAY DIFFRACTION' ? ?      ?      ?    ? r_symmetry_hbond_other       ? ? 
'X-RAY DIFFRACTION' ? ?      ?      ?    ? r_symmetry_metal_ion_refined ? ? 
'X-RAY DIFFRACTION' ? ?      ?      ?    ? r_symmetry_metal_ion_other   ? ? 
'X-RAY DIFFRACTION' ? 1.480  1.959  727  ? r_mcbond_it                  ? ? 
'X-RAY DIFFRACTION' ? 1.474  1.951  726  ? r_mcbond_other               ? ? 
'X-RAY DIFFRACTION' ? 2.363  2.917  907  ? r_mcangle_it                 ? ? 
'X-RAY DIFFRACTION' ? 2.363  2.927  908  ? r_mcangle_other              ? ? 
'X-RAY DIFFRACTION' ? 2.472  2.475  777  ? r_scbond_it                  ? ? 
'X-RAY DIFFRACTION' ? 2.469  2.475  777  ? r_scbond_other               ? ? 
'X-RAY DIFFRACTION' ? ?      ?      ?    ? r_scangle_it                 ? ? 
'X-RAY DIFFRACTION' ? 4.062  3.564  1125 ? r_scangle_other              ? ? 
'X-RAY DIFFRACTION' ? 5.825  16.926 1690 ? r_long_range_B_refined       ? ? 
'X-RAY DIFFRACTION' ? 5.825  16.928 1690 ? r_long_range_B_other         ? ? 
'X-RAY DIFFRACTION' ? ?      ?      ?    ? r_rigid_bond_restr           ? ? 
'X-RAY DIFFRACTION' ? ?      ?      ?    ? r_sphericity_free            ? ? 
'X-RAY DIFFRACTION' ? ?      ?      ?    ? r_sphericity_bonded          ? ? 
# 
_refine_ls_shell.pdbx_refine_id                   'X-RAY DIFFRACTION' 
_refine_ls_shell.d_res_high                       1.807 
_refine_ls_shell.d_res_low                        1.853 
_refine_ls_shell.number_reflns_all                ? 
_refine_ls_shell.number_reflns_obs                ? 
_refine_ls_shell.number_reflns_R_free             77 
_refine_ls_shell.number_reflns_R_work             1485 
_refine_ls_shell.percent_reflns_obs               98.12 
_refine_ls_shell.percent_reflns_R_free            ? 
_refine_ls_shell.R_factor_all                     ? 
_refine_ls_shell.R_factor_obs                     ? 
_refine_ls_shell.R_factor_R_free                  0.213 
_refine_ls_shell.R_factor_R_free_error            ? 
_refine_ls_shell.R_factor_R_work                  0.200 
_refine_ls_shell.redundancy_reflns_all            ? 
_refine_ls_shell.redundancy_reflns_obs            ? 
_refine_ls_shell.wR_factor_all                    ? 
_refine_ls_shell.wR_factor_obs                    ? 
_refine_ls_shell.wR_factor_R_free                 ? 
_refine_ls_shell.wR_factor_R_work                 ? 
_refine_ls_shell.pdbx_total_number_of_bins_used   20 
_refine_ls_shell.pdbx_phase_error                 ? 
_refine_ls_shell.pdbx_fsc_work                    ? 
_refine_ls_shell.pdbx_fsc_free                    ? 
# 
_struct.entry_id                     5J1K 
_struct.title                        'Crystal structure of Csd2-Csd2 dimer' 
_struct.pdbx_model_details           ? 
_struct.pdbx_formula_weight          ? 
_struct.pdbx_formula_weight_method   ? 
_struct.pdbx_model_type_details      ? 
_struct.pdbx_CASP_flag               ? 
# 
_struct_keywords.entry_id        5J1K 
_struct_keywords.text            'M23B family metallopeptidase, Homodimer, HYDROLASE' 
_struct_keywords.pdbx_keywords   HYDROLASE 
# 
loop_
_struct_asym.id 
_struct_asym.pdbx_blank_PDB_chainid_flag 
_struct_asym.pdbx_modified 
_struct_asym.entity_id 
_struct_asym.details 
A N N 1 ? 
B N N 2 ? 
C N N 2 ? 
D N N 3 ? 
# 
_struct_ref.id                         1 
_struct_ref.db_name                    UNP 
_struct_ref.db_code                    O26069_HELPY 
_struct_ref.pdbx_db_accession          O26069 
_struct_ref.pdbx_db_isoform            ? 
_struct_ref.entity_id                  1 
_struct_ref.pdbx_seq_one_letter_code   
;NLAQKHLALMLIPNGMPIKTYSAIKPTKERNHPIKKIKGVESGIDFIAPLNTPVYASADGIVDFVKTNSNVGYGNLVRIE
HAFGFSSIYTHLDHVNVQPKSFIQKGQLIGYSGKSGNSGGEKLHYEVRFLGKILDAQKFLAWDLDHFQSALEENKFIEWK
NLFWVLEDIVQLQEHVDKDALISQ
;
_struct_ref.pdbx_align_begin           125 
# 
_struct_ref_seq.align_id                      1 
_struct_ref_seq.ref_id                        1 
_struct_ref_seq.pdbx_PDB_id_code              5J1K 
_struct_ref_seq.pdbx_strand_id                A 
_struct_ref_seq.seq_align_beg                 25 
_struct_ref_seq.pdbx_seq_align_beg_ins_code   ? 
_struct_ref_seq.seq_align_end                 208 
_struct_ref_seq.pdbx_seq_align_end_ins_code   ? 
_struct_ref_seq.pdbx_db_accession             O26069 
_struct_ref_seq.db_align_beg                  125 
_struct_ref_seq.pdbx_db_align_beg_ins_code    ? 
_struct_ref_seq.db_align_end                  308 
_struct_ref_seq.pdbx_db_align_end_ins_code    ? 
_struct_ref_seq.pdbx_auth_seq_align_beg       125 
_struct_ref_seq.pdbx_auth_seq_align_end       308 
# 
loop_
_struct_ref_seq_dif.align_id 
_struct_ref_seq_dif.pdbx_pdb_id_code 
_struct_ref_seq_dif.mon_id 
_struct_ref_seq_dif.pdbx_pdb_strand_id 
_struct_ref_seq_dif.seq_num 
_struct_ref_seq_dif.pdbx_pdb_ins_code 
_struct_ref_seq_dif.pdbx_seq_db_name 
_struct_ref_seq_dif.pdbx_seq_db_accession_code 
_struct_ref_seq_dif.db_mon_id 
_struct_ref_seq_dif.pdbx_seq_db_seq_num 
_struct_ref_seq_dif.details 
_struct_ref_seq_dif.pdbx_auth_seq_num 
_struct_ref_seq_dif.pdbx_ordinal 
1 5J1K MET A 1   ? UNP O26069 ? ? 'initiating methionine' 101 1  
1 5J1K GLY A 2   ? UNP O26069 ? ? 'expression tag'        102 2  
1 5J1K SER A 3   ? UNP O26069 ? ? 'expression tag'        103 3  
1 5J1K SER A 4   ? UNP O26069 ? ? 'expression tag'        104 4  
1 5J1K HIS A 5   ? UNP O26069 ? ? 'expression tag'        105 5  
1 5J1K HIS A 6   ? UNP O26069 ? ? 'expression tag'        106 6  
1 5J1K HIS A 7   ? UNP O26069 ? ? 'expression tag'        107 7  
1 5J1K HIS A 8   ? UNP O26069 ? ? 'expression tag'        108 8  
1 5J1K HIS A 9   ? UNP O26069 ? ? 'expression tag'        109 9  
1 5J1K HIS A 10  ? UNP O26069 ? ? 'expression tag'        110 10 
1 5J1K SER A 11  ? UNP O26069 ? ? 'expression tag'        111 11 
1 5J1K SER A 12  ? UNP O26069 ? ? 'expression tag'        112 12 
1 5J1K GLY A 13  ? UNP O26069 ? ? 'expression tag'        113 13 
1 5J1K LEU A 14  ? UNP O26069 ? ? 'expression tag'        114 14 
1 5J1K VAL A 15  ? UNP O26069 ? ? 'expression tag'        115 15 
1 5J1K PRO A 16  ? UNP O26069 ? ? 'expression tag'        116 16 
1 5J1K ARG A 17  ? UNP O26069 ? ? 'expression tag'        117 17 
1 5J1K GLY A 18  ? UNP O26069 ? ? 'expression tag'        118 18 
1 5J1K SER A 19  ? UNP O26069 ? ? 'expression tag'        119 19 
1 5J1K HIS A 20  ? UNP O26069 ? ? 'expression tag'        120 20 
1 5J1K LEU A 21  ? UNP O26069 ? ? 'expression tag'        121 21 
1 5J1K ASP A 22  ? UNP O26069 ? ? 'expression tag'        122 22 
1 5J1K ASN A 23  ? UNP O26069 ? ? 'expression tag'        123 23 
1 5J1K LEU A 24  ? UNP O26069 ? ? 'expression tag'        124 24 
1 5J1K LEU A 209 ? UNP O26069 ? ? 'expression tag'        309 25 
1 5J1K GLU A 210 ? UNP O26069 ? ? 'expression tag'        310 26 
1 5J1K HIS A 211 ? UNP O26069 ? ? 'expression tag'        311 27 
1 5J1K HIS A 212 ? UNP O26069 ? ? 'expression tag'        312 28 
1 5J1K HIS A 213 ? UNP O26069 ? ? 'expression tag'        313 29 
1 5J1K HIS A 214 ? UNP O26069 ? ? 'expression tag'        314 30 
1 5J1K HIS A 215 ? UNP O26069 ? ? 'expression tag'        315 31 
1 5J1K HIS A 216 ? UNP O26069 ? ? 'expression tag'        316 32 
# 
_pdbx_struct_assembly.id                   1 
_pdbx_struct_assembly.details              author_and_software_defined_assembly 
_pdbx_struct_assembly.method_details       PISA 
_pdbx_struct_assembly.oligomeric_details   dimeric 
_pdbx_struct_assembly.oligomeric_count     2 
# 
loop_
_pdbx_struct_assembly_prop.biol_id 
_pdbx_struct_assembly_prop.type 
_pdbx_struct_assembly_prop.value 
_pdbx_struct_assembly_prop.details 
1 'ABSA (A^2)' 3900  ? 
1 MORE         -33   ? 
1 'SSA (A^2)'  15830 ? 
# 
_pdbx_struct_assembly_gen.assembly_id       1 
_pdbx_struct_assembly_gen.oper_expression   1,2 
_pdbx_struct_assembly_gen.asym_id_list      A,B,C,D 
# 
loop_
_pdbx_struct_oper_list.id 
_pdbx_struct_oper_list.type 
_pdbx_struct_oper_list.name 
_pdbx_struct_oper_list.symmetry_operation 
_pdbx_struct_oper_list.matrix[1][1] 
_pdbx_struct_oper_list.matrix[1][2] 
_pdbx_struct_oper_list.matrix[1][3] 
_pdbx_struct_oper_list.vector[1] 
_pdbx_struct_oper_list.matrix[2][1] 
_pdbx_struct_oper_list.matrix[2][2] 
_pdbx_struct_oper_list.matrix[2][3] 
_pdbx_struct_oper_list.vector[2] 
_pdbx_struct_oper_list.matrix[3][1] 
_pdbx_struct_oper_list.matrix[3][2] 
_pdbx_struct_oper_list.matrix[3][3] 
_pdbx_struct_oper_list.vector[3] 
1 'identity operation'         1_555 x,y,z          1.0000000000  0.0000000000  0.0000000000  0.0000000000   0.0000000000  1.0000000000 0.0000000000 0.0000000000  0.0000000000  0.0000000000 1.0000000000  0.0000000000   
2 'crystal symmetry operation' 9_554 -x,-x+y,-z-1/3 -0.9914068431 -0.0966181599 -0.0881895840 -17.5752750245 -0.0966181599 0.0863375214 0.9915698481 12.5754038515 -0.0881895840 0.9915698481 -0.0949306783 -15.4898051947 
# 
loop_
_struct_conf.conf_type_id 
_struct_conf.id 
_struct_conf.pdbx_PDB_helix_id 
_struct_conf.beg_label_comp_id 
_struct_conf.beg_label_asym_id 
_struct_conf.beg_label_seq_id 
_struct_conf.pdbx_beg_PDB_ins_code 
_struct_conf.end_label_comp_id 
_struct_conf.end_label_asym_id 
_struct_conf.end_label_seq_id 
_struct_conf.pdbx_end_PDB_ins_code 
_struct_conf.beg_auth_comp_id 
_struct_conf.beg_auth_asym_id 
_struct_conf.beg_auth_seq_id 
_struct_conf.end_auth_comp_id 
_struct_conf.end_auth_asym_id 
_struct_conf.end_auth_seq_id 
_struct_conf.pdbx_PDB_helix_class 
_struct_conf.details 
_struct_conf.pdbx_PDB_helix_length 
HELX_P HELX_P1 AA1 ASN A 25  ? ILE A 36  ? ASN A 125 ILE A 136 1 ? 12 
HELX_P HELX_P2 AA2 LYS A 52  ? ARG A 54  ? LYS A 152 ARG A 154 5 ? 3  
HELX_P HELX_P3 AA3 ASP A 159 ? ALA A 165 ? ASP A 259 ALA A 265 1 ? 7  
HELX_P HELX_P4 AA4 ASP A 167 ? HIS A 170 ? ASP A 267 HIS A 270 5 ? 4  
HELX_P HELX_P5 AA5 PHE A 171 ? GLU A 176 ? PHE A 271 GLU A 276 1 ? 6  
HELX_P HELX_P6 AA6 GLU A 182 ? ASP A 201 ? GLU A 282 ASP A 301 1 ? 20 
# 
_struct_conf_type.id          HELX_P 
_struct_conf_type.criteria    ? 
_struct_conf_type.reference   ? 
# 
loop_
_struct_sheet.id 
_struct_sheet.type 
_struct_sheet.number_strands 
_struct_sheet.details 
AA1 ? 7 ? 
AA2 ? 4 ? 
AA3 ? 3 ? 
# 
loop_
_struct_sheet_order.sheet_id 
_struct_sheet_order.range_id_1 
_struct_sheet_order.range_id_2 
_struct_sheet_order.offset 
_struct_sheet_order.sense 
AA1 1 2 ? anti-parallel 
AA1 2 3 ? anti-parallel 
AA1 3 4 ? anti-parallel 
AA1 4 5 ? anti-parallel 
AA1 5 6 ? anti-parallel 
AA1 6 7 ? anti-parallel 
AA2 1 2 ? anti-parallel 
AA2 2 3 ? anti-parallel 
AA2 3 4 ? anti-parallel 
AA3 1 2 ? anti-parallel 
AA3 2 3 ? anti-parallel 
# 
loop_
_struct_sheet_range.sheet_id 
_struct_sheet_range.id 
_struct_sheet_range.beg_label_comp_id 
_struct_sheet_range.beg_label_asym_id 
_struct_sheet_range.beg_label_seq_id 
_struct_sheet_range.pdbx_beg_PDB_ins_code 
_struct_sheet_range.end_label_comp_id 
_struct_sheet_range.end_label_asym_id 
_struct_sheet_range.end_label_seq_id 
_struct_sheet_range.pdbx_end_PDB_ins_code 
_struct_sheet_range.beg_auth_comp_id 
_struct_sheet_range.beg_auth_asym_id 
_struct_sheet_range.beg_auth_seq_id 
_struct_sheet_range.end_auth_comp_id 
_struct_sheet_range.end_auth_asym_id 
_struct_sheet_range.end_auth_seq_id 
AA1 1 ALA A 47  ? PRO A 50  ? ALA A 147 PRO A 150 
AA1 2 ILE A 68  ? ILE A 71  ? ILE A 168 ILE A 171 
AA1 3 LYS A 146 ? PHE A 153 ? LYS A 246 PHE A 253 
AA1 4 PHE A 109 ? LEU A 116 ? PHE A 209 LEU A 216 
AA1 5 ASN A 99  ? GLU A 104 ? ASN A 199 GLU A 204 
AA1 6 GLY A 84  ? LYS A 90  ? GLY A 184 LYS A 190 
AA1 7 PHE A 126 ? ILE A 127 ? PHE A 226 ILE A 227 
AA2 1 ALA A 47  ? PRO A 50  ? ALA A 147 PRO A 150 
AA2 2 ILE A 68  ? ILE A 71  ? ILE A 168 ILE A 171 
AA2 3 LYS A 146 ? PHE A 153 ? LYS A 246 PHE A 253 
AA2 4 LYS A 156 ? ILE A 157 ? LYS A 256 ILE A 257 
AA3 1 PRO A 77  ? TYR A 79  ? PRO A 177 TYR A 179 
AA3 2 LEU A 132 ? TYR A 135 ? LEU A 232 TYR A 235 
AA3 3 HIS A 118 ? VAL A 119 ? HIS A 218 VAL A 219 
# 
loop_
_pdbx_struct_sheet_hbond.sheet_id 
_pdbx_struct_sheet_hbond.range_id_1 
_pdbx_struct_sheet_hbond.range_id_2 
_pdbx_struct_sheet_hbond.range_1_label_atom_id 
_pdbx_struct_sheet_hbond.range_1_label_comp_id 
_pdbx_struct_sheet_hbond.range_1_label_asym_id 
_pdbx_struct_sheet_hbond.range_1_label_seq_id 
_pdbx_struct_sheet_hbond.range_1_PDB_ins_code 
_pdbx_struct_sheet_hbond.range_1_auth_atom_id 
_pdbx_struct_sheet_hbond.range_1_auth_comp_id 
_pdbx_struct_sheet_hbond.range_1_auth_asym_id 
_pdbx_struct_sheet_hbond.range_1_auth_seq_id 
_pdbx_struct_sheet_hbond.range_2_label_atom_id 
_pdbx_struct_sheet_hbond.range_2_label_comp_id 
_pdbx_struct_sheet_hbond.range_2_label_asym_id 
_pdbx_struct_sheet_hbond.range_2_label_seq_id 
_pdbx_struct_sheet_hbond.range_2_PDB_ins_code 
_pdbx_struct_sheet_hbond.range_2_auth_atom_id 
_pdbx_struct_sheet_hbond.range_2_auth_comp_id 
_pdbx_struct_sheet_hbond.range_2_auth_asym_id 
_pdbx_struct_sheet_hbond.range_2_auth_seq_id 
AA1 1 2 N LYS A 49  ? N LYS A 149 O ASP A 69  ? O ASP A 169 
AA1 2 3 N ILE A 68  ? N ILE A 168 O TYR A 149 ? O TYR A 249 
AA1 3 4 O HIS A 148 ? O HIS A 248 N THR A 114 ? N THR A 214 
AA1 4 5 O SER A 111 ? O SER A 211 N ILE A 103 ? N ILE A 203 
AA1 5 6 O GLU A 104 ? O GLU A 204 N ILE A 85  ? N ILE A 185 
AA1 6 7 N GLY A 84  ? N GLY A 184 O ILE A 127 ? O ILE A 227 
AA2 1 2 N LYS A 49  ? N LYS A 149 O ASP A 69  ? O ASP A 169 
AA2 2 3 N ILE A 68  ? N ILE A 168 O TYR A 149 ? O TYR A 249 
AA2 3 4 N PHE A 153 ? N PHE A 253 O LYS A 156 ? O LYS A 256 
AA3 1 2 N VAL A 78  ? N VAL A 178 O ILE A 133 ? O ILE A 233 
AA3 2 3 O TYR A 135 ? O TYR A 235 N HIS A 118 ? N HIS A 218 
# 
loop_
_struct_site.id 
_struct_site.pdbx_evidence_code 
_struct_site.pdbx_auth_asym_id 
_struct_site.pdbx_auth_comp_id 
_struct_site.pdbx_auth_seq_id 
_struct_site.pdbx_auth_ins_code 
_struct_site.pdbx_num_residues 
_struct_site.details 
AC1 Software A GOL 401 ? 5 'binding site for residue GOL A 401' 
AC2 Software A GOL 402 ? 2 'binding site for residue GOL A 402' 
# 
loop_
_struct_site_gen.id 
_struct_site_gen.site_id 
_struct_site_gen.pdbx_num_res 
_struct_site_gen.label_comp_id 
_struct_site_gen.label_asym_id 
_struct_site_gen.label_seq_id 
_struct_site_gen.pdbx_auth_ins_code 
_struct_site_gen.auth_comp_id 
_struct_site_gen.auth_asym_id 
_struct_site_gen.auth_seq_id 
_struct_site_gen.label_atom_id 
_struct_site_gen.label_alt_id 
_struct_site_gen.symmetry 
_struct_site_gen.details 
1 AC1 5 LYS A 43  ? LYS A 143 . ? 10_554 ? 
2 AC1 5 HIS A 170 ? HIS A 270 . ? 1_555  ? 
3 AC1 5 GLN A 172 ? GLN A 272 . ? 1_555  ? 
4 AC1 5 HOH D .   ? HOH A 504 . ? 1_555  ? 
5 AC1 5 HOH D .   ? HOH A 566 . ? 1_555  ? 
6 AC2 2 THR A 91  ? THR A 191 . ? 1_555  ? 
7 AC2 2 ASN A 92  ? ASN A 192 . ? 1_555  ? 
# 
loop_
_pdbx_validate_torsion.id 
_pdbx_validate_torsion.PDB_model_num 
_pdbx_validate_torsion.auth_comp_id 
_pdbx_validate_torsion.auth_asym_id 
_pdbx_validate_torsion.auth_seq_id 
_pdbx_validate_torsion.PDB_ins_code 
_pdbx_validate_torsion.label_alt_id 
_pdbx_validate_torsion.phi 
_pdbx_validate_torsion.psi 
1 1 ASN A 123 ? ? -119.45 54.78 
2 1 SER A 166 ? ? -154.54 29.07 
3 1 ASN A 192 ? ? -144.40 57.12 
4 1 LYS A 224 ? ? 76.57   -1.94 
# 
loop_
_pdbx_unobs_or_zero_occ_residues.id 
_pdbx_unobs_or_zero_occ_residues.PDB_model_num 
_pdbx_unobs_or_zero_occ_residues.polymer_flag 
_pdbx_unobs_or_zero_occ_residues.occupancy_flag 
_pdbx_unobs_or_zero_occ_residues.auth_asym_id 
_pdbx_unobs_or_zero_occ_residues.auth_comp_id 
_pdbx_unobs_or_zero_occ_residues.auth_seq_id 
_pdbx_unobs_or_zero_occ_residues.PDB_ins_code 
_pdbx_unobs_or_zero_occ_residues.label_asym_id 
_pdbx_unobs_or_zero_occ_residues.label_comp_id 
_pdbx_unobs_or_zero_occ_residues.label_seq_id 
1  1 Y 1 A MET 101 ? A MET 1   
2  1 Y 1 A GLY 102 ? A GLY 2   
3  1 Y 1 A SER 103 ? A SER 3   
4  1 Y 1 A SER 104 ? A SER 4   
5  1 Y 1 A HIS 105 ? A HIS 5   
6  1 Y 1 A HIS 106 ? A HIS 6   
7  1 Y 1 A HIS 107 ? A HIS 7   
8  1 Y 1 A HIS 108 ? A HIS 8   
9  1 Y 1 A HIS 109 ? A HIS 9   
10 1 Y 1 A HIS 110 ? A HIS 10  
11 1 Y 1 A SER 111 ? A SER 11  
12 1 Y 1 A SER 112 ? A SER 12  
13 1 Y 1 A GLY 113 ? A GLY 13  
14 1 Y 1 A LEU 114 ? A LEU 14  
15 1 Y 1 A VAL 115 ? A VAL 15  
16 1 Y 1 A PRO 116 ? A PRO 16  
17 1 Y 1 A ARG 117 ? A ARG 17  
18 1 Y 1 A GLY 118 ? A GLY 18  
19 1 Y 1 A SER 119 ? A SER 19  
20 1 Y 1 A LYS 302 ? A LYS 202 
21 1 Y 1 A ASP 303 ? A ASP 203 
22 1 Y 1 A ALA 304 ? A ALA 204 
23 1 Y 1 A LEU 305 ? A LEU 205 
24 1 Y 1 A ILE 306 ? A ILE 206 
25 1 Y 1 A SER 307 ? A SER 207 
26 1 Y 1 A GLN 308 ? A GLN 208 
27 1 Y 1 A LEU 309 ? A LEU 209 
28 1 Y 1 A GLU 310 ? A GLU 210 
29 1 Y 1 A HIS 311 ? A HIS 211 
30 1 Y 1 A HIS 312 ? A HIS 212 
31 1 Y 1 A HIS 313 ? A HIS 213 
32 1 Y 1 A HIS 314 ? A HIS 214 
33 1 Y 1 A HIS 315 ? A HIS 215 
34 1 Y 1 A HIS 316 ? A HIS 216 
# 
loop_
_chem_comp_atom.comp_id 
_chem_comp_atom.atom_id 
_chem_comp_atom.type_symbol 
_chem_comp_atom.pdbx_aromatic_flag 
_chem_comp_atom.pdbx_stereo_config 
_chem_comp_atom.pdbx_ordinal 
ALA N    N N N 1   
ALA CA   C N S 2   
ALA C    C N N 3   
ALA O    O N N 4   
ALA CB   C N N 5   
ALA OXT  O N N 6   
ALA H    H N N 7   
ALA H2   H N N 8   
ALA HA   H N N 9   
ALA HB1  H N N 10  
ALA HB2  H N N 11  
ALA HB3  H N N 12  
ALA HXT  H N N 13  
ARG N    N N N 14  
ARG CA   C N S 15  
ARG C    C N N 16  
ARG O    O N N 17  
ARG CB   C N N 18  
ARG CG   C N N 19  
ARG CD   C N N 20  
ARG NE   N N N 21  
ARG CZ   C N N 22  
ARG NH1  N N N 23  
ARG NH2  N N N 24  
ARG OXT  O N N 25  
ARG H    H N N 26  
ARG H2   H N N 27  
ARG HA   H N N 28  
ARG HB2  H N N 29  
ARG HB3  H N N 30  
ARG HG2  H N N 31  
ARG HG3  H N N 32  
ARG HD2  H N N 33  
ARG HD3  H N N 34  
ARG HE   H N N 35  
ARG HH11 H N N 36  
ARG HH12 H N N 37  
ARG HH21 H N N 38  
ARG HH22 H N N 39  
ARG HXT  H N N 40  
ASN N    N N N 41  
ASN CA   C N S 42  
ASN C    C N N 43  
ASN O    O N N 44  
ASN CB   C N N 45  
ASN CG   C N N 46  
ASN OD1  O N N 47  
ASN ND2  N N N 48  
ASN OXT  O N N 49  
ASN H    H N N 50  
ASN H2   H N N 51  
ASN HA   H N N 52  
ASN HB2  H N N 53  
ASN HB3  H N N 54  
ASN HD21 H N N 55  
ASN HD22 H N N 56  
ASN HXT  H N N 57  
ASP N    N N N 58  
ASP CA   C N S 59  
ASP C    C N N 60  
ASP O    O N N 61  
ASP CB   C N N 62  
ASP CG   C N N 63  
ASP OD1  O N N 64  
ASP OD2  O N N 65  
ASP OXT  O N N 66  
ASP H    H N N 67  
ASP H2   H N N 68  
ASP HA   H N N 69  
ASP HB2  H N N 70  
ASP HB3  H N N 71  
ASP HD2  H N N 72  
ASP HXT  H N N 73  
GLN N    N N N 74  
GLN CA   C N S 75  
GLN C    C N N 76  
GLN O    O N N 77  
GLN CB   C N N 78  
GLN CG   C N N 79  
GLN CD   C N N 80  
GLN OE1  O N N 81  
GLN NE2  N N N 82  
GLN OXT  O N N 83  
GLN H    H N N 84  
GLN H2   H N N 85  
GLN HA   H N N 86  
GLN HB2  H N N 87  
GLN HB3  H N N 88  
GLN HG2  H N N 89  
GLN HG3  H N N 90  
GLN HE21 H N N 91  
GLN HE22 H N N 92  
GLN HXT  H N N 93  
GLU N    N N N 94  
GLU CA   C N S 95  
GLU C    C N N 96  
GLU O    O N N 97  
GLU CB   C N N 98  
GLU CG   C N N 99  
GLU CD   C N N 100 
GLU OE1  O N N 101 
GLU OE2  O N N 102 
GLU OXT  O N N 103 
GLU H    H N N 104 
GLU H2   H N N 105 
GLU HA   H N N 106 
GLU HB2  H N N 107 
GLU HB3  H N N 108 
GLU HG2  H N N 109 
GLU HG3  H N N 110 
GLU HE2  H N N 111 
GLU HXT  H N N 112 
GLY N    N N N 113 
GLY CA   C N N 114 
GLY C    C N N 115 
GLY O    O N N 116 
GLY OXT  O N N 117 
GLY H    H N N 118 
GLY H2   H N N 119 
GLY HA2  H N N 120 
GLY HA3  H N N 121 
GLY HXT  H N N 122 
GOL C1   C N N 123 
GOL O1   O N N 124 
GOL C2   C N N 125 
GOL O2   O N N 126 
GOL C3   C N N 127 
GOL O3   O N N 128 
GOL H11  H N N 129 
GOL H12  H N N 130 
GOL HO1  H N N 131 
GOL H2   H N N 132 
GOL HO2  H N N 133 
GOL H31  H N N 134 
GOL H32  H N N 135 
GOL HO3  H N N 136 
HIS N    N N N 137 
HIS CA   C N S 138 
HIS C    C N N 139 
HIS O    O N N 140 
HIS CB   C N N 141 
HIS CG   C Y N 142 
HIS ND1  N Y N 143 
HIS CD2  C Y N 144 
HIS CE1  C Y N 145 
HIS NE2  N Y N 146 
HIS OXT  O N N 147 
HIS H    H N N 148 
HIS H2   H N N 149 
HIS HA   H N N 150 
HIS HB2  H N N 151 
HIS HB3  H N N 152 
HIS HD1  H N N 153 
HIS HD2  H N N 154 
HIS HE1  H N N 155 
HIS HE2  H N N 156 
HIS HXT  H N N 157 
HOH O    O N N 158 
HOH H1   H N N 159 
HOH H2   H N N 160 
ILE N    N N N 161 
ILE CA   C N S 162 
ILE C    C N N 163 
ILE O    O N N 164 
ILE CB   C N S 165 
ILE CG1  C N N 166 
ILE CG2  C N N 167 
ILE CD1  C N N 168 
ILE OXT  O N N 169 
ILE H    H N N 170 
ILE H2   H N N 171 
ILE HA   H N N 172 
ILE HB   H N N 173 
ILE HG12 H N N 174 
ILE HG13 H N N 175 
ILE HG21 H N N 176 
ILE HG22 H N N 177 
ILE HG23 H N N 178 
ILE HD11 H N N 179 
ILE HD12 H N N 180 
ILE HD13 H N N 181 
ILE HXT  H N N 182 
LEU N    N N N 183 
LEU CA   C N S 184 
LEU C    C N N 185 
LEU O    O N N 186 
LEU CB   C N N 187 
LEU CG   C N N 188 
LEU CD1  C N N 189 
LEU CD2  C N N 190 
LEU OXT  O N N 191 
LEU H    H N N 192 
LEU H2   H N N 193 
LEU HA   H N N 194 
LEU HB2  H N N 195 
LEU HB3  H N N 196 
LEU HG   H N N 197 
LEU HD11 H N N 198 
LEU HD12 H N N 199 
LEU HD13 H N N 200 
LEU HD21 H N N 201 
LEU HD22 H N N 202 
LEU HD23 H N N 203 
LEU HXT  H N N 204 
LYS N    N N N 205 
LYS CA   C N S 206 
LYS C    C N N 207 
LYS O    O N N 208 
LYS CB   C N N 209 
LYS CG   C N N 210 
LYS CD   C N N 211 
LYS CE   C N N 212 
LYS NZ   N N N 213 
LYS OXT  O N N 214 
LYS H    H N N 215 
LYS H2   H N N 216 
LYS HA   H N N 217 
LYS HB2  H N N 218 
LYS HB3  H N N 219 
LYS HG2  H N N 220 
LYS HG3  H N N 221 
LYS HD2  H N N 222 
LYS HD3  H N N 223 
LYS HE2  H N N 224 
LYS HE3  H N N 225 
LYS HZ1  H N N 226 
LYS HZ2  H N N 227 
LYS HZ3  H N N 228 
LYS HXT  H N N 229 
MET N    N N N 230 
MET CA   C N S 231 
MET C    C N N 232 
MET O    O N N 233 
MET CB   C N N 234 
MET CG   C N N 235 
MET SD   S N N 236 
MET CE   C N N 237 
MET OXT  O N N 238 
MET H    H N N 239 
MET H2   H N N 240 
MET HA   H N N 241 
MET HB2  H N N 242 
MET HB3  H N N 243 
MET HG2  H N N 244 
MET HG3  H N N 245 
MET HE1  H N N 246 
MET HE2  H N N 247 
MET HE3  H N N 248 
MET HXT  H N N 249 
PHE N    N N N 250 
PHE CA   C N S 251 
PHE C    C N N 252 
PHE O    O N N 253 
PHE CB   C N N 254 
PHE CG   C Y N 255 
PHE CD1  C Y N 256 
PHE CD2  C Y N 257 
PHE CE1  C Y N 258 
PHE CE2  C Y N 259 
PHE CZ   C Y N 260 
PHE OXT  O N N 261 
PHE H    H N N 262 
PHE H2   H N N 263 
PHE HA   H N N 264 
PHE HB2  H N N 265 
PHE HB3  H N N 266 
PHE HD1  H N N 267 
PHE HD2  H N N 268 
PHE HE1  H N N 269 
PHE HE2  H N N 270 
PHE HZ   H N N 271 
PHE HXT  H N N 272 
PRO N    N N N 273 
PRO CA   C N S 274 
PRO C    C N N 275 
PRO O    O N N 276 
PRO CB   C N N 277 
PRO CG   C N N 278 
PRO CD   C N N 279 
PRO OXT  O N N 280 
PRO H    H N N 281 
PRO HA   H N N 282 
PRO HB2  H N N 283 
PRO HB3  H N N 284 
PRO HG2  H N N 285 
PRO HG3  H N N 286 
PRO HD2  H N N 287 
PRO HD3  H N N 288 
PRO HXT  H N N 289 
SER N    N N N 290 
SER CA   C N S 291 
SER C    C N N 292 
SER O    O N N 293 
SER CB   C N N 294 
SER OG   O N N 295 
SER OXT  O N N 296 
SER H    H N N 297 
SER H2   H N N 298 
SER HA   H N N 299 
SER HB2  H N N 300 
SER HB3  H N N 301 
SER HG   H N N 302 
SER HXT  H N N 303 
THR N    N N N 304 
THR CA   C N S 305 
THR C    C N N 306 
THR O    O N N 307 
THR CB   C N R 308 
THR OG1  O N N 309 
THR CG2  C N N 310 
THR OXT  O N N 311 
THR H    H N N 312 
THR H2   H N N 313 
THR HA   H N N 314 
THR HB   H N N 315 
THR HG1  H N N 316 
THR HG21 H N N 317 
THR HG22 H N N 318 
THR HG23 H N N 319 
THR HXT  H N N 320 
TRP N    N N N 321 
TRP CA   C N S 322 
TRP C    C N N 323 
TRP O    O N N 324 
TRP CB   C N N 325 
TRP CG   C Y N 326 
TRP CD1  C Y N 327 
TRP CD2  C Y N 328 
TRP NE1  N Y N 329 
TRP CE2  C Y N 330 
TRP CE3  C Y N 331 
TRP CZ2  C Y N 332 
TRP CZ3  C Y N 333 
TRP CH2  C Y N 334 
TRP OXT  O N N 335 
TRP H    H N N 336 
TRP H2   H N N 337 
TRP HA   H N N 338 
TRP HB2  H N N 339 
TRP HB3  H N N 340 
TRP HD1  H N N 341 
TRP HE1  H N N 342 
TRP HE3  H N N 343 
TRP HZ2  H N N 344 
TRP HZ3  H N N 345 
TRP HH2  H N N 346 
TRP HXT  H N N 347 
TYR N    N N N 348 
TYR CA   C N S 349 
TYR C    C N N 350 
TYR O    O N N 351 
TYR CB   C N N 352 
TYR CG   C Y N 353 
TYR CD1  C Y N 354 
TYR CD2  C Y N 355 
TYR CE1  C Y N 356 
TYR CE2  C Y N 357 
TYR CZ   C Y N 358 
TYR OH   O N N 359 
TYR OXT  O N N 360 
TYR H    H N N 361 
TYR H2   H N N 362 
TYR HA   H N N 363 
TYR HB2  H N N 364 
TYR HB3  H N N 365 
TYR HD1  H N N 366 
TYR HD2  H N N 367 
TYR HE1  H N N 368 
TYR HE2  H N N 369 
TYR HH   H N N 370 
TYR HXT  H N N 371 
VAL N    N N N 372 
VAL CA   C N S 373 
VAL C    C N N 374 
VAL O    O N N 375 
VAL CB   C N N 376 
VAL CG1  C N N 377 
VAL CG2  C N N 378 
VAL OXT  O N N 379 
VAL H    H N N 380 
VAL H2   H N N 381 
VAL HA   H N N 382 
VAL HB   H N N 383 
VAL HG11 H N N 384 
VAL HG12 H N N 385 
VAL HG13 H N N 386 
VAL HG21 H N N 387 
VAL HG22 H N N 388 
VAL HG23 H N N 389 
VAL HXT  H N N 390 
# 
loop_
_chem_comp_bond.comp_id 
_chem_comp_bond.atom_id_1 
_chem_comp_bond.atom_id_2 
_chem_comp_bond.value_order 
_chem_comp_bond.pdbx_aromatic_flag 
_chem_comp_bond.pdbx_stereo_config 
_chem_comp_bond.pdbx_ordinal 
ALA N   CA   sing N N 1   
ALA N   H    sing N N 2   
ALA N   H2   sing N N 3   
ALA CA  C    sing N N 4   
ALA CA  CB   sing N N 5   
ALA CA  HA   sing N N 6   
ALA C   O    doub N N 7   
ALA C   OXT  sing N N 8   
ALA CB  HB1  sing N N 9   
ALA CB  HB2  sing N N 10  
ALA CB  HB3  sing N N 11  
ALA OXT HXT  sing N N 12  
ARG N   CA   sing N N 13  
ARG N   H    sing N N 14  
ARG N   H2   sing N N 15  
ARG CA  C    sing N N 16  
ARG CA  CB   sing N N 17  
ARG CA  HA   sing N N 18  
ARG C   O    doub N N 19  
ARG C   OXT  sing N N 20  
ARG CB  CG   sing N N 21  
ARG CB  HB2  sing N N 22  
ARG CB  HB3  sing N N 23  
ARG CG  CD   sing N N 24  
ARG CG  HG2  sing N N 25  
ARG CG  HG3  sing N N 26  
ARG CD  NE   sing N N 27  
ARG CD  HD2  sing N N 28  
ARG CD  HD3  sing N N 29  
ARG NE  CZ   sing N N 30  
ARG NE  HE   sing N N 31  
ARG CZ  NH1  sing N N 32  
ARG CZ  NH2  doub N N 33  
ARG NH1 HH11 sing N N 34  
ARG NH1 HH12 sing N N 35  
ARG NH2 HH21 sing N N 36  
ARG NH2 HH22 sing N N 37  
ARG OXT HXT  sing N N 38  
ASN N   CA   sing N N 39  
ASN N   H    sing N N 40  
ASN N   H2   sing N N 41  
ASN CA  C    sing N N 42  
ASN CA  CB   sing N N 43  
ASN CA  HA   sing N N 44  
ASN C   O    doub N N 45  
ASN C   OXT  sing N N 46  
ASN CB  CG   sing N N 47  
ASN CB  HB2  sing N N 48  
ASN CB  HB3  sing N N 49  
ASN CG  OD1  doub N N 50  
ASN CG  ND2  sing N N 51  
ASN ND2 HD21 sing N N 52  
ASN ND2 HD22 sing N N 53  
ASN OXT HXT  sing N N 54  
ASP N   CA   sing N N 55  
ASP N   H    sing N N 56  
ASP N   H2   sing N N 57  
ASP CA  C    sing N N 58  
ASP CA  CB   sing N N 59  
ASP CA  HA   sing N N 60  
ASP C   O    doub N N 61  
ASP C   OXT  sing N N 62  
ASP CB  CG   sing N N 63  
ASP CB  HB2  sing N N 64  
ASP CB  HB3  sing N N 65  
ASP CG  OD1  doub N N 66  
ASP CG  OD2  sing N N 67  
ASP OD2 HD2  sing N N 68  
ASP OXT HXT  sing N N 69  
GLN N   CA   sing N N 70  
GLN N   H    sing N N 71  
GLN N   H2   sing N N 72  
GLN CA  C    sing N N 73  
GLN CA  CB   sing N N 74  
GLN CA  HA   sing N N 75  
GLN C   O    doub N N 76  
GLN C   OXT  sing N N 77  
GLN CB  CG   sing N N 78  
GLN CB  HB2  sing N N 79  
GLN CB  HB3  sing N N 80  
GLN CG  CD   sing N N 81  
GLN CG  HG2  sing N N 82  
GLN CG  HG3  sing N N 83  
GLN CD  OE1  doub N N 84  
GLN CD  NE2  sing N N 85  
GLN NE2 HE21 sing N N 86  
GLN NE2 HE22 sing N N 87  
GLN OXT HXT  sing N N 88  
GLU N   CA   sing N N 89  
GLU N   H    sing N N 90  
GLU N   H2   sing N N 91  
GLU CA  C    sing N N 92  
GLU CA  CB   sing N N 93  
GLU CA  HA   sing N N 94  
GLU C   O    doub N N 95  
GLU C   OXT  sing N N 96  
GLU CB  CG   sing N N 97  
GLU CB  HB2  sing N N 98  
GLU CB  HB3  sing N N 99  
GLU CG  CD   sing N N 100 
GLU CG  HG2  sing N N 101 
GLU CG  HG3  sing N N 102 
GLU CD  OE1  doub N N 103 
GLU CD  OE2  sing N N 104 
GLU OE2 HE2  sing N N 105 
GLU OXT HXT  sing N N 106 
GLY N   CA   sing N N 107 
GLY N   H    sing N N 108 
GLY N   H2   sing N N 109 
GLY CA  C    sing N N 110 
GLY CA  HA2  sing N N 111 
GLY CA  HA3  sing N N 112 
GLY C   O    doub N N 113 
GLY C   OXT  sing N N 114 
GLY OXT HXT  sing N N 115 
GOL C1  O1   sing N N 116 
GOL C1  C2   sing N N 117 
GOL C1  H11  sing N N 118 
GOL C1  H12  sing N N 119 
GOL O1  HO1  sing N N 120 
GOL C2  O2   sing N N 121 
GOL C2  C3   sing N N 122 
GOL C2  H2   sing N N 123 
GOL O2  HO2  sing N N 124 
GOL C3  O3   sing N N 125 
GOL C3  H31  sing N N 126 
GOL C3  H32  sing N N 127 
GOL O3  HO3  sing N N 128 
HIS N   CA   sing N N 129 
HIS N   H    sing N N 130 
HIS N   H2   sing N N 131 
HIS CA  C    sing N N 132 
HIS CA  CB   sing N N 133 
HIS CA  HA   sing N N 134 
HIS C   O    doub N N 135 
HIS C   OXT  sing N N 136 
HIS CB  CG   sing N N 137 
HIS CB  HB2  sing N N 138 
HIS CB  HB3  sing N N 139 
HIS CG  ND1  sing Y N 140 
HIS CG  CD2  doub Y N 141 
HIS ND1 CE1  doub Y N 142 
HIS ND1 HD1  sing N N 143 
HIS CD2 NE2  sing Y N 144 
HIS CD2 HD2  sing N N 145 
HIS CE1 NE2  sing Y N 146 
HIS CE1 HE1  sing N N 147 
HIS NE2 HE2  sing N N 148 
HIS OXT HXT  sing N N 149 
HOH O   H1   sing N N 150 
HOH O   H2   sing N N 151 
ILE N   CA   sing N N 152 
ILE N   H    sing N N 153 
ILE N   H2   sing N N 154 
ILE CA  C    sing N N 155 
ILE CA  CB   sing N N 156 
ILE CA  HA   sing N N 157 
ILE C   O    doub N N 158 
ILE C   OXT  sing N N 159 
ILE CB  CG1  sing N N 160 
ILE CB  CG2  sing N N 161 
ILE CB  HB   sing N N 162 
ILE CG1 CD1  sing N N 163 
ILE CG1 HG12 sing N N 164 
ILE CG1 HG13 sing N N 165 
ILE CG2 HG21 sing N N 166 
ILE CG2 HG22 sing N N 167 
ILE CG2 HG23 sing N N 168 
ILE CD1 HD11 sing N N 169 
ILE CD1 HD12 sing N N 170 
ILE CD1 HD13 sing N N 171 
ILE OXT HXT  sing N N 172 
LEU N   CA   sing N N 173 
LEU N   H    sing N N 174 
LEU N   H2   sing N N 175 
LEU CA  C    sing N N 176 
LEU CA  CB   sing N N 177 
LEU CA  HA   sing N N 178 
LEU C   O    doub N N 179 
LEU C   OXT  sing N N 180 
LEU CB  CG   sing N N 181 
LEU CB  HB2  sing N N 182 
LEU CB  HB3  sing N N 183 
LEU CG  CD1  sing N N 184 
LEU CG  CD2  sing N N 185 
LEU CG  HG   sing N N 186 
LEU CD1 HD11 sing N N 187 
LEU CD1 HD12 sing N N 188 
LEU CD1 HD13 sing N N 189 
LEU CD2 HD21 sing N N 190 
LEU CD2 HD22 sing N N 191 
LEU CD2 HD23 sing N N 192 
LEU OXT HXT  sing N N 193 
LYS N   CA   sing N N 194 
LYS N   H    sing N N 195 
LYS N   H2   sing N N 196 
LYS CA  C    sing N N 197 
LYS CA  CB   sing N N 198 
LYS CA  HA   sing N N 199 
LYS C   O    doub N N 200 
LYS C   OXT  sing N N 201 
LYS CB  CG   sing N N 202 
LYS CB  HB2  sing N N 203 
LYS CB  HB3  sing N N 204 
LYS CG  CD   sing N N 205 
LYS CG  HG2  sing N N 206 
LYS CG  HG3  sing N N 207 
LYS CD  CE   sing N N 208 
LYS CD  HD2  sing N N 209 
LYS CD  HD3  sing N N 210 
LYS CE  NZ   sing N N 211 
LYS CE  HE2  sing N N 212 
LYS CE  HE3  sing N N 213 
LYS NZ  HZ1  sing N N 214 
LYS NZ  HZ2  sing N N 215 
LYS NZ  HZ3  sing N N 216 
LYS OXT HXT  sing N N 217 
MET N   CA   sing N N 218 
MET N   H    sing N N 219 
MET N   H2   sing N N 220 
MET CA  C    sing N N 221 
MET CA  CB   sing N N 222 
MET CA  HA   sing N N 223 
MET C   O    doub N N 224 
MET C   OXT  sing N N 225 
MET CB  CG   sing N N 226 
MET CB  HB2  sing N N 227 
MET CB  HB3  sing N N 228 
MET CG  SD   sing N N 229 
MET CG  HG2  sing N N 230 
MET CG  HG3  sing N N 231 
MET SD  CE   sing N N 232 
MET CE  HE1  sing N N 233 
MET CE  HE2  sing N N 234 
MET CE  HE3  sing N N 235 
MET OXT HXT  sing N N 236 
PHE N   CA   sing N N 237 
PHE N   H    sing N N 238 
PHE N   H2   sing N N 239 
PHE CA  C    sing N N 240 
PHE CA  CB   sing N N 241 
PHE CA  HA   sing N N 242 
PHE C   O    doub N N 243 
PHE C   OXT  sing N N 244 
PHE CB  CG   sing N N 245 
PHE CB  HB2  sing N N 246 
PHE CB  HB3  sing N N 247 
PHE CG  CD1  doub Y N 248 
PHE CG  CD2  sing Y N 249 
PHE CD1 CE1  sing Y N 250 
PHE CD1 HD1  sing N N 251 
PHE CD2 CE2  doub Y N 252 
PHE CD2 HD2  sing N N 253 
PHE CE1 CZ   doub Y N 254 
PHE CE1 HE1  sing N N 255 
PHE CE2 CZ   sing Y N 256 
PHE CE2 HE2  sing N N 257 
PHE CZ  HZ   sing N N 258 
PHE OXT HXT  sing N N 259 
PRO N   CA   sing N N 260 
PRO N   CD   sing N N 261 
PRO N   H    sing N N 262 
PRO CA  C    sing N N 263 
PRO CA  CB   sing N N 264 
PRO CA  HA   sing N N 265 
PRO C   O    doub N N 266 
PRO C   OXT  sing N N 267 
PRO CB  CG   sing N N 268 
PRO CB  HB2  sing N N 269 
PRO CB  HB3  sing N N 270 
PRO CG  CD   sing N N 271 
PRO CG  HG2  sing N N 272 
PRO CG  HG3  sing N N 273 
PRO CD  HD2  sing N N 274 
PRO CD  HD3  sing N N 275 
PRO OXT HXT  sing N N 276 
SER N   CA   sing N N 277 
SER N   H    sing N N 278 
SER N   H2   sing N N 279 
SER CA  C    sing N N 280 
SER CA  CB   sing N N 281 
SER CA  HA   sing N N 282 
SER C   O    doub N N 283 
SER C   OXT  sing N N 284 
SER CB  OG   sing N N 285 
SER CB  HB2  sing N N 286 
SER CB  HB3  sing N N 287 
SER OG  HG   sing N N 288 
SER OXT HXT  sing N N 289 
THR N   CA   sing N N 290 
THR N   H    sing N N 291 
THR N   H2   sing N N 292 
THR CA  C    sing N N 293 
THR CA  CB   sing N N 294 
THR CA  HA   sing N N 295 
THR C   O    doub N N 296 
THR C   OXT  sing N N 297 
THR CB  OG1  sing N N 298 
THR CB  CG2  sing N N 299 
THR CB  HB   sing N N 300 
THR OG1 HG1  sing N N 301 
THR CG2 HG21 sing N N 302 
THR CG2 HG22 sing N N 303 
THR CG2 HG23 sing N N 304 
THR OXT HXT  sing N N 305 
TRP N   CA   sing N N 306 
TRP N   H    sing N N 307 
TRP N   H2   sing N N 308 
TRP CA  C    sing N N 309 
TRP CA  CB   sing N N 310 
TRP CA  HA   sing N N 311 
TRP C   O    doub N N 312 
TRP C   OXT  sing N N 313 
TRP CB  CG   sing N N 314 
TRP CB  HB2  sing N N 315 
TRP CB  HB3  sing N N 316 
TRP CG  CD1  doub Y N 317 
TRP CG  CD2  sing Y N 318 
TRP CD1 NE1  sing Y N 319 
TRP CD1 HD1  sing N N 320 
TRP CD2 CE2  doub Y N 321 
TRP CD2 CE3  sing Y N 322 
TRP NE1 CE2  sing Y N 323 
TRP NE1 HE1  sing N N 324 
TRP CE2 CZ2  sing Y N 325 
TRP CE3 CZ3  doub Y N 326 
TRP CE3 HE3  sing N N 327 
TRP CZ2 CH2  doub Y N 328 
TRP CZ2 HZ2  sing N N 329 
TRP CZ3 CH2  sing Y N 330 
TRP CZ3 HZ3  sing N N 331 
TRP CH2 HH2  sing N N 332 
TRP OXT HXT  sing N N 333 
TYR N   CA   sing N N 334 
TYR N   H    sing N N 335 
TYR N   H2   sing N N 336 
TYR CA  C    sing N N 337 
TYR CA  CB   sing N N 338 
TYR CA  HA   sing N N 339 
TYR C   O    doub N N 340 
TYR C   OXT  sing N N 341 
TYR CB  CG   sing N N 342 
TYR CB  HB2  sing N N 343 
TYR CB  HB3  sing N N 344 
TYR CG  CD1  doub Y N 345 
TYR CG  CD2  sing Y N 346 
TYR CD1 CE1  sing Y N 347 
TYR CD1 HD1  sing N N 348 
TYR CD2 CE2  doub Y N 349 
TYR CD2 HD2  sing N N 350 
TYR CE1 CZ   doub Y N 351 
TYR CE1 HE1  sing N N 352 
TYR CE2 CZ   sing Y N 353 
TYR CE2 HE2  sing N N 354 
TYR CZ  OH   sing N N 355 
TYR OH  HH   sing N N 356 
TYR OXT HXT  sing N N 357 
VAL N   CA   sing N N 358 
VAL N   H    sing N N 359 
VAL N   H2   sing N N 360 
VAL CA  C    sing N N 361 
VAL CA  CB   sing N N 362 
VAL CA  HA   sing N N 363 
VAL C   O    doub N N 364 
VAL C   OXT  sing N N 365 
VAL CB  CG1  sing N N 366 
VAL CB  CG2  sing N N 367 
VAL CB  HB   sing N N 368 
VAL CG1 HG11 sing N N 369 
VAL CG1 HG12 sing N N 370 
VAL CG1 HG13 sing N N 371 
VAL CG2 HG21 sing N N 372 
VAL CG2 HG22 sing N N 373 
VAL CG2 HG23 sing N N 374 
VAL OXT HXT  sing N N 375 
# 
_pdbx_audit_support.funding_organization   'National Research Foundation' 
_pdbx_audit_support.country                'Korea, Republic Of' 
_pdbx_audit_support.grant_number           2013R1A2A1A05067303 
_pdbx_audit_support.ordinal                1 
# 
_atom_sites.entry_id                    5J1K 
_atom_sites.fract_transf_matrix[1][1]   -0.00668927 
_atom_sites.fract_transf_matrix[1][2]   0.00286262 
_atom_sites.fract_transf_matrix[1][3]   -0.00378737 
_atom_sites.fract_transf_matrix[2][1]   -0.00287907 
_atom_sites.fract_transf_matrix[2][2]   -0.00380446 
_atom_sites.fract_transf_matrix[2][3]   -0.00667280 
_atom_sites.fract_transf_matrix[3][1]   -0.01428886 
_atom_sites.fract_transf_matrix[3][2]   -0.01438330 
_atom_sites.fract_transf_matrix[3][3]   0.01436566 
_atom_sites.fract_transf_vector[1]      -0.106136 
_atom_sites.fract_transf_vector[2]      0.295179 
_atom_sites.fract_transf_vector[3]      -0.090531 
# 
loop_
_atom_type.symbol 
C 
N 
O 
S 
# 
loop_
_atom_site.group_PDB 
_atom_site.id 
_atom_site.type_symbol 
_atom_site.label_atom_id 
_atom_site.label_alt_id 
_atom_site.label_comp_id 
_atom_site.label_asym_id 
_atom_site.label_entity_id 
_atom_site.label_seq_id 
_atom_site.pdbx_PDB_ins_code 
_atom_site.Cartn_x 
_atom_site.Cartn_y 
_atom_site.Cartn_z 
_atom_site.occupancy 
_atom_site.B_iso_or_equiv 
_atom_site.pdbx_formal_charge 
_atom_site.auth_seq_id 
_atom_site.auth_comp_id 
_atom_site.auth_asym_id 
_atom_site.auth_atom_id 
_atom_site.pdbx_PDB_model_num 
ATOM   1    N N   . HIS A 1 20  ? 8.443   24.258  -3.576  1.00 65.08 ? 120 HIS A N   1 
ATOM   2    C CA  . HIS A 1 20  ? 7.151   24.061  -2.853  1.00 64.47 ? 120 HIS A CA  1 
ATOM   3    C C   . HIS A 1 20  ? 7.099   22.737  -2.073  1.00 57.81 ? 120 HIS A C   1 
ATOM   4    O O   . HIS A 1 20  ? 6.443   22.679  -1.036  1.00 54.85 ? 120 HIS A O   1 
ATOM   5    C CB  . HIS A 1 20  ? 5.958   24.182  -3.820  1.00 70.84 ? 120 HIS A CB  1 
ATOM   6    C CG  . HIS A 1 20  ? 4.616   24.155  -3.145  1.00 79.97 ? 120 HIS A CG  1 
ATOM   7    N ND1 . HIS A 1 20  ? 3.524   23.499  -3.680  1.00 85.03 ? 120 HIS A ND1 1 
ATOM   8    C CD2 . HIS A 1 20  ? 4.194   24.687  -1.971  1.00 81.26 ? 120 HIS A CD2 1 
ATOM   9    C CE1 . HIS A 1 20  ? 2.486   23.638  -2.872  1.00 82.99 ? 120 HIS A CE1 1 
ATOM   10   N NE2 . HIS A 1 20  ? 2.866   24.354  -1.827  1.00 84.57 ? 120 HIS A NE2 1 
ATOM   11   N N   . LEU A 1 21  ? 7.801   21.698  -2.541  1.00 54.67 ? 121 LEU A N   1 
ATOM   12   C CA  . LEU A 1 21  ? 7.834   20.398  -1.830  1.00 53.76 ? 121 LEU A CA  1 
ATOM   13   C C   . LEU A 1 21  ? 8.534   20.466  -0.468  1.00 53.28 ? 121 LEU A C   1 
ATOM   14   O O   . LEU A 1 21  ? 8.321   19.610  0.385   1.00 50.57 ? 121 LEU A O   1 
ATOM   15   C CB  . LEU A 1 21  ? 8.474   19.302  -2.696  1.00 51.77 ? 121 LEU A CB  1 
ATOM   16   C CG  . LEU A 1 21  ? 7.721   18.913  -3.972  1.00 50.35 ? 121 LEU A CG  1 
ATOM   17   C CD1 . LEU A 1 21  ? 8.473   17.816  -4.712  1.00 49.93 ? 121 LEU A CD1 1 
ATOM   18   C CD2 . LEU A 1 21  ? 6.293   18.483  -3.669  1.00 49.43 ? 121 LEU A CD2 1 
ATOM   19   N N   . ASP A 1 22  ? 9.369   21.483  -0.285  1.00 55.84 ? 122 ASP A N   1 
ATOM   20   C CA  . ASP A 1 22  ? 9.977   21.801  1.011   1.00 56.39 ? 122 ASP A CA  1 
ATOM   21   C C   . ASP A 1 22  ? 9.075   22.636  1.932   1.00 53.41 ? 122 ASP A C   1 
ATOM   22   O O   . ASP A 1 22  ? 9.246   22.586  3.150   1.00 54.10 ? 122 ASP A O   1 
ATOM   23   C CB  . ASP A 1 22  ? 11.297  22.551  0.790   1.00 60.41 ? 122 ASP A CB  1 
ATOM   24   C CG  . ASP A 1 22  ? 11.100  23.886  0.067   1.00 64.16 ? 122 ASP A CG  1 
ATOM   25   O OD1 . ASP A 1 22  ? 10.226  23.962  -0.842  1.00 63.15 ? 122 ASP A OD1 1 
ATOM   26   O OD2 . ASP A 1 22  ? 11.805  24.856  0.420   1.00 67.93 ? 122 ASP A OD2 1 
ATOM   27   N N   . ASN A 1 23  ? 8.164   23.425  1.354   1.00 49.33 ? 123 ASN A N   1 
ATOM   28   C CA  . ASN A 1 23  ? 7.259   24.305  2.105   1.00 49.14 ? 123 ASN A CA  1 
ATOM   29   C C   . ASN A 1 23  ? 5.785   23.967  1.876   1.00 46.88 ? 123 ASN A C   1 
ATOM   30   O O   . ASN A 1 23  ? 4.984   24.822  1.486   1.00 46.92 ? 123 ASN A O   1 
ATOM   31   C CB  . ASN A 1 23  ? 7.528   25.773  1.747   1.00 52.68 ? 123 ASN A CB  1 
ATOM   32   C CG  . ASN A 1 23  ? 8.898   26.241  2.214   1.00 55.77 ? 123 ASN A CG  1 
ATOM   33   O OD1 . ASN A 1 23  ? 9.151   26.343  3.415   1.00 57.13 ? 123 ASN A OD1 1 
ATOM   34   N ND2 . ASN A 1 23  ? 9.789   26.516  1.272   1.00 58.19 ? 123 ASN A ND2 1 
ATOM   35   N N   . LEU A 1 24  ? 5.444   22.706  2.123   1.00 39.96 ? 124 LEU A N   1 
ATOM   36   C CA  . LEU A 1 24  ? 4.055   22.266  2.160   1.00 36.14 ? 124 LEU A CA  1 
ATOM   37   C C   . LEU A 1 24  ? 3.512   22.526  3.555   1.00 35.86 ? 124 LEU A C   1 
ATOM   38   O O   . LEU A 1 24  ? 4.201   22.314  4.556   1.00 38.20 ? 124 LEU A O   1 
ATOM   39   C CB  . LEU A 1 24  ? 3.947   20.764  1.846   1.00 33.93 ? 124 LEU A CB  1 
ATOM   40   C CG  . LEU A 1 24  ? 4.581   20.321  0.536   1.00 32.34 ? 124 LEU A CG  1 
ATOM   41   C CD1 . LEU A 1 24  ? 4.691   18.806  0.457   1.00 33.49 ? 124 LEU A CD1 1 
ATOM   42   C CD2 . LEU A 1 24  ? 3.797   20.862  -0.644  1.00 32.45 ? 124 LEU A CD2 1 
ATOM   43   N N   . ASN A 1 25  ? 2.262   22.945  3.629   1.00 35.36 ? 125 ASN A N   1 
ATOM   44   C CA  . ASN A 1 25  ? 1.614   23.175  4.917   1.00 34.76 ? 125 ASN A CA  1 
ATOM   45   C C   . ASN A 1 25  ? 1.094   21.875  5.522   1.00 36.05 ? 125 ASN A C   1 
ATOM   46   O O   . ASN A 1 25  ? 1.038   20.850  4.833   1.00 35.23 ? 125 ASN A O   1 
ATOM   47   C CB  . ASN A 1 25  ? 0.523   24.245  4.798   1.00 35.45 ? 125 ASN A CB  1 
ATOM   48   C CG  . ASN A 1 25  ? -0.599  23.853  3.849   1.00 36.69 ? 125 ASN A CG  1 
ATOM   49   O OD1 . ASN A 1 25  ? -1.277  22.848  4.063   1.00 34.50 ? 125 ASN A OD1 1 
ATOM   50   N ND2 . ASN A 1 25  ? -0.817  24.658  2.807   1.00 35.23 ? 125 ASN A ND2 1 
ATOM   51   N N   . LEU A 1 26  ? 0.727   21.913  6.804   1.00 35.98 ? 126 LEU A N   1 
ATOM   52   C CA  . LEU A 1 26  ? 0.318   20.705  7.529   1.00 35.77 ? 126 LEU A CA  1 
ATOM   53   C C   . LEU A 1 26  ? -0.980  20.102  7.012   1.00 34.72 ? 126 LEU A C   1 
ATOM   54   O O   . LEU A 1 26  ? -1.164  18.877  7.064   1.00 31.99 ? 126 LEU A O   1 
ATOM   55   C CB  . LEU A 1 26  ? 0.180   20.961  9.036   1.00 38.58 ? 126 LEU A CB  1 
ATOM   56   C CG  . LEU A 1 26  ? 1.438   21.158  9.890   1.00 42.14 ? 126 LEU A CG  1 
ATOM   57   C CD1 . LEU A 1 26  ? 1.019   21.248  11.350  1.00 43.66 ? 126 LEU A CD1 1 
ATOM   58   C CD2 . LEU A 1 26  ? 2.481   20.064  9.698   1.00 43.37 ? 126 LEU A CD2 1 
ATOM   59   N N   . ALA A 1 27  ? -1.889  20.955  6.543   1.00 31.84 ? 127 ALA A N   1 
ATOM   60   C CA  . ALA A 1 27  ? -3.145  20.491  5.971   1.00 30.55 ? 127 ALA A CA  1 
ATOM   61   C C   . ALA A 1 27  ? -2.891  19.627  4.721   1.00 27.59 ? 127 ALA A C   1 
ATOM   62   O O   . ALA A 1 27  ? -3.526  18.591  4.569   1.00 28.69 ? 127 ALA A O   1 
ATOM   63   C CB  . ALA A 1 27  ? -4.046  21.665  5.625   1.00 30.82 ? 127 ALA A CB  1 
ATOM   64   N N   . GLN A 1 28  ? -1.982  20.063  3.852   1.00 26.07 ? 128 GLN A N   1 
ATOM   65   C CA  . GLN A 1 28  ? -1.559  19.266  2.674   1.00 26.91 ? 128 GLN A CA  1 
ATOM   66   C C   . GLN A 1 28  ? -0.928  17.915  3.071   1.00 26.96 ? 128 GLN A C   1 
ATOM   67   O O   . GLN A 1 28  ? -1.187  16.873  2.426   1.00 24.35 ? 128 GLN A O   1 
ATOM   68   C CB  . GLN A 1 28  ? -0.525  20.012  1.837   1.00 27.90 ? 128 GLN A CB  1 
ATOM   69   C CG  . GLN A 1 28  ? -1.047  21.152  0.976   1.00 28.22 ? 128 GLN A CG  1 
ATOM   70   C CD  . GLN A 1 28  ? 0.088   21.850  0.263   1.00 28.61 ? 128 GLN A CD  1 
ATOM   71   O OE1 . GLN A 1 28  ? 0.905   22.525  0.897   1.00 28.60 ? 128 GLN A OE1 1 
ATOM   72   N NE2 . GLN A 1 28  ? 0.182   21.664  -1.052  1.00 28.87 ? 128 GLN A NE2 1 
ATOM   73   N N   . LYS A 1 29  ? -0.077  17.944  4.100   1.00 25.36 ? 129 LYS A N   1 
ATOM   74   C CA  . LYS A 1 29  ? 0.614   16.738  4.565   1.00 26.35 ? 129 LYS A CA  1 
ATOM   75   C C   . LYS A 1 29  ? -0.372  15.735  5.139   1.00 26.53 ? 129 LYS A C   1 
ATOM   76   O O   . LYS A 1 29  ? -0.342  14.563  4.758   1.00 24.18 ? 129 LYS A O   1 
ATOM   77   C CB  . LYS A 1 29  ? 1.709   17.062  5.577   1.00 27.14 ? 129 LYS A CB  1 
ATOM   78   C CG  . LYS A 1 29  ? 2.864   17.844  4.977   1.00 29.15 ? 129 LYS A CG  1 
ATOM   79   C CD  . LYS A 1 29  ? 3.874   18.244  6.041   1.00 31.09 ? 129 LYS A CD  1 
ATOM   80   C CE  . LYS A 1 29  ? 5.100   18.865  5.400   1.00 32.77 ? 129 LYS A CE  1 
ATOM   81   N NZ  . LYS A 1 29  ? 5.992   19.469  6.432   1.00 34.96 ? 129 LYS A NZ  1 
ATOM   82   N N   . HIS A 1 30  ? -1.283  16.205  5.993   1.00 26.34 ? 130 HIS A N   1 
ATOM   83   C CA  . HIS A 1 30  ? -2.292  15.337  6.584   1.00 28.49 ? 130 HIS A CA  1 
ATOM   84   C C   . HIS A 1 30  ? -3.205  14.731  5.531   1.00 26.89 ? 130 HIS A C   1 
ATOM   85   O O   . HIS A 1 30  ? -3.487  13.541  5.590   1.00 24.85 ? 130 HIS A O   1 
ATOM   86   C CB  . HIS A 1 30  ? -3.096  16.052  7.677   1.00 32.81 ? 130 HIS A CB  1 
ATOM   87   C CG  . HIS A 1 30  ? -2.401  16.058  9.001   1.00 37.20 ? 130 HIS A CG  1 
ATOM   88   N ND1 . HIS A 1 30  ? -1.596  17.097  9.414   1.00 41.37 ? 130 HIS A ND1 1 
ATOM   89   C CD2 . HIS A 1 30  ? -2.338  15.122  9.979   1.00 41.60 ? 130 HIS A CD2 1 
ATOM   90   C CE1 . HIS A 1 30  ? -1.097  16.818  10.607  1.00 42.06 ? 130 HIS A CE1 1 
ATOM   91   N NE2 . HIS A 1 30  ? -1.528  15.623  10.969  1.00 42.27 ? 130 HIS A NE2 1 
ATOM   92   N N   . LEU A 1 31  ? -3.619  15.530  4.551   1.00 23.90 ? 131 LEU A N   1 
ATOM   93   C CA  . LEU A 1 31  ? -4.495  15.044  3.487   1.00 23.19 ? 131 LEU A CA  1 
ATOM   94   C C   . LEU A 1 31  ? -3.785  13.968  2.636   1.00 19.97 ? 131 LEU A C   1 
ATOM   95   O O   . LEU A 1 31  ? -4.375  12.908  2.334   1.00 19.69 ? 131 LEU A O   1 
ATOM   96   C CB  . LEU A 1 31  ? -4.968  16.207  2.617   1.00 24.26 ? 131 LEU A CB  1 
ATOM   97   C CG  . LEU A 1 31  ? -5.981  15.907  1.512   1.00 26.83 ? 131 LEU A CG  1 
ATOM   98   C CD1 . LEU A 1 31  ? -7.187  15.152  2.033   1.00 26.40 ? 131 LEU A CD1 1 
ATOM   99   C CD2 . LEU A 1 31  ? -6.444  17.203  0.859   1.00 28.52 ? 131 LEU A CD2 1 
ATOM   100  N N   . ALA A 1 32  ? -2.530  14.220  2.284   1.00 17.58 ? 132 ALA A N   1 
ATOM   101  C CA  . ALA A 1 32  ? -1.735  13.262  1.509   1.00 17.12 ? 132 ALA A CA  1 
ATOM   102  C C   . ALA A 1 32  ? -1.633  11.933  2.258   1.00 16.93 ? 132 ALA A C   1 
ATOM   103  O O   . ALA A 1 32  ? -1.763  10.878  1.654   1.00 16.05 ? 132 ALA A O   1 
ATOM   104  C CB  . ALA A 1 32  ? -0.354  13.800  1.186   1.00 17.19 ? 132 ALA A CB  1 
ATOM   105  N N   . LEU A 1 33  ? -1.441  11.992  3.578   1.00 16.78 ? 133 LEU A N   1 
ATOM   106  C CA  . LEU A 1 33  ? -1.265  10.780  4.379   1.00 16.70 ? 133 LEU A CA  1 
ATOM   107  C C   . LEU A 1 33  ? -2.591  10.076  4.681   1.00 17.29 ? 133 LEU A C   1 
ATOM   108  O O   . LEU A 1 33  ? -2.573  8.981   5.199   1.00 18.72 ? 133 LEU A O   1 
ATOM   109  C CB  . LEU A 1 33  ? -0.511  11.088  5.683   1.00 17.23 ? 133 LEU A CB  1 
ATOM   110  C CG  . LEU A 1 33  ? 0.924   11.555  5.491   1.00 18.66 ? 133 LEU A CG  1 
ATOM   111  C CD1 . LEU A 1 33  ? 1.504   12.123  6.788   1.00 19.49 ? 133 LEU A CD1 1 
ATOM   112  C CD2 . LEU A 1 33  ? 1.812   10.476  4.928   1.00 18.62 ? 133 LEU A CD2 1 
ATOM   113  N N   . MET A 1 34  ? -3.742  10.690  4.384   1.00 17.44 ? 134 MET A N   1 
ATOM   114  C CA  . MET A 1 34  ? -5.007  9.934   4.418   1.00 18.25 ? 134 MET A CA  1 
ATOM   115  C C   . MET A 1 34  ? -5.318  9.242   3.082   1.00 16.34 ? 134 MET A C   1 
ATOM   116  O O   . MET A 1 34  ? -6.004  8.214   3.057   1.00 15.34 ? 134 MET A O   1 
ATOM   117  C CB  . MET A 1 34  ? -6.183  10.846  4.781   1.00 21.19 ? 134 MET A CB  1 
ATOM   118  C CG  . MET A 1 34  ? -6.163  11.397  6.193   1.00 24.99 ? 134 MET A CG  1 
ATOM   119  S SD  . MET A 1 34  ? -5.974  10.112  7.440   1.00 30.95 ? 134 MET A SD  1 
ATOM   120  C CE  . MET A 1 34  ? -7.475  9.172   7.232   1.00 28.72 ? 134 MET A CE  1 
ATOM   121  N N   . LEU A 1 35  ? -4.820  9.810   1.999   1.00 15.21 ? 135 LEU A N   1 
ATOM   122  C CA  . LEU A 1 35  ? -5.209  9.411   0.641   1.00 15.10 ? 135 LEU A CA  1 
ATOM   123  C C   . LEU A 1 35  ? -4.205  8.505   -0.073  1.00 13.88 ? 135 LEU A C   1 
ATOM   124  O O   . LEU A 1 35  ? -4.584  7.846   -1.040  1.00 13.12 ? 135 LEU A O   1 
ATOM   125  C CB  . LEU A 1 35  ? -5.435  10.654  -0.228  1.00 16.80 ? 135 LEU A CB  1 
ATOM   126  C CG  . LEU A 1 35  ? -6.610  11.580  0.144   1.00 17.40 ? 135 LEU A CG  1 
ATOM   127  C CD1 . LEU A 1 35  ? -6.713  12.727  -0.847  1.00 18.08 ? 135 LEU A CD1 1 
ATOM   128  C CD2 . LEU A 1 35  ? -7.913  10.827  0.221   1.00 17.70 ? 135 LEU A CD2 1 
ATOM   129  N N   . ILE A 1 36  ? -2.925  8.553   0.316   1.00 13.11 ? 136 ILE A N   1 
ATOM   130  C CA  . ILE A 1 36  ? -1.874  7.841   -0.425  1.00 13.59 ? 136 ILE A CA  1 
ATOM   131  C C   . ILE A 1 36  ? -1.252  6.840   0.539   1.00 12.77 ? 136 ILE A C   1 
ATOM   132  O O   . ILE A 1 36  ? -1.023  7.205   1.700   1.00 12.65 ? 136 ILE A O   1 
ATOM   133  C CB  . ILE A 1 36  ? -0.803  8.834   -0.926  1.00 14.00 ? 136 ILE A CB  1 
ATOM   134  C CG1 . ILE A 1 36  ? -1.457  9.882   -1.836  1.00 15.84 ? 136 ILE A CG1 1 
ATOM   135  C CG2 . ILE A 1 36  ? 0.322   8.137   -1.684  1.00 13.68 ? 136 ILE A CG2 1 
ATOM   136  C CD1 . ILE A 1 36  ? -0.550  11.012  -2.175  1.00 17.86 ? 136 ILE A CD1 1 
ATOM   137  N N   . PRO A 1 37  ? -0.977  5.591   0.085   1.00 12.63 ? 137 PRO A N   1 
ATOM   138  C CA  . PRO A 1 37  ? -0.422  4.589   1.013   1.00 12.39 ? 137 PRO A CA  1 
ATOM   139  C C   . PRO A 1 37  ? 0.758   5.082   1.815   1.00 11.97 ? 137 PRO A C   1 
ATOM   140  O O   . PRO A 1 37  ? 1.674   5.694   1.264   1.00 12.66 ? 137 PRO A O   1 
ATOM   141  C CB  . PRO A 1 37  ? 0.016   3.453   0.084   1.00 13.24 ? 137 PRO A CB  1 
ATOM   142  C CG  . PRO A 1 37  ? -0.942  3.524   -1.050  1.00 13.39 ? 137 PRO A CG  1 
ATOM   143  C CD  . PRO A 1 37  ? -1.309  4.986   -1.218  1.00 12.46 ? 137 PRO A CD  1 
ATOM   144  N N   . ASN A 1 38  ? 0.750   4.815   3.113   1.00 11.91 ? 138 ASN A N   1 
ATOM   145  C CA  . ASN A 1 38  ? 1.878   5.158   3.966   1.00 12.36 ? 138 ASN A CA  1 
ATOM   146  C C   . ASN A 1 38  ? 1.887   4.273   5.191   1.00 13.42 ? 138 ASN A C   1 
ATOM   147  O O   . ASN A 1 38  ? 0.825   3.838   5.647   1.00 13.32 ? 138 ASN A O   1 
ATOM   148  C CB  . ASN A 1 38  ? 1.836   6.638   4.388   1.00 12.77 ? 138 ASN A CB  1 
ATOM   149  C CG  . ASN A 1 38  ? 0.603   7.013   5.173   1.00 13.50 ? 138 ASN A CG  1 
ATOM   150  O OD1 . ASN A 1 38  ? 0.636   7.119   6.406   1.00 14.19 ? 138 ASN A OD1 1 
ATOM   151  N ND2 . ASN A 1 38  ? -0.490  7.275   4.475   1.00 13.37 ? 138 ASN A ND2 1 
ATOM   152  N N   . GLY A 1 39  ? 3.088   4.019   5.716   1.00 13.29 ? 139 GLY A N   1 
ATOM   153  C CA  . GLY A 1 39  ? 3.245   3.289   6.959   1.00 14.59 ? 139 GLY A CA  1 
ATOM   154  C C   . GLY A 1 39  ? 3.120   1.791   6.774   1.00 14.38 ? 139 GLY A C   1 
ATOM   155  O O   . GLY A 1 39  ? 3.023   1.267   5.654   1.00 14.86 ? 139 GLY A O   1 
ATOM   156  N N   . MET A 1 40  ? 3.152   1.086   7.885   1.00 14.81 ? 140 MET A N   1 
ATOM   157  C CA  . MET A 1 40  ? 3.173   -0.374  7.860   1.00 15.21 ? 140 MET A CA  1 
ATOM   158  C C   . MET A 1 40  ? 1.757   -0.934  7.833   1.00 14.64 ? 140 MET A C   1 
ATOM   159  O O   . MET A 1 40  ? 0.917   -0.521  8.657   1.00 14.92 ? 140 MET A O   1 
ATOM   160  C CB  . MET A 1 40  ? 3.892   -0.917  9.100   1.00 16.74 ? 140 MET A CB  1 
ATOM   161  C CG  . MET A 1 40  ? 5.335   -0.495  9.206   1.00 18.44 ? 140 MET A CG  1 
ATOM   162  S SD  . MET A 1 40  ? 6.374   -1.273  7.985   1.00 20.28 ? 140 MET A SD  1 
ATOM   163  C CE  . MET A 1 40  ? 7.996   -0.630  8.421   1.00 20.76 ? 140 MET A CE  1 
ATOM   164  N N   . PRO A 1 41  ? 1.489   -1.922  6.943   1.00 13.61 ? 141 PRO A N   1 
ATOM   165  C CA  . PRO A 1 41  ? 0.173   -2.581  6.876   1.00 14.02 ? 141 PRO A CA  1 
ATOM   166  C C   . PRO A 1 41  ? -0.017  -3.751  7.844   1.00 14.26 ? 141 PRO A C   1 
ATOM   167  O O   . PRO A 1 41  ? -1.046  -4.427  7.782   1.00 16.06 ? 141 PRO A O   1 
ATOM   168  C CB  . PRO A 1 41  ? 0.123   -3.104  5.435   1.00 13.99 ? 141 PRO A CB  1 
ATOM   169  C CG  . PRO A 1 41  ? 1.536   -3.354  5.071   1.00 14.17 ? 141 PRO A CG  1 
ATOM   170  C CD  . PRO A 1 41  ? 2.367   -2.364  5.854   1.00 13.96 ? 141 PRO A CD  1 
ATOM   171  N N   . ILE A 1 42  ? 0.970   -4.000  8.703   1.00 14.87 ? 142 ILE A N   1 
ATOM   172  C CA  . ILE A 1 42  ? 0.948   -5.098  9.643   1.00 15.81 ? 142 ILE A CA  1 
ATOM   173  C C   . ILE A 1 42  ? 1.789   -4.646  10.859  1.00 16.98 ? 142 ILE A C   1 
ATOM   174  O O   . ILE A 1 42  ? 2.848   -3.968  10.695  1.00 16.67 ? 142 ILE A O   1 
ATOM   175  C CB  . ILE A 1 42  ? 1.525   -6.337  8.921   1.00 16.75 ? 142 ILE A CB  1 
ATOM   176  C CG1 . ILE A 1 42  ? 1.282   -7.624  9.664   1.00 17.43 ? 142 ILE A CG1 1 
ATOM   177  C CG2 . ILE A 1 42  ? 3.009   -6.183  8.608   1.00 16.97 ? 142 ILE A CG2 1 
ATOM   178  C CD1 . ILE A 1 42  ? 1.634   -8.820  8.796   1.00 18.35 ? 142 ILE A CD1 1 
ATOM   179  N N   . LYS A 1 43  ? 1.337   -5.017  12.049  1.00 18.78 ? 143 LYS A N   1 
ATOM   180  C CA  . LYS A 1 43  ? 1.955   -4.547  13.318  1.00 20.34 ? 143 LYS A CA  1 
ATOM   181  C C   . LYS A 1 43  ? 3.088   -5.401  13.844  1.00 22.10 ? 143 LYS A C   1 
ATOM   182  O O   . LYS A 1 43  ? 3.906   -4.919  14.670  1.00 21.49 ? 143 LYS A O   1 
ATOM   183  C CB  . LYS A 1 43  ? 0.896   -4.420  14.405  1.00 22.42 ? 143 LYS A CB  1 
ATOM   184  C CG  . LYS A 1 43  ? -0.147  -3.364  14.087  1.00 25.43 ? 143 LYS A CG  1 
ATOM   185  C CD  . LYS A 1 43  ? -1.292  -3.402  15.085  1.00 29.70 ? 143 LYS A CD  1 
ATOM   186  C CE  . LYS A 1 43  ? -2.207  -2.210  14.903  1.00 32.00 ? 143 LYS A CE  1 
ATOM   187  N NZ  . LYS A 1 43  ? -3.221  -2.164  15.994  1.00 35.62 ? 143 LYS A NZ  1 
ATOM   188  N N   . THR A 1 44  ? 3.100   -6.658  13.408  1.00 20.07 ? 144 THR A N   1 
ATOM   189  C CA  . THR A 1 44  ? 4.009   -7.666  13.887  1.00 21.92 ? 144 THR A CA  1 
ATOM   190  C C   . THR A 1 44  ? 4.605   -8.352  12.674  1.00 19.35 ? 144 THR A C   1 
ATOM   191  O O   . THR A 1 44  ? 3.881   -8.780  11.787  1.00 21.83 ? 144 THR A O   1 
ATOM   192  C CB  . THR A 1 44  ? 3.293   -8.722  14.756  1.00 24.78 ? 144 THR A CB  1 
ATOM   193  O OG1 . THR A 1 44  ? 2.578   -8.060  15.800  1.00 31.61 ? 144 THR A OG1 1 
ATOM   194  C CG2 . THR A 1 44  ? 4.313   -9.652  15.412  1.00 28.23 ? 144 THR A CG2 1 
ATOM   195  N N   . TYR A 1 45  ? 5.922   -8.444  12.647  1.00 17.63 ? 145 TYR A N   1 
ATOM   196  C CA  . TYR A 1 45  ? 6.637   -9.196  11.618  1.00 16.51 ? 145 TYR A CA  1 
ATOM   197  C C   . TYR A 1 45  ? 8.001   -9.501  12.177  1.00 17.17 ? 145 TYR A C   1 
ATOM   198  O O   . TYR A 1 45  ? 8.505   -8.779  13.084  1.00 17.05 ? 145 TYR A O   1 
ATOM   199  C CB  . TYR A 1 45  ? 6.739   -8.386  10.285  1.00 15.58 ? 145 TYR A CB  1 
ATOM   200  C CG  . TYR A 1 45  ? 7.383   -7.039  10.445  1.00 15.10 ? 145 TYR A CG  1 
ATOM   201  C CD1 . TYR A 1 45  ? 8.763   -6.911  10.432  1.00 16.12 ? 145 TYR A CD1 1 
ATOM   202  C CD2 . TYR A 1 45  ? 6.609   -5.886  10.670  1.00 16.52 ? 145 TYR A CD2 1 
ATOM   203  C CE1 . TYR A 1 45  ? 9.362   -5.668  10.653  1.00 16.68 ? 145 TYR A CE1 1 
ATOM   204  C CE2 . TYR A 1 45  ? 7.205   -4.643  10.868  1.00 16.49 ? 145 TYR A CE2 1 
ATOM   205  C CZ  . TYR A 1 45  ? 8.590   -4.545  10.842  1.00 16.62 ? 145 TYR A CZ  1 
ATOM   206  O OH  . TYR A 1 45  ? 9.236   -3.316  11.063  1.00 18.15 ? 145 TYR A OH  1 
ATOM   207  N N   . SER A 1 46  ? 8.614   -10.548 11.654  1.00 16.37 ? 146 SER A N   1 
ATOM   208  C CA  . SER A 1 46  ? 9.965   -10.920 12.049  1.00 16.62 ? 146 SER A CA  1 
ATOM   209  C C   . SER A 1 46  ? 10.983  -10.369 11.078  1.00 15.94 ? 146 SER A C   1 
ATOM   210  O O   . SER A 1 46  ? 12.100  -10.109 11.473  1.00 15.37 ? 146 SER A O   1 
ATOM   211  C CB  . SER A 1 46  ? 10.101  -12.437 12.163  1.00 18.40 ? 146 SER A CB  1 
ATOM   212  O OG  . SER A 1 46  ? 9.730   -13.097 10.965  1.00 18.33 ? 146 SER A OG  1 
ATOM   213  N N   . ALA A 1 47  ? 10.609  -10.171 9.806   1.00 14.22 ? 147 ALA A N   1 
ATOM   214  C CA  . ALA A 1 47  ? 11.550  -9.711  8.779   1.00 12.90 ? 147 ALA A CA  1 
ATOM   215  C C   . ALA A 1 47  ? 10.798  -9.034  7.622   1.00 12.62 ? 147 ALA A C   1 
ATOM   216  O O   . ALA A 1 47  ? 9.595   -9.235  7.473   1.00 11.56 ? 147 ALA A O   1 
ATOM   217  C CB  . ALA A 1 47  ? 12.348  -10.866 8.247   1.00 13.26 ? 147 ALA A CB  1 
ATOM   218  N N   . ILE A 1 48  ? 11.508  -8.188  6.878   1.00 11.51 ? 148 ILE A N   1 
ATOM   219  C CA  . ILE A 1 48  ? 10.979  -7.570  5.667   1.00 12.07 ? 148 ILE A CA  1 
ATOM   220  C C   . ILE A 1 48  ? 11.999  -7.853  4.592   1.00 12.65 ? 148 ILE A C   1 
ATOM   221  O O   . ILE A 1 48  ? 13.178  -7.552  4.785   1.00 12.31 ? 148 ILE A O   1 
ATOM   222  C CB  . ILE A 1 48  ? 10.805  -6.035  5.765   1.00 12.30 ? 148 ILE A CB  1 
ATOM   223  C CG1 . ILE A 1 48  ? 9.892   -5.663  6.926   1.00 12.61 ? 148 ILE A CG1 1 
ATOM   224  C CG2 . ILE A 1 48  ? 10.262  -5.482  4.432   1.00 12.97 ? 148 ILE A CG2 1 
ATOM   225  C CD1 . ILE A 1 48  ? 9.742   -4.158  7.190   1.00 12.65 ? 148 ILE A CD1 1 
ATOM   226  N N   . LYS A 1 49  ? 11.559  -8.417  3.468   1.00 12.10 ? 149 LYS A N   1 
ATOM   227  C CA  . LYS A 1 49  ? 12.459  -8.699  2.352   1.00 13.69 ? 149 LYS A CA  1 
ATOM   228  C C   . LYS A 1 49  ? 11.813  -8.394  1.001   1.00 13.44 ? 149 LYS A C   1 
ATOM   229  O O   . LYS A 1 49  ? 10.641  -8.665  0.839   1.00 12.00 ? 149 LYS A O   1 
ATOM   230  C CB  . LYS A 1 49  ? 12.882  -10.154 2.391   1.00 15.59 ? 149 LYS A CB  1 
ATOM   231  C CG  . LYS A 1 49  ? 14.144  -10.445 1.577   1.00 20.26 ? 149 LYS A CG  1 
ATOM   232  C CD  . LYS A 1 49  ? 14.671  -11.862 1.809   1.00 23.01 ? 149 LYS A CD  1 
ATOM   233  C CE  . LYS A 1 49  ? 15.966  -12.135 1.040   1.00 24.51 ? 149 LYS A CE  1 
ATOM   234  N NZ  . LYS A 1 49  ? 16.390  -13.557 1.233   1.00 26.20 ? 149 LYS A NZ  1 
ATOM   235  N N   . PRO A 1 50  ? 12.583  -7.849  0.019   1.00 13.14 ? 150 PRO A N   1 
ATOM   236  C CA  . PRO A 1 50  ? 11.970  -7.593  -1.283  1.00 12.77 ? 150 PRO A CA  1 
ATOM   237  C C   . PRO A 1 50  ? 11.604  -8.899  -1.988  1.00 11.75 ? 150 PRO A C   1 
ATOM   238  O O   . PRO A 1 50  ? 12.325  -9.914  -1.903  1.00 11.58 ? 150 PRO A O   1 
ATOM   239  C CB  . PRO A 1 50  ? 13.074  -6.872  -2.078  1.00 14.13 ? 150 PRO A CB  1 
ATOM   240  C CG  . PRO A 1 50  ? 14.015  -6.362  -1.057  1.00 15.08 ? 150 PRO A CG  1 
ATOM   241  C CD  . PRO A 1 50  ? 13.982  -7.377  0.053   1.00 14.62 ? 150 PRO A CD  1 
ATOM   242  N N   . THR A 1 51  ? 10.488  -8.862  -2.695  1.00 11.39 ? 151 THR A N   1 
ATOM   243  C CA  . THR A 1 51  ? 10.039  -10.015 -3.462  1.00 12.19 ? 151 THR A CA  1 
ATOM   244  C C   . THR A 1 51  ? 11.005  -10.363 -4.620  1.00 13.51 ? 151 THR A C   1 
ATOM   245  O O   . THR A 1 51  ? 11.093  -11.524 -5.016  1.00 14.08 ? 151 THR A O   1 
ATOM   246  C CB  . THR A 1 51  ? 8.586   -9.807  -3.890  1.00 11.78 ? 151 THR A CB  1 
ATOM   247  O OG1 . THR A 1 51  ? 7.822   -9.561  -2.690  1.00 11.71 ? 151 THR A OG1 1 
ATOM   248  C CG2 . THR A 1 51  ? 8.049   -11.030 -4.592  1.00 13.09 ? 151 THR A CG2 1 
ATOM   249  N N   . LYS A 1 52  ? 11.745  -9.363  -5.094  1.00 14.81 ? 152 LYS A N   1 
ATOM   250  C CA  . LYS A 1 52  ? 12.864  -9.548  -6.026  1.00 18.35 ? 152 LYS A CA  1 
ATOM   251  C C   . LYS A 1 52  ? 13.845  -10.634 -5.593  1.00 19.63 ? 152 LYS A C   1 
ATOM   252  O O   . LYS A 1 52  ? 14.485  -11.258 -6.444  1.00 19.69 ? 152 LYS A O   1 
ATOM   253  C CB  . LYS A 1 52  ? 13.626  -8.236  -6.141  1.00 22.74 ? 152 LYS A CB  1 
ATOM   254  C CG  . LYS A 1 52  ? 14.585  -8.099  -7.302  1.00 27.87 ? 152 LYS A CG  1 
ATOM   255  C CD  . LYS A 1 52  ? 15.055  -6.655  -7.456  1.00 31.94 ? 152 LYS A CD  1 
ATOM   256  C CE  . LYS A 1 52  ? 15.672  -6.112  -6.175  1.00 35.42 ? 152 LYS A CE  1 
ATOM   257  N NZ  . LYS A 1 52  ? 16.614  -4.964  -6.384  1.00 39.68 ? 152 LYS A NZ  1 
ATOM   258  N N   . GLU A 1 53  ? 13.993  -10.821 -4.284  1.00 19.47 ? 153 GLU A N   1 
ATOM   259  C CA  . GLU A 1 53  ? 14.938  -11.770 -3.726  1.00 20.99 ? 153 GLU A CA  1 
ATOM   260  C C   . GLU A 1 53  ? 14.359  -13.165 -3.459  1.00 20.02 ? 153 GLU A C   1 
ATOM   261  O O   . GLU A 1 53  ? 15.045  -13.988 -2.855  1.00 23.42 ? 153 GLU A O   1 
ATOM   262  C CB  . GLU A 1 53  ? 15.584  -11.168 -2.464  1.00 23.91 ? 153 GLU A CB  1 
ATOM   263  C CG  . GLU A 1 53  ? 16.315  -9.860  -2.767  1.00 27.24 ? 153 GLU A CG  1 
ATOM   264  C CD  . GLU A 1 53  ? 16.919  -9.193  -1.552  1.00 32.89 ? 153 GLU A CD  1 
ATOM   265  O OE1 . GLU A 1 53  ? 17.290  -9.919  -0.598  1.00 35.31 ? 153 GLU A OE1 1 
ATOM   266  O OE2 . GLU A 1 53  ? 17.016  -7.939  -1.561  1.00 34.20 ? 153 GLU A OE2 1 
ATOM   267  N N   . ARG A 1 54  ? 13.128  -13.449 -3.902  1.00 17.50 ? 154 ARG A N   1 
ATOM   268  C CA  . ARG A 1 54  ? 12.592  -14.793 -3.899  1.00 17.60 ? 154 ARG A CA  1 
ATOM   269  C C   . ARG A 1 54  ? 11.968  -15.121 -5.231  1.00 17.98 ? 154 ARG A C   1 
ATOM   270  O O   . ARG A 1 54  ? 11.835  -14.259 -6.086  1.00 17.20 ? 154 ARG A O   1 
ATOM   271  C CB  . ARG A 1 54  ? 11.589  -15.003 -2.755  1.00 17.31 ? 154 ARG A CB  1 
ATOM   272  C CG  . ARG A 1 54  ? 10.232  -14.343 -2.975  1.00 16.21 ? 154 ARG A CG  1 
ATOM   273  C CD  . ARG A 1 54  ? 9.240   -14.824 -1.937  1.00 15.16 ? 154 ARG A CD  1 
ATOM   274  N NE  . ARG A 1 54  ? 8.053   -13.979 -1.939  1.00 14.65 ? 154 ARG A NE  1 
ATOM   275  C CZ  . ARG A 1 54  ? 6.829   -14.359 -2.275  1.00 13.60 ? 154 ARG A CZ  1 
ATOM   276  N NH1 . ARG A 1 54  ? 6.576   -15.587 -2.734  1.00 13.51 ? 154 ARG A NH1 1 
ATOM   277  N NH2 . ARG A 1 54  ? 5.870   -13.475 -2.196  1.00 13.79 ? 154 ARG A NH2 1 
ATOM   278  N N   . ASN A 1 55  ? 11.576  -16.374 -5.414  1.00 19.90 ? 155 ASN A N   1 
ATOM   279  C CA  . ASN A 1 55  ? 10.904  -16.769 -6.645  1.00 20.82 ? 155 ASN A CA  1 
ATOM   280  C C   . ASN A 1 55  ? 9.561   -16.063 -6.693  1.00 19.46 ? 155 ASN A C   1 
ATOM   281  O O   . ASN A 1 55  ? 8.761   -16.212 -5.780  1.00 19.58 ? 155 ASN A O   1 
ATOM   282  C CB  . ASN A 1 55  ? 10.746  -18.289 -6.773  1.00 24.08 ? 155 ASN A CB  1 
ATOM   283  C CG  . ASN A 1 55  ? 12.059  -19.004 -7.098  1.00 26.55 ? 155 ASN A CG  1 
ATOM   284  O OD1 . ASN A 1 55  ? 12.970  -18.438 -7.697  1.00 29.75 ? 155 ASN A OD1 1 
ATOM   285  N ND2 . ASN A 1 55  ? 12.151  -20.263 -6.696  1.00 29.62 ? 155 ASN A ND2 1 
ATOM   286  N N   . HIS A 1 56  ? 9.345   -15.249 -7.723  1.00 17.88 ? 156 HIS A N   1 
ATOM   287  C CA  . HIS A 1 56  ? 8.155   -14.401 -7.811  1.00 16.96 ? 156 HIS A CA  1 
ATOM   288  C C   . HIS A 1 56  ? 6.876   -15.252 -7.819  1.00 18.09 ? 156 HIS A C   1 
ATOM   289  O O   . HIS A 1 56  ? 6.877   -16.275 -8.472  1.00 17.91 ? 156 HIS A O   1 
ATOM   290  C CB  . HIS A 1 56  ? 8.213   -13.565 -9.074  1.00 17.58 ? 156 HIS A CB  1 
ATOM   291  C CG  . HIS A 1 56  ? 7.130   -12.543 -9.174  1.00 17.17 ? 156 HIS A CG  1 
ATOM   292  N ND1 . HIS A 1 56  ? 5.957   -12.760 -9.844  1.00 16.73 ? 156 HIS A ND1 1 
ATOM   293  C CD2 . HIS A 1 56  ? 7.043   -11.286 -8.676  1.00 17.98 ? 156 HIS A CD2 1 
ATOM   294  C CE1 . HIS A 1 56  ? 5.198   -11.685 -9.785  1.00 17.74 ? 156 HIS A CE1 1 
ATOM   295  N NE2 . HIS A 1 56  ? 5.833   -10.769 -9.075  1.00 17.10 ? 156 HIS A NE2 1 
ATOM   296  N N   . PRO A 1 57  ? 5.799   -14.824 -7.117  1.00 16.85 ? 157 PRO A N   1 
ATOM   297  C CA  . PRO A 1 57  ? 4.577   -15.660 -7.068  1.00 17.64 ? 157 PRO A CA  1 
ATOM   298  C C   . PRO A 1 57  ? 4.040   -16.161 -8.438  1.00 21.13 ? 157 PRO A C   1 
ATOM   299  O O   . PRO A 1 57  ? 3.570   -17.300 -8.538  1.00 20.46 ? 157 PRO A O   1 
ATOM   300  C CB  . PRO A 1 57  ? 3.568   -14.752 -6.378  1.00 17.38 ? 157 PRO A CB  1 
ATOM   301  C CG  . PRO A 1 57  ? 4.395   -13.939 -5.419  1.00 16.85 ? 157 PRO A CG  1 
ATOM   302  C CD  . PRO A 1 57  ? 5.748   -13.739 -6.092  1.00 16.56 ? 157 PRO A CD  1 
ATOM   303  N N   . ILE A 1 58  ? 4.131   -15.332 -9.468  1.00 20.58 ? 158 ILE A N   1 
ATOM   304  C CA  . ILE A 1 58  ? 3.708   -15.701 -10.837 1.00 22.52 ? 158 ILE A CA  1 
ATOM   305  C C   . ILE A 1 58  ? 4.867   -16.178 -11.715 1.00 25.02 ? 158 ILE A C   1 
ATOM   306  O O   . ILE A 1 58  ? 4.814   -17.257 -12.280 1.00 24.28 ? 158 ILE A O   1 
ATOM   307  C CB  . ILE A 1 58  ? 3.026   -14.519 -11.533 1.00 23.97 ? 158 ILE A CB  1 
ATOM   308  C CG1 . ILE A 1 58  ? 1.946   -13.876 -10.653 1.00 25.02 ? 158 ILE A CG1 1 
ATOM   309  C CG2 . ILE A 1 58  ? 2.493   -14.914 -12.927 1.00 24.49 ? 158 ILE A CG2 1 
ATOM   310  C CD1 . ILE A 1 58  ? 0.837   -14.794 -10.165 1.00 25.53 ? 158 ILE A CD1 1 
ATOM   311  N N   . LYS A 1 59  ? 5.904   -15.362 -11.864 1.00 24.42 ? 159 LYS A N   1 
ATOM   312  C CA  . LYS A 1 59  ? 7.006   -15.655 -12.779 1.00 24.93 ? 159 LYS A CA  1 
ATOM   313  C C   . LYS A 1 59  ? 7.971   -16.726 -12.304 1.00 25.13 ? 159 LYS A C   1 
ATOM   314  O O   . LYS A 1 59  ? 8.728   -17.277 -13.106 1.00 23.83 ? 159 LYS A O   1 
ATOM   315  C CB  . LYS A 1 59  ? 7.755   -14.345 -13.101 1.00 27.95 ? 159 LYS A CB  1 
ATOM   316  C CG  . LYS A 1 59  ? 6.848   -13.334 -13.794 1.00 30.16 ? 159 LYS A CG  1 
ATOM   317  C CD  . LYS A 1 59  ? 7.547   -12.027 -14.145 1.00 35.71 ? 159 LYS A CD  1 
ATOM   318  C CE  . LYS A 1 59  ? 6.561   -11.014 -14.711 1.00 39.01 ? 159 LYS A CE  1 
ATOM   319  N NZ  . LYS A 1 59  ? 7.134   -9.633  -14.796 1.00 42.69 ? 159 LYS A NZ  1 
ATOM   320  N N   . LYS A 1 60  ? 7.987   -16.991 -10.997 1.00 22.18 ? 160 LYS A N   1 
ATOM   321  C CA  . LYS A 1 60  ? 8.732   -18.102 -10.389 1.00 22.62 ? 160 LYS A CA  1 
ATOM   322  C C   . LYS A 1 60  ? 10.250  -18.057 -10.597 1.00 24.19 ? 160 LYS A C   1 
ATOM   323  O O   . LYS A 1 60  ? 10.931  -19.101 -10.623 1.00 25.86 ? 160 LYS A O   1 
ATOM   324  C CB  . LYS A 1 60  ? 8.094   -19.448 -10.810 1.00 23.00 ? 160 LYS A CB  1 
ATOM   325  C CG  . LYS A 1 60  ? 6.742   -19.629 -10.131 1.00 23.26 ? 160 LYS A CG  1 
ATOM   326  C CD  . LYS A 1 60  ? 6.008   -20.926 -10.461 1.00 23.84 ? 160 LYS A CD  1 
ATOM   327  C CE  . LYS A 1 60  ? 4.650   -20.993 -9.737  1.00 23.51 ? 160 LYS A CE  1 
ATOM   328  N NZ  . LYS A 1 60  ? 3.809   -19.760 -9.936  1.00 22.53 ? 160 LYS A NZ  1 
ATOM   329  N N   . ILE A 1 61  ? 10.761  -16.834 -10.732 1.00 25.00 ? 161 ILE A N   1 
ATOM   330  C CA  . ILE A 1 61  ? 12.190  -16.545 -10.868 1.00 25.11 ? 161 ILE A CA  1 
ATOM   331  C C   . ILE A 1 61  ? 12.495  -15.401 -9.932  1.00 24.14 ? 161 ILE A C   1 
ATOM   332  O O   . ILE A 1 61  ? 11.576  -14.642 -9.552  1.00 23.01 ? 161 ILE A O   1 
ATOM   333  C CB  . ILE A 1 61  ? 12.600  -16.129 -12.307 1.00 27.14 ? 161 ILE A CB  1 
ATOM   334  C CG1 . ILE A 1 61  ? 11.725  -14.972 -12.825 1.00 27.04 ? 161 ILE A CG1 1 
ATOM   335  C CG2 . ILE A 1 61  ? 12.499  -17.327 -13.248 1.00 28.79 ? 161 ILE A CG2 1 
ATOM   336  C CD1 . ILE A 1 61  ? 12.148  -14.417 -14.182 1.00 29.80 ? 161 ILE A CD1 1 
ATOM   337  N N   . LYS A 1 62  ? 13.764  -15.294 -9.567  1.00 24.52 ? 162 LYS A N   1 
ATOM   338  C CA  . LYS A 1 62  ? 14.271  -14.169 -8.802  1.00 24.55 ? 162 LYS A CA  1 
ATOM   339  C C   . LYS A 1 62  ? 14.455  -12.961 -9.718  1.00 22.74 ? 162 LYS A C   1 
ATOM   340  O O   . LYS A 1 62  ? 14.468  -13.082 -10.945 1.00 23.04 ? 162 LYS A O   1 
ATOM   341  C CB  . LYS A 1 62  ? 15.568  -14.548 -8.081  1.00 28.18 ? 162 LYS A CB  1 
ATOM   342  C CG  . LYS A 1 62  ? 15.317  -15.592 -6.991  1.00 31.50 ? 162 LYS A CG  1 
ATOM   343  C CD  . LYS A 1 62  ? 16.584  -16.034 -6.297  1.00 35.53 ? 162 LYS A CD  1 
ATOM   344  C CE  . LYS A 1 62  ? 16.308  -17.266 -5.442  1.00 38.20 ? 162 LYS A CE  1 
ATOM   345  N NZ  . LYS A 1 62  ? 17.490  -17.622 -4.619  1.00 39.77 ? 162 LYS A NZ  1 
ATOM   346  N N   . GLY A 1 63  ? 14.553  -11.797 -9.104  1.00 19.76 ? 163 GLY A N   1 
ATOM   347  C CA  . GLY A 1 63  ? 14.902  -10.579 -9.779  1.00 19.52 ? 163 GLY A CA  1 
ATOM   348  C C   . GLY A 1 63  ? 13.786  -9.731  -10.319 1.00 19.24 ? 163 GLY A C   1 
ATOM   349  O O   . GLY A 1 63  ? 14.075  -8.748  -11.002 1.00 19.44 ? 163 GLY A O   1 
ATOM   350  N N   . VAL A 1 64  ? 12.526  -10.055 -10.013 1.00 17.23 ? 164 VAL A N   1 
ATOM   351  C CA  . VAL A 1 64  ? 11.396  -9.287  -10.508 1.00 17.55 ? 164 VAL A CA  1 
ATOM   352  C C   . VAL A 1 64  ? 11.134  -8.152  -9.496  1.00 17.07 ? 164 VAL A C   1 
ATOM   353  O O   . VAL A 1 64  ? 10.902  -8.426  -8.321  1.00 16.23 ? 164 VAL A O   1 
ATOM   354  C CB  . VAL A 1 64  ? 10.114  -10.155 -10.669 1.00 18.66 ? 164 VAL A CB  1 
ATOM   355  C CG1 . VAL A 1 64  ? 8.975   -9.333  -11.290 1.00 18.29 ? 164 VAL A CG1 1 
ATOM   356  C CG2 . VAL A 1 64  ? 10.377  -11.399 -11.518 1.00 19.29 ? 164 VAL A CG2 1 
ATOM   357  N N   . GLU A 1 65  ? 11.102  -6.911  -9.954  1.00 17.94 ? 165 GLU A N   1 
ATOM   358  C CA  . GLU A 1 65  ? 10.753  -5.775  -9.093  1.00 19.73 ? 165 GLU A CA  1 
ATOM   359  C C   . GLU A 1 65  ? 9.255   -5.948  -8.838  1.00 17.08 ? 165 GLU A C   1 
ATOM   360  O O   . GLU A 1 65  ? 8.446   -5.840  -9.733  1.00 15.45 ? 165 GLU A O   1 
ATOM   361  C CB  . GLU A 1 65  ? 10.988  -4.459  -9.767  1.00 22.96 ? 165 GLU A CB  1 
ATOM   362  C CG  . GLU A 1 65  ? 12.392  -3.959  -9.550  1.00 29.44 ? 165 GLU A CG  1 
ATOM   363  C CD  . GLU A 1 65  ? 12.662  -3.536  -8.106  1.00 31.14 ? 165 GLU A CD  1 
ATOM   364  O OE1 . GLU A 1 65  ? 11.734  -3.178  -7.349  1.00 37.55 ? 165 GLU A OE1 1 
ATOM   365  O OE2 . GLU A 1 65  ? 13.809  -3.566  -7.744  1.00 40.80 ? 165 GLU A OE2 1 
ATOM   366  N N   . SER A 1 66  ? 8.948   -6.238  -7.582  1.00 15.10 ? 166 SER A N   1 
ATOM   367  C CA  . SER A 1 66  ? 7.637   -6.627  -7.201  1.00 15.13 ? 166 SER A CA  1 
ATOM   368  C C   . SER A 1 66  ? 7.117   -6.409  -5.762  1.00 14.31 ? 166 SER A C   1 
ATOM   369  O O   . SER A 1 66  ? 6.287   -7.135  -5.306  1.00 14.72 ? 166 SER A O   1 
ATOM   370  C CB  . SER A 1 66  ? 7.542   -8.116  -7.528  1.00 16.70 ? 166 SER A CB  1 
ATOM   371  O OG  . SER A 1 66  ? 8.504   -8.876  -6.880  1.00 16.01 ? 166 SER A OG  1 
ATOM   372  N N   . GLY A 1 67  ? 7.615   -5.399  -5.095  1.00 12.77 ? 167 GLY A N   1 
ATOM   373  C CA  . GLY A 1 67  ? 7.142   -5.132  -3.767  1.00 12.17 ? 167 GLY A CA  1 
ATOM   374  C C   . GLY A 1 67  ? 7.936   -5.891  -2.730  1.00 11.38 ? 167 GLY A C   1 
ATOM   375  O O   . GLY A 1 67  ? 9.029   -6.293  -2.947  1.00 10.69 ? 167 GLY A O   1 
ATOM   376  N N   . ILE A 1 68  ? 7.296   -6.100  -1.597  1.00 10.91 ? 168 ILE A N   1 
ATOM   377  C CA  . ILE A 1 68  ? 7.982   -6.567  -0.405  1.00 11.82 ? 168 ILE A CA  1 
ATOM   378  C C   . ILE A 1 68  ? 7.158   -7.584  0.337   1.00 10.88 ? 168 ILE A C   1 
ATOM   379  O O   . ILE A 1 68  ? 5.920   -7.618  0.209   1.00 10.22 ? 168 ILE A O   1 
ATOM   380  C CB  . ILE A 1 68  ? 8.320   -5.451  0.619   1.00 13.17 ? 168 ILE A CB  1 
ATOM   381  C CG1 . ILE A 1 68  ? 7.081   -4.677  1.054   1.00 13.96 ? 168 ILE A CG1 1 
ATOM   382  C CG2 . ILE A 1 68  ? 9.379   -4.544  0.079   1.00 15.57 ? 168 ILE A CG2 1 
ATOM   383  C CD1 . ILE A 1 68  ? 7.361   -3.691  2.180   1.00 15.61 ? 168 ILE A CD1 1 
ATOM   384  N N   . ASP A 1 69  ? 7.863   -8.426  1.069   1.00 10.73 ? 169 ASP A N   1 
ATOM   385  C CA  . ASP A 1 69  ? 7.244   -9.445  1.904   1.00 11.18 ? 169 ASP A CA  1 
ATOM   386  C C   . ASP A 1 69  ? 7.535   -9.189  3.366   1.00 11.40 ? 169 ASP A C   1 
ATOM   387  O O   . ASP A 1 69  ? 8.702   -8.912  3.744   1.00 11.03 ? 169 ASP A O   1 
ATOM   388  C CB  . ASP A 1 69  ? 7.779   -10.819 1.541   1.00 11.75 ? 169 ASP A CB  1 
ATOM   389  C CG  . ASP A 1 69  ? 7.507   -11.190 0.105   1.00 13.64 ? 169 ASP A CG  1 
ATOM   390  O OD1 . ASP A 1 69  ? 6.331   -11.075 -0.318  1.00 14.46 ? 169 ASP A OD1 1 
ATOM   391  O OD2 . ASP A 1 69  ? 8.462   -11.613 -0.590  1.00 13.29 ? 169 ASP A OD2 1 
ATOM   392  N N   . PHE A 1 70  ? 6.487   -9.272  4.177   1.00 10.42 ? 170 PHE A N   1 
ATOM   393  C CA  . PHE A 1 70  ? 6.599   -9.179  5.623   1.00 11.40 ? 170 PHE A CA  1 
ATOM   394  C C   . PHE A 1 70  ? 6.518   -10.598 6.123   1.00 12.23 ? 170 PHE A C   1 
ATOM   395  O O   . PHE A 1 70  ? 5.468   -11.250 5.979   1.00 11.89 ? 170 PHE A O   1 
ATOM   396  C CB  . PHE A 1 70  ? 5.464   -8.384  6.248   1.00 10.64 ? 170 PHE A CB  1 
ATOM   397  C CG  . PHE A 1 70  ? 5.488   -6.919  5.939   1.00 10.40 ? 170 PHE A CG  1 
ATOM   398  C CD1 . PHE A 1 70  ? 4.888   -6.440  4.788   1.00 10.86 ? 170 PHE A CD1 1 
ATOM   399  C CD2 . PHE A 1 70  ? 6.088   -6.015  6.806   1.00 10.75 ? 170 PHE A CD2 1 
ATOM   400  C CE1 . PHE A 1 70  ? 4.857   -5.081  4.517   1.00 11.24 ? 170 PHE A CE1 1 
ATOM   401  C CE2 . PHE A 1 70  ? 6.093   -4.670  6.538   1.00 11.08 ? 170 PHE A CE2 1 
ATOM   402  C CZ  . PHE A 1 70  ? 5.479   -4.191  5.394   1.00 11.49 ? 170 PHE A CZ  1 
ATOM   403  N N   . ILE A 1 71  ? 7.603   -11.091 6.710   1.00 12.56 ? 171 ILE A N   1 
ATOM   404  C CA  . ILE A 1 71  ? 7.603   -12.456 7.243   1.00 12.81 ? 171 ILE A CA  1 
ATOM   405  C C   . ILE A 1 71  ? 6.858   -12.369 8.566   1.00 13.72 ? 171 ILE A C   1 
ATOM   406  O O   . ILE A 1 71  ? 7.258   -11.642 9.458   1.00 13.94 ? 171 ILE A O   1 
ATOM   407  C CB  . ILE A 1 71  ? 9.022   -13.020 7.425   1.00 14.11 ? 171 ILE A CB  1 
ATOM   408  C CG1 . ILE A 1 71  ? 9.866   -12.863 6.156   1.00 14.35 ? 171 ILE A CG1 1 
ATOM   409  C CG2 . ILE A 1 71  ? 8.960   -14.469 7.902   1.00 13.67 ? 171 ILE A CG2 1 
ATOM   410  C CD1 . ILE A 1 71  ? 9.275   -13.375 4.871   1.00 14.78 ? 171 ILE A CD1 1 
ATOM   411  N N   . ALA A 1 72  ? 5.744   -13.079 8.665   1.00 13.10 ? 172 ALA A N   1 
ATOM   412  C CA  . ALA A 1 72  ? 4.835   -12.963 9.793   1.00 14.04 ? 172 ALA A CA  1 
ATOM   413  C C   . ALA A 1 72  ? 4.025   -14.235 9.945   1.00 14.95 ? 172 ALA A C   1 
ATOM   414  O O   . ALA A 1 72  ? 3.720   -14.900 8.956   1.00 14.07 ? 172 ALA A O   1 
ATOM   415  C CB  . ALA A 1 72  ? 3.914   -11.805 9.594   1.00 14.28 ? 172 ALA A CB  1 
ATOM   416  N N   . PRO A 1 73  ? 3.648   -14.572 11.188  1.00 16.06 ? 173 PRO A N   1 
ATOM   417  C CA  . PRO A 1 73  ? 2.952   -15.860 11.381  1.00 16.48 ? 173 PRO A CA  1 
ATOM   418  C C   . PRO A 1 73  ? 1.523   -15.830 10.845  1.00 15.20 ? 173 PRO A C   1 
ATOM   419  O O   . PRO A 1 73  ? 0.918   -14.776 10.743  1.00 13.67 ? 173 PRO A O   1 
ATOM   420  C CB  . PRO A 1 73  ? 2.949   -16.041 12.910  1.00 18.09 ? 173 PRO A CB  1 
ATOM   421  C CG  . PRO A 1 73  ? 3.223   -14.714 13.477  1.00 18.67 ? 173 PRO A CG  1 
ATOM   422  C CD  . PRO A 1 73  ? 3.991   -13.915 12.464  1.00 17.48 ? 173 PRO A CD  1 
ATOM   423  N N   . LEU A 1 74  ? 0.992   -16.996 10.492  1.00 15.99 ? 174 LEU A N   1 
ATOM   424  C CA  . LEU A 1 74  ? -0.420  -17.131 10.113  1.00 16.96 ? 174 LEU A CA  1 
ATOM   425  C C   . LEU A 1 74  ? -1.356  -16.329 11.033  1.00 16.13 ? 174 LEU A C   1 
ATOM   426  O O   . LEU A 1 74  ? -1.174  -16.294 12.281  1.00 14.93 ? 174 LEU A O   1 
ATOM   427  C CB  . LEU A 1 74  ? -0.819  -18.616 10.178  1.00 20.63 ? 174 LEU A CB  1 
ATOM   428  C CG  . LEU A 1 74  ? -1.923  -19.088 9.254   1.00 24.48 ? 174 LEU A CG  1 
ATOM   429  C CD1 . LEU A 1 74  ? -1.381  -19.266 7.837   1.00 26.92 ? 174 LEU A CD1 1 
ATOM   430  C CD2 . LEU A 1 74  ? -2.445  -20.424 9.792   1.00 28.42 ? 174 LEU A CD2 1 
ATOM   431  N N   . ASN A 1 75  ? -2.380  -15.740 10.431  1.00 14.50 ? 175 ASN A N   1 
ATOM   432  C CA  . ASN A 1 75  ? -3.409  -14.980 11.118  1.00 15.07 ? 175 ASN A CA  1 
ATOM   433  C C   . ASN A 1 75  ? -3.007  -13.674 11.753  1.00 14.02 ? 175 ASN A C   1 
ATOM   434  O O   . ASN A 1 75  ? -3.687  -13.183 12.633  1.00 14.33 ? 175 ASN A O   1 
ATOM   435  C CB  . ASN A 1 75  ? -4.184  -15.852 12.118  1.00 18.46 ? 175 ASN A CB  1 
ATOM   436  C CG  . ASN A 1 75  ? -4.935  -16.949 11.414  1.00 22.00 ? 175 ASN A CG  1 
ATOM   437  O OD1 . ASN A 1 75  ? -5.446  -16.740 10.308  1.00 22.69 ? 175 ASN A OD1 1 
ATOM   438  N ND2 . ASN A 1 75  ? -4.968  -18.129 12.014  1.00 23.98 ? 175 ASN A ND2 1 
ATOM   439  N N   . THR A 1 76  ? -1.955  -13.057 11.245  1.00 12.65 ? 176 THR A N   1 
ATOM   440  C CA  . THR A 1 76  ? -1.605  -11.713 11.685  1.00 12.46 ? 176 THR A CA  1 
ATOM   441  C C   . THR A 1 76  ? -2.568  -10.725 10.995  1.00 11.93 ? 176 THR A C   1 
ATOM   442  O O   . THR A 1 76  ? -2.728  -10.788 9.782   1.00 10.76 ? 176 THR A O   1 
ATOM   443  C CB  . THR A 1 76  ? -0.130  -11.388 11.344  1.00 13.47 ? 176 THR A CB  1 
ATOM   444  O OG1 . THR A 1 76  ? 0.734   -12.349 12.002  1.00 14.34 ? 176 THR A OG1 1 
ATOM   445  C CG2 . THR A 1 76  ? 0.203   -9.970  11.827  1.00 14.09 ? 176 THR A CG2 1 
ATOM   446  N N   . PRO A 1 77  ? -3.245  -9.836  11.750  1.00 11.88 ? 177 PRO A N   1 
ATOM   447  C CA  . PRO A 1 77  ? -4.142  -8.890  11.083  1.00 11.72 ? 177 PRO A CA  1 
ATOM   448  C C   . PRO A 1 77  ? -3.405  -7.930  10.117  1.00 10.91 ? 177 PRO A C   1 
ATOM   449  O O   . PRO A 1 77  ? -2.252  -7.571  10.353  1.00 10.60 ? 177 PRO A O   1 
ATOM   450  C CB  . PRO A 1 77  ? -4.785  -8.113  12.218  1.00 12.48 ? 177 PRO A CB  1 
ATOM   451  C CG  . PRO A 1 77  ? -4.103  -8.531  13.465  1.00 13.68 ? 177 PRO A CG  1 
ATOM   452  C CD  . PRO A 1 77  ? -3.296  -9.731  13.219  1.00 12.84 ? 177 PRO A CD  1 
ATOM   453  N N   . VAL A 1 78  ? -4.085  -7.615  9.014   1.00 10.47 ? 178 VAL A N   1 
ATOM   454  C CA  . VAL A 1 78  ? -3.529  -6.809  7.937   1.00 10.59 ? 178 VAL A CA  1 
ATOM   455  C C   . VAL A 1 78  ? -4.442  -5.604  7.794   1.00 10.97 ? 178 VAL A C   1 
ATOM   456  O O   . VAL A 1 78  ? -5.669  -5.768  7.786   1.00 11.46 ? 178 VAL A O   1 
ATOM   457  C CB  . VAL A 1 78  ? -3.484  -7.611  6.623   1.00 10.45 ? 178 VAL A CB  1 
ATOM   458  C CG1 . VAL A 1 78  ? -2.951  -6.746  5.492   1.00 11.28 ? 178 VAL A CG1 1 
ATOM   459  C CG2 . VAL A 1 78  ? -2.627  -8.881  6.776   1.00 11.17 ? 178 VAL A CG2 1 
ATOM   460  N N   . TYR A 1 79  ? -3.846  -4.414  7.665   1.00 10.72 ? 179 TYR A N   1 
ATOM   461  C CA  . TYR A 1 79  ? -4.582  -3.142  7.732   1.00 11.70 ? 179 TYR A CA  1 
ATOM   462  C C   . TYR A 1 79  ? -4.373  -2.309  6.477   1.00 11.63 ? 179 TYR A C   1 
ATOM   463  O O   . TYR A 1 79  ? -3.254  -2.257  5.961   1.00 12.89 ? 179 TYR A O   1 
ATOM   464  C CB  . TYR A 1 79  ? -4.128  -2.332  8.933   1.00 12.41 ? 179 TYR A CB  1 
ATOM   465  C CG  . TYR A 1 79  ? -4.318  -3.053  10.241  1.00 13.67 ? 179 TYR A CG  1 
ATOM   466  C CD1 . TYR A 1 79  ? -5.580  -3.131  10.834  1.00 14.23 ? 179 TYR A CD1 1 
ATOM   467  C CD2 . TYR A 1 79  ? -3.265  -3.695  10.866  1.00 14.21 ? 179 TYR A CD2 1 
ATOM   468  C CE1 . TYR A 1 79  ? -5.768  -3.823  12.028  1.00 15.42 ? 179 TYR A CE1 1 
ATOM   469  C CE2 . TYR A 1 79  ? -3.461  -4.400  12.054  1.00 14.54 ? 179 TYR A CE2 1 
ATOM   470  C CZ  . TYR A 1 79  ? -4.705  -4.434  12.632  1.00 15.57 ? 179 TYR A CZ  1 
ATOM   471  O OH  . TYR A 1 79  ? -4.919  -5.106  13.834  1.00 16.68 ? 179 TYR A OH  1 
ATOM   472  N N   . ALA A 1 80  ? -5.422  -1.628  6.014   1.00 10.96 ? 180 ALA A N   1 
ATOM   473  C CA  . ALA A 1 80  ? -5.320  -0.714  4.857   1.00 11.21 ? 180 ALA A CA  1 
ATOM   474  C C   . ALA A 1 80  ? -4.323  0.422   5.109   1.00 11.58 ? 180 ALA A C   1 
ATOM   475  O O   . ALA A 1 80  ? -4.353  1.070   6.159   1.00 11.84 ? 180 ALA A O   1 
ATOM   476  C CB  . ALA A 1 80  ? -6.688  -0.138  4.505   1.00 10.73 ? 180 ALA A CB  1 
ATOM   477  N N   . SER A 1 81  ? -3.457  0.708   4.144   1.00 11.68 ? 181 SER A N   1 
ATOM   478  C CA  . SER A 1 81  ? -2.451  1.767   4.334   1.00 13.05 ? 181 SER A CA  1 
ATOM   479  C C   . SER A 1 81  ? -2.920  3.186   3.915   1.00 12.23 ? 181 SER A C   1 
ATOM   480  O O   . SER A 1 81  ? -2.156  4.164   4.090   1.00 12.81 ? 181 SER A O   1 
ATOM   481  C CB  . SER A 1 81  ? -1.160  1.375   3.614   1.00 14.22 ? 181 SER A CB  1 
ATOM   482  O OG  . SER A 1 81  ? -1.419  1.322   2.258   1.00 16.11 ? 181 SER A OG  1 
ATOM   483  N N   . ALA A 1 82  ? -4.129  3.298   3.353   1.00 11.47 ? 182 ALA A N   1 
ATOM   484  C CA  . ALA A 1 82  ? -4.765  4.596   3.070   1.00 11.34 ? 182 ALA A CA  1 
ATOM   485  C C   . ALA A 1 82  ? -6.235  4.421   2.755   1.00 11.78 ? 182 ALA A C   1 
ATOM   486  O O   . ALA A 1 82  ? -6.710  3.308   2.514   1.00 10.93 ? 182 ALA A O   1 
ATOM   487  C CB  . ALA A 1 82  ? -4.063  5.327   1.923   1.00 11.73 ? 182 ALA A CB  1 
ATOM   488  N N   . ASP A 1 83  ? -6.962  5.538   2.741   1.00 11.49 ? 183 ASP A N   1 
ATOM   489  C CA  . ASP A 1 83  ? -8.381  5.522   2.382   1.00 12.89 ? 183 ASP A CA  1 
ATOM   490  C C   . ASP A 1 83  ? -8.510  5.074   0.930   1.00 12.39 ? 183 ASP A C   1 
ATOM   491  O O   . ASP A 1 83  ? -7.610  5.323   0.115   1.00 12.22 ? 183 ASP A O   1 
ATOM   492  C CB  . ASP A 1 83  ? -9.003  6.935   2.443   1.00 14.13 ? 183 ASP A CB  1 
ATOM   493  C CG  . ASP A 1 83  ? -9.194  7.473   3.843   1.00 16.54 ? 183 ASP A CG  1 
ATOM   494  O OD1 . ASP A 1 83  ? -8.998  6.790   4.861   1.00 17.62 ? 183 ASP A OD1 1 
ATOM   495  O OD2 . ASP A 1 83  ? -9.565  8.672   3.905   1.00 18.69 ? 183 ASP A OD2 1 
ATOM   496  N N   . GLY A 1 84  ? -9.614  4.421   0.605   1.00 12.34 ? 184 GLY A N   1 
ATOM   497  C CA  . GLY A 1 84  ? -9.935  4.156   -0.799  1.00 12.85 ? 184 GLY A CA  1 
ATOM   498  C C   . GLY A 1 84  ? -11.138 3.263   -0.971  1.00 12.19 ? 184 GLY A C   1 
ATOM   499  O O   . GLY A 1 84  ? -12.082 3.339   -0.189  1.00 12.19 ? 184 GLY A O   1 
ATOM   500  N N   . ILE A 1 85  ? -11.064 2.397   -1.962  1.00 11.08 ? 185 ILE A N   1 
ATOM   501  C CA  . ILE A 1 85  ? -12.149 1.466   -2.279  1.00 11.35 ? 185 ILE A CA  1 
ATOM   502  C C   . ILE A 1 85  ? -11.549 0.144   -2.676  1.00 11.43 ? 185 ILE A C   1 
ATOM   503  O O   . ILE A 1 85  ? -10.519 0.099   -3.363  1.00 10.94 ? 185 ILE A O   1 
ATOM   504  C CB  . ILE A 1 85  ? -13.067 2.057   -3.394  1.00 11.54 ? 185 ILE A CB  1 
ATOM   505  C CG1 . ILE A 1 85  ? -14.292 1.177   -3.608  1.00 12.71 ? 185 ILE A CG1 1 
ATOM   506  C CG2 . ILE A 1 85  ? -12.314 2.230   -4.682  1.00 11.66 ? 185 ILE A CG2 1 
ATOM   507  C CD1 . ILE A 1 85  ? -15.357 1.769   -4.517  1.00 13.52 ? 185 ILE A CD1 1 
ATOM   508  N N   . VAL A 1 86  ? -12.159 -0.958  -2.239  1.00 11.10 ? 186 VAL A N   1 
ATOM   509  C CA  . VAL A 1 86  ? -11.709 -2.295  -2.640  1.00 12.00 ? 186 VAL A CA  1 
ATOM   510  C C   . VAL A 1 86  ? -12.148 -2.536  -4.070  1.00 13.44 ? 186 VAL A C   1 
ATOM   511  O O   . VAL A 1 86  ? -13.334 -2.478  -4.361  1.00 14.01 ? 186 VAL A O   1 
ATOM   512  C CB  . VAL A 1 86  ? -12.295 -3.402  -1.759  1.00 12.06 ? 186 VAL A CB  1 
ATOM   513  C CG1 . VAL A 1 86  ? -11.840 -4.775  -2.228  1.00 11.98 ? 186 VAL A CG1 1 
ATOM   514  C CG2 . VAL A 1 86  ? -11.890 -3.172  -0.308  1.00 12.40 ? 186 VAL A CG2 1 
ATOM   515  N N   . ASP A 1 87  ? -11.207 -2.784  -4.974  1.00 15.21 ? 187 ASP A N   1 
ATOM   516  C CA  . ASP A 1 87  ? -11.655 -3.076  -6.347  1.00 17.62 ? 187 ASP A CA  1 
ATOM   517  C C   . ASP A 1 87  ? -11.562 -4.513  -6.785  1.00 17.33 ? 187 ASP A C   1 
ATOM   518  O O   . ASP A 1 87  ? -12.129 -4.862  -7.817  1.00 16.85 ? 187 ASP A O   1 
ATOM   519  C CB  . ASP A 1 87  ? -11.061 -2.124  -7.362  1.00 20.86 ? 187 ASP A CB  1 
ATOM   520  C CG  . ASP A 1 87  ? -9.670  -2.423  -7.704  1.00 23.85 ? 187 ASP A CG  1 
ATOM   521  O OD1 . ASP A 1 87  ? -8.992  -3.109  -6.929  1.00 23.46 ? 187 ASP A OD1 1 
ATOM   522  O OD2 . ASP A 1 87  ? -9.207  -1.934  -8.769  1.00 27.42 ? 187 ASP A OD2 1 
ATOM   523  N N   . PHE A 1 88  ? -10.888 -5.361  -6.021  1.00 16.30 ? 188 PHE A N   1 
ATOM   524  C CA  . PHE A 1 88  ? -10.700 -6.746  -6.432  1.00 16.27 ? 188 PHE A CA  1 
ATOM   525  C C   . PHE A 1 88  ? -10.300 -7.556  -5.200  1.00 15.63 ? 188 PHE A C   1 
ATOM   526  O O   . PHE A 1 88  ? -9.513  -7.076  -4.373  1.00 13.90 ? 188 PHE A O   1 
ATOM   527  C CB  . PHE A 1 88  ? -9.608  -6.815  -7.507  1.00 19.18 ? 188 PHE A CB  1 
ATOM   528  C CG  . PHE A 1 88  ? -9.425  -8.179  -8.104  1.00 22.51 ? 188 PHE A CG  1 
ATOM   529  C CD1 . PHE A 1 88  ? -10.390 -8.719  -8.947  1.00 26.98 ? 188 PHE A CD1 1 
ATOM   530  C CD2 . PHE A 1 88  ? -8.282  -8.906  -7.855  1.00 25.93 ? 188 PHE A CD2 1 
ATOM   531  C CE1 . PHE A 1 88  ? -10.214 -9.981  -9.510  1.00 29.44 ? 188 PHE A CE1 1 
ATOM   532  C CE2 . PHE A 1 88  ? -8.093  -10.169 -8.418  1.00 28.11 ? 188 PHE A CE2 1 
ATOM   533  C CZ  . PHE A 1 88  ? -9.060  -10.714 -9.231  1.00 28.29 ? 188 PHE A CZ  1 
ATOM   534  N N   . VAL A 1 89  ? -10.878 -8.748  -5.063  1.00 14.54 ? 189 VAL A N   1 
ATOM   535  C CA  . VAL A 1 89  ? -10.447 -9.715  -4.049  1.00 13.80 ? 189 VAL A CA  1 
ATOM   536  C C   . VAL A 1 89  ? -10.343 -11.102 -4.640  1.00 15.33 ? 189 VAL A C   1 
ATOM   537  O O   . VAL A 1 89  ? -10.974 -11.393 -5.670  1.00 13.88 ? 189 VAL A O   1 
ATOM   538  C CB  . VAL A 1 89  ? -11.363 -9.747  -2.800  1.00 14.49 ? 189 VAL A CB  1 
ATOM   539  C CG1 . VAL A 1 89  ? -11.546 -8.381  -2.192  1.00 14.00 ? 189 VAL A CG1 1 
ATOM   540  C CG2 . VAL A 1 89  ? -12.723 -10.381 -3.088  1.00 14.98 ? 189 VAL A CG2 1 
ATOM   541  N N   . LYS A 1 90  ? -9.504  -11.936 -4.022  1.00 15.25 ? 190 LYS A N   1 
ATOM   542  C CA  . LYS A 1 90  ? -9.528  -13.377 -4.222  1.00 16.32 ? 190 LYS A CA  1 
ATOM   543  C C   . LYS A 1 90  ? -9.660  -13.991 -2.833  1.00 16.05 ? 190 LYS A C   1 
ATOM   544  O O   . LYS A 1 90  ? -8.873  -13.677 -1.939  1.00 14.11 ? 190 LYS A O   1 
ATOM   545  C CB  . LYS A 1 90  ? -8.257  -13.876 -4.910  1.00 18.14 ? 190 LYS A CB  1 
ATOM   546  C CG  . LYS A 1 90  ? -8.012  -13.324 -6.294  1.00 21.10 ? 190 LYS A CG  1 
ATOM   547  C CD  . LYS A 1 90  ? -8.906  -13.963 -7.347  1.00 26.38 ? 190 LYS A CD  1 
ATOM   548  C CE  . LYS A 1 90  ? -8.370  -15.307 -7.810  1.00 29.43 ? 190 LYS A CE  1 
ATOM   549  N NZ  . LYS A 1 90  ? -9.241  -15.880 -8.866  1.00 33.82 ? 190 LYS A NZ  1 
ATOM   550  N N   . THR A 1 91  ? -10.650 -14.880 -2.639  1.00 17.65 ? 191 THR A N   1 
ATOM   551  C CA  . THR A 1 91  ? -10.982 -15.378 -1.293  1.00 19.44 ? 191 THR A CA  1 
ATOM   552  C C   . THR A 1 91  ? -10.836 -16.875 -1.108  1.00 21.53 ? 191 THR A C   1 
ATOM   553  O O   . THR A 1 91  ? -10.852 -17.324 0.043   1.00 22.90 ? 191 THR A O   1 
ATOM   554  C CB  . THR A 1 91  ? -12.421 -15.039 -0.836  1.00 21.80 ? 191 THR A CB  1 
ATOM   555  O OG1 . THR A 1 91  ? -13.367 -15.756 -1.653  1.00 20.84 ? 191 THR A OG1 1 
ATOM   556  C CG2 . THR A 1 91  ? -12.671 -13.560 -0.882  1.00 22.94 ? 191 THR A CG2 1 
ATOM   557  N N   . ASN A 1 92  ? -10.670 -17.634 -2.190  1.00 22.13 ? 192 ASN A N   1 
ATOM   558  C CA  . ASN A 1 92  ? -10.473 -19.091 -2.063  1.00 26.08 ? 192 ASN A CA  1 
ATOM   559  C C   . ASN A 1 92  ? -9.510  -19.589 -3.120  1.00 23.95 ? 192 ASN A C   1 
ATOM   560  O O   . ASN A 1 92  ? -9.823  -20.455 -3.926  1.00 24.42 ? 192 ASN A O   1 
ATOM   561  C CB  . ASN A 1 92  ? -11.809 -19.844 -2.154  1.00 31.71 ? 192 ASN A CB  1 
ATOM   562  C CG  . ASN A 1 92  ? -11.689 -21.291 -1.698  1.00 38.36 ? 192 ASN A CG  1 
ATOM   563  O OD1 . ASN A 1 92  ? -10.928 -21.611 -0.770  1.00 44.84 ? 192 ASN A OD1 1 
ATOM   564  N ND2 . ASN A 1 92  ? -12.429 -22.174 -2.350  1.00 44.53 ? 192 ASN A ND2 1 
ATOM   565  N N   . SER A 1 93  ? -8.321  -19.009 -3.115  1.00 19.89 ? 193 SER A N   1 
ATOM   566  C CA  . SER A 1 93  ? -7.300  -19.312 -4.095  1.00 19.16 ? 193 SER A CA  1 
ATOM   567  C C   . SER A 1 93  ? -6.052  -19.808 -3.412  1.00 18.34 ? 193 SER A C   1 
ATOM   568  O O   . SER A 1 93  ? -5.625  -19.257 -2.384  1.00 18.85 ? 193 SER A O   1 
ATOM   569  C CB  . SER A 1 93  ? -6.966  -18.065 -4.898  1.00 19.01 ? 193 SER A CB  1 
ATOM   570  O OG  . SER A 1 93  ? -5.870  -18.274 -5.769  1.00 19.83 ? 193 SER A OG  1 
ATOM   571  N N   . ASN A 1 94  ? -5.446  -20.848 -3.979  1.00 15.70 ? 194 ASN A N   1 
ATOM   572  C CA  . ASN A 1 94  ? -4.158  -21.282 -3.512  1.00 15.60 ? 194 ASN A CA  1 
ATOM   573  C C   . ASN A 1 94  ? -3.081  -21.304 -4.589  1.00 14.23 ? 194 ASN A C   1 
ATOM   574  O O   . ASN A 1 94  ? -2.127  -22.072 -4.477  1.00 15.35 ? 194 ASN A O   1 
ATOM   575  C CB  . ASN A 1 94  ? -4.276  -22.638 -2.828  1.00 16.77 ? 194 ASN A CB  1 
ATOM   576  C CG  . ASN A 1 94  ? -3.259  -22.820 -1.717  1.00 18.06 ? 194 ASN A CG  1 
ATOM   577  O OD1 . ASN A 1 94  ? -2.727  -21.861 -1.148  1.00 16.01 ? 194 ASN A OD1 1 
ATOM   578  N ND2 . ASN A 1 94  ? -2.959  -24.060 -1.419  1.00 21.03 ? 194 ASN A ND2 1 
ATOM   579  N N   . VAL A 1 95  ? -3.221  -20.440 -5.586  1.00 14.54 ? 195 VAL A N   1 
ATOM   580  C CA  . VAL A 1 95  ? -2.241  -20.330 -6.688  1.00 14.48 ? 195 VAL A CA  1 
ATOM   581  C C   . VAL A 1 95  ? -1.765  -18.897 -6.787  1.00 13.71 ? 195 VAL A C   1 
ATOM   582  O O   . VAL A 1 95  ? -2.511  -17.998 -6.410  1.00 13.03 ? 195 VAL A O   1 
ATOM   583  C CB  . VAL A 1 95  ? -2.831  -20.773 -8.060  1.00 16.57 ? 195 VAL A CB  1 
ATOM   584  C CG1 . VAL A 1 95  ? -3.256  -22.234 -7.987  1.00 17.15 ? 195 VAL A CG1 1 
ATOM   585  C CG2 . VAL A 1 95  ? -3.994  -19.900 -8.510  1.00 17.96 ? 195 VAL A CG2 1 
ATOM   586  N N   . GLY A 1 96  ? -0.545  -18.696 -7.310  1.00 12.53 ? 196 GLY A N   1 
ATOM   587  C CA  . GLY A 1 96  ? -0.054  -17.347 -7.619  1.00 12.35 ? 196 GLY A CA  1 
ATOM   588  C C   . GLY A 1 96  ? 0.029   -16.468 -6.377  1.00 11.71 ? 196 GLY A C   1 
ATOM   589  O O   . GLY A 1 96  ? 0.685   -16.832 -5.392  1.00 10.63 ? 196 GLY A O   1 
ATOM   590  N N   . TYR A 1 97  ? -0.648  -15.328 -6.400  1.00 11.92 ? 197 TYR A N   1 
ATOM   591  C CA  . TYR A 1 97  ? -0.682  -14.428 -5.225  1.00 12.65 ? 197 TYR A CA  1 
ATOM   592  C C   . TYR A 1 97  ? -1.539  -14.981 -4.085  1.00 12.25 ? 197 TYR A C   1 
ATOM   593  O O   . TYR A 1 97  ? -1.546  -14.419 -2.980  1.00 11.34 ? 197 TYR A O   1 
ATOM   594  C CB  . TYR A 1 97  ? -1.244  -13.049 -5.614  1.00 13.82 ? 197 TYR A CB  1 
ATOM   595  C CG  . TYR A 1 97  ? -0.341  -12.308 -6.549  1.00 16.26 ? 197 TYR A CG  1 
ATOM   596  C CD1 . TYR A 1 97  ? 0.901   -11.817 -6.120  1.00 17.01 ? 197 TYR A CD1 1 
ATOM   597  C CD2 . TYR A 1 97  ? -0.711  -12.097 -7.892  1.00 19.14 ? 197 TYR A CD2 1 
ATOM   598  C CE1 . TYR A 1 97  ? 1.749   -11.131 -7.005  1.00 19.49 ? 197 TYR A CE1 1 
ATOM   599  C CE2 . TYR A 1 97  ? 0.145   -11.438 -8.776  1.00 20.02 ? 197 TYR A CE2 1 
ATOM   600  C CZ  . TYR A 1 97  ? 1.356   -10.945 -8.329  1.00 21.11 ? 197 TYR A CZ  1 
ATOM   601  O OH  . TYR A 1 97  ? 2.182   -10.306 -9.225  1.00 23.73 ? 197 TYR A OH  1 
ATOM   602  N N   . GLY A 1 98  ? -2.321  -16.030 -4.346  1.00 11.81 ? 198 GLY A N   1 
ATOM   603  C CA  . GLY A 1 98  ? -3.206  -16.569 -3.337  1.00 11.02 ? 198 GLY A CA  1 
ATOM   604  C C   . GLY A 1 98  ? -4.387  -15.664 -3.053  1.00 10.80 ? 198 GLY A C   1 
ATOM   605  O O   . GLY A 1 98  ? -4.829  -14.886 -3.932  1.00 12.08 ? 198 GLY A O   1 
ATOM   606  N N   . ASN A 1 99  ? -4.895  -15.726 -1.834  1.00 9.97  ? 199 ASN A N   1 
ATOM   607  C CA  . ASN A 1 99  ? -5.955  -14.827 -1.415  1.00 10.43 ? 199 ASN A CA  1 
ATOM   608  C C   . ASN A 1 99  ? -5.403  -13.409 -1.291  1.00 10.45 ? 199 ASN A C   1 
ATOM   609  O O   . ASN A 1 99  ? -4.268  -13.213 -0.862  1.00 9.52  ? 199 ASN A O   1 
ATOM   610  C CB  . ASN A 1 99  ? -6.577  -15.270 -0.119  1.00 10.92 ? 199 ASN A CB  1 
ATOM   611  C CG  . ASN A 1 99  ? -7.180  -16.653 -0.254  1.00 11.99 ? 199 ASN A CG  1 
ATOM   612  O OD1 . ASN A 1 99  ? -7.830  -16.949 -1.263  1.00 12.74 ? 199 ASN A OD1 1 
ATOM   613  N ND2 . ASN A 1 99  ? -6.923  -17.513 0.716   1.00 13.38 ? 199 ASN A ND2 1 
ATOM   614  N N   . LEU A 1 100 ? -6.199  -12.450 -1.712  1.00 10.24 ? 200 LEU A N   1 
ATOM   615  C CA  . LEU A 1 100 ? -5.717  -11.088 -1.825  1.00 10.66 ? 200 LEU A CA  1 
ATOM   616  C C   . LEU A 1 100 ? -6.810  -10.042 -1.794  1.00 10.63 ? 200 LEU A C   1 
ATOM   617  O O   . LEU A 1 100 ? -7.983  -10.339 -2.036  1.00 10.32 ? 200 LEU A O   1 
ATOM   618  C CB  . LEU A 1 100 ? -4.851  -10.958 -3.086  1.00 11.17 ? 200 LEU A CB  1 
ATOM   619  C CG  . LEU A 1 100 ? -5.578  -10.958 -4.445  1.00 12.01 ? 200 LEU A CG  1 
ATOM   620  C CD1 . LEU A 1 100 ? -6.125  -9.552  -4.800  1.00 12.24 ? 200 LEU A CD1 1 
ATOM   621  C CD2 . LEU A 1 100 ? -4.660  -11.512 -5.511  1.00 13.15 ? 200 LEU A CD2 1 
ATOM   622  N N   . VAL A 1 101 ? -6.391  -8.823  -1.456  1.00 9.39  ? 201 VAL A N   1 
ATOM   623  C CA  . VAL A 1 101 ? -7.220  -7.626  -1.531  1.00 10.01 ? 201 VAL A CA  1 
ATOM   624  C C   . VAL A 1 101 ? -6.428  -6.591  -2.322  1.00 9.75  ? 201 VAL A C   1 
ATOM   625  O O   . VAL A 1 101 ? -5.247  -6.344  -2.010  1.00 8.70  ? 201 VAL A O   1 
ATOM   626  C CB  . VAL A 1 101 ? -7.495  -7.023  -0.139  1.00 10.25 ? 201 VAL A CB  1 
ATOM   627  C CG1 . VAL A 1 101 ? -8.212  -5.676  -0.213  1.00 10.51 ? 201 VAL A CG1 1 
ATOM   628  C CG2 . VAL A 1 101 ? -8.279  -8.011  0.718   1.00 10.62 ? 201 VAL A CG2 1 
ATOM   629  N N   . ARG A 1 102 ? -7.097  -5.933  -3.270  1.00 10.83 ? 202 ARG A N   1 
ATOM   630  C CA  . ARG A 1 102 ? -6.506  -4.756  -3.926  1.00 11.31 ? 202 ARG A CA  1 
ATOM   631  C C   . ARG A 1 102 ? -7.350  -3.550  -3.622  1.00 11.23 ? 202 ARG A C   1 
ATOM   632  O O   . ARG A 1 102 ? -8.558  -3.599  -3.816  1.00 10.82 ? 202 ARG A O   1 
ATOM   633  C CB  . ARG A 1 102 ? -6.436  -4.929  -5.446  1.00 13.41 ? 202 ARG A CB  1 
ATOM   634  C CG  . ARG A 1 102 ? -5.646  -3.811  -6.107  1.00 16.43 ? 202 ARG A CG  1 
ATOM   635  C CD  . ARG A 1 102 ? -5.321  -4.142  -7.548  1.00 19.92 ? 202 ARG A CD  1 
ATOM   636  N NE  . ARG A 1 102 ? -6.529  -4.058  -8.351  1.00 22.44 ? 202 ARG A NE  1 
ATOM   637  C CZ  . ARG A 1 102 ? -6.678  -4.561  -9.575  1.00 27.87 ? 202 ARG A CZ  1 
ATOM   638  N NH1 . ARG A 1 102 ? -5.684  -5.216  -10.192 1.00 28.21 ? 202 ARG A NH1 1 
ATOM   639  N NH2 . ARG A 1 102 ? -7.835  -4.387  -10.203 1.00 29.82 ? 202 ARG A NH2 1 
ATOM   640  N N   . ILE A 1 103 ? -6.711  -2.476  -3.179  1.00 10.68 ? 203 ILE A N   1 
ATOM   641  C CA  . ILE A 1 103 ? -7.377  -1.236  -2.814  1.00 10.78 ? 203 ILE A CA  1 
ATOM   642  C C   . ILE A 1 103 ? -6.950  -0.167  -3.832  1.00 11.59 ? 203 ILE A C   1 
ATOM   643  O O   . ILE A 1 103 ? -5.743  0.036   -4.042  1.00 10.65 ? 203 ILE A O   1 
ATOM   644  C CB  . ILE A 1 103 ? -7.048  -0.788  -1.387  1.00 11.32 ? 203 ILE A CB  1 
ATOM   645  C CG1 . ILE A 1 103 ? -7.403  -1.905  -0.381  1.00 12.14 ? 203 ILE A CG1 1 
ATOM   646  C CG2 . ILE A 1 103 ? -7.839  0.466   -1.018  1.00 11.83 ? 203 ILE A CG2 1 
ATOM   647  C CD1 . ILE A 1 103 ? -7.033  -1.581  1.048   1.00 13.01 ? 203 ILE A CD1 1 
ATOM   648  N N   . GLU A 1 104 ? -7.936  0.499   -4.437  1.00 11.92 ? 204 GLU A N   1 
ATOM   649  C CA  . GLU A 1 104 ? -7.667  1.691   -5.274  1.00 13.97 ? 204 GLU A CA  1 
ATOM   650  C C   . GLU A 1 104 ? -7.733  2.922   -4.383  1.00 12.53 ? 204 GLU A C   1 
ATOM   651  O O   . GLU A 1 104 ? -8.725  3.144   -3.641  1.00 11.27 ? 204 GLU A O   1 
ATOM   652  C CB  . GLU A 1 104 ? -8.702  1.888   -6.372  1.00 17.36 ? 204 GLU A CB  1 
ATOM   653  C CG  . GLU A 1 104 ? -8.709  0.881   -7.485  1.00 23.60 ? 204 GLU A CG  1 
ATOM   654  C CD  . GLU A 1 104 ? -9.630  1.327   -8.645  1.00 30.42 ? 204 GLU A CD  1 
ATOM   655  O OE1 . GLU A 1 104 ? -9.941  0.476   -9.534  1.00 34.35 ? 204 GLU A OE1 1 
ATOM   656  O OE2 . GLU A 1 104 ? -10.073 2.527   -8.645  1.00 37.70 ? 204 GLU A OE2 1 
ATOM   657  N N   . HIS A 1 105 ? -6.694  3.729   -4.462  1.00 12.37 ? 205 HIS A N   1 
ATOM   658  C CA  . HIS A 1 105 ? -6.619  4.980   -3.731  1.00 12.17 ? 205 HIS A CA  1 
ATOM   659  C C   . HIS A 1 105 ? -6.763  6.153   -4.712  1.00 12.84 ? 205 HIS A C   1 
ATOM   660  O O   . HIS A 1 105 ? -6.797  5.971   -5.904  1.00 13.98 ? 205 HIS A O   1 
ATOM   661  C CB  . HIS A 1 105 ? -5.274  5.100   -2.994  1.00 12.00 ? 205 HIS A CB  1 
ATOM   662  C CG  . HIS A 1 105 ? -4.966  3.927   -2.119  1.00 12.33 ? 205 HIS A CG  1 
ATOM   663  N ND1 . HIS A 1 105 ? -5.649  3.681   -0.952  1.00 12.02 ? 205 HIS A ND1 1 
ATOM   664  C CD2 . HIS A 1 105 ? -4.082  2.914   -2.257  1.00 12.28 ? 205 HIS A CD2 1 
ATOM   665  C CE1 . HIS A 1 105 ? -5.201  2.568   -0.399  1.00 12.20 ? 205 HIS A CE1 1 
ATOM   666  N NE2 . HIS A 1 105 ? -4.243  2.089   -1.163  1.00 11.90 ? 205 HIS A NE2 1 
ATOM   667  N N   . ALA A 1 106 ? -6.814  7.352   -4.176  1.00 14.09 ? 206 ALA A N   1 
ATOM   668  C CA  . ALA A 1 106 ? -6.887  8.555   -5.009  1.00 14.34 ? 206 ALA A CA  1 
ATOM   669  C C   . ALA A 1 106 ? -5.596  8.777   -5.781  1.00 14.57 ? 206 ALA A C   1 
ATOM   670  O O   . ALA A 1 106 ? -4.510  8.258   -5.421  1.00 14.09 ? 206 ALA A O   1 
ATOM   671  C CB  . ALA A 1 106 ? -7.174  9.768   -4.132  1.00 14.79 ? 206 ALA A CB  1 
ATOM   672  N N   . PHE A 1 107 ? -5.728  9.520   -6.883  1.00 14.51 ? 207 PHE A N   1 
ATOM   673  C CA  . PHE A 1 107 ? -4.610  10.004  -7.652  1.00 15.32 ? 207 PHE A CA  1 
ATOM   674  C C   . PHE A 1 107 ? -3.719  8.891   -8.176  1.00 15.02 ? 207 PHE A C   1 
ATOM   675  O O   . PHE A 1 107 ? -2.503  9.064   -8.283  1.00 16.58 ? 207 PHE A O   1 
ATOM   676  C CB  . PHE A 1 107 ? -3.867  11.071  -6.848  1.00 16.80 ? 207 PHE A CB  1 
ATOM   677  C CG  . PHE A 1 107 ? -4.738  12.263  -6.536  1.00 18.71 ? 207 PHE A CG  1 
ATOM   678  C CD1 . PHE A 1 107 ? -5.180  13.094  -7.574  1.00 19.00 ? 207 PHE A CD1 1 
ATOM   679  C CD2 . PHE A 1 107 ? -5.183  12.519  -5.233  1.00 20.02 ? 207 PHE A CD2 1 
ATOM   680  C CE1 . PHE A 1 107 ? -6.036  14.160  -7.316  1.00 19.90 ? 207 PHE A CE1 1 
ATOM   681  C CE2 . PHE A 1 107 ? -6.036  13.601  -4.973  1.00 20.61 ? 207 PHE A CE2 1 
ATOM   682  C CZ  . PHE A 1 107 ? -6.464  14.408  -6.014  1.00 20.01 ? 207 PHE A CZ  1 
ATOM   683  N N   . GLY A 1 108 ? -4.341  7.761   -8.527  1.00 13.76 ? 208 GLY A N   1 
ATOM   684  C CA  . GLY A 1 108 ? -3.666  6.710   -9.252  1.00 13.89 ? 208 GLY A CA  1 
ATOM   685  C C   . GLY A 1 108 ? -2.947  5.652   -8.440  1.00 12.73 ? 208 GLY A C   1 
ATOM   686  O O   . GLY A 1 108 ? -2.370  4.717   -9.019  1.00 12.31 ? 208 GLY A O   1 
ATOM   687  N N   . PHE A 1 109 ? -2.943  5.799   -7.133  1.00 11.32 ? 209 PHE A N   1 
ATOM   688  C CA  . PHE A 1 109 ? -2.226  4.846   -6.300  1.00 11.04 ? 209 PHE A CA  1 
ATOM   689  C C   . PHE A 1 109 ? -3.104  3.611   -6.036  1.00 11.29 ? 209 PHE A C   1 
ATOM   690  O O   . PHE A 1 109 ? -4.341  3.715   -5.953  1.00 10.83 ? 209 PHE A O   1 
ATOM   691  C CB  . PHE A 1 109 ? -1.772  5.483   -5.002  1.00 11.11 ? 209 PHE A CB  1 
ATOM   692  C CG  . PHE A 1 109 ? -0.685  6.510   -5.174  1.00 11.60 ? 209 PHE A CG  1 
ATOM   693  C CD1 . PHE A 1 109 ? -1.000  7.845   -5.404  1.00 11.59 ? 209 PHE A CD1 1 
ATOM   694  C CD2 . PHE A 1 109 ? 0.665   6.136   -5.102  1.00 11.81 ? 209 PHE A CD2 1 
ATOM   695  C CE1 . PHE A 1 109 ? 0.006   8.809   -5.587  1.00 12.43 ? 209 PHE A CE1 1 
ATOM   696  C CE2 . PHE A 1 109 ? 1.672   7.095   -5.240  1.00 12.31 ? 209 PHE A CE2 1 
ATOM   697  C CZ  . PHE A 1 109 ? 1.343   8.431   -5.500  1.00 12.17 ? 209 PHE A CZ  1 
ATOM   698  N N   . SER A 1 110 ? -2.451  2.460   -5.888  1.00 11.04 ? 210 SER A N   1 
ATOM   699  C CA  . SER A 1 110 ? -3.120  1.246   -5.427  1.00 11.06 ? 210 SER A CA  1 
ATOM   700  C C   . SER A 1 110 ? -2.220  0.526   -4.454  1.00 10.30 ? 210 SER A C   1 
ATOM   701  O O   . SER A 1 110 ? -0.978  0.704   -4.474  1.00 9.64  ? 210 SER A O   1 
ATOM   702  C CB  . SER A 1 110 ? -3.504  0.338   -6.594  1.00 12.07 ? 210 SER A CB  1 
ATOM   703  O OG  . SER A 1 110 ? -2.353  -0.093  -7.312  1.00 13.75 ? 210 SER A OG  1 
ATOM   704  N N   . SER A 1 111 ? -2.806  -0.328  -3.636  1.00 9.19  ? 211 SER A N   1 
ATOM   705  C CA  . SER A 1 111 ? -2.040  -1.162  -2.747  1.00 9.86  ? 211 SER A CA  1 
ATOM   706  C C   . SER A 1 111 ? -2.632  -2.559  -2.843  1.00 10.62 ? 211 SER A C   1 
ATOM   707  O O   . SER A 1 111 ? -3.795  -2.697  -3.015  1.00 9.50  ? 211 SER A O   1 
ATOM   708  C CB  . SER A 1 111 ? -1.978  -0.654  -1.311  1.00 9.85  ? 211 SER A CB  1 
ATOM   709  O OG  . SER A 1 111 ? -3.198  -0.437  -0.746  1.00 10.17 ? 211 SER A OG  1 
ATOM   710  N N   . ILE A 1 112 ? -1.760  -3.559  -2.737  1.00 10.50 ? 212 ILE A N   1 
ATOM   711  C CA  . ILE A 1 112 ? -2.209  -4.924  -2.794  1.00 11.26 ? 212 ILE A CA  1 
ATOM   712  C C   . ILE A 1 112 ? -1.609  -5.716  -1.651  1.00 10.29 ? 212 ILE A C   1 
ATOM   713  O O   . ILE A 1 112 ? -0.507  -5.463  -1.297  1.00 9.23  ? 212 ILE A O   1 
ATOM   714  C CB  . ILE A 1 112 ? -1.934  -5.564  -4.143  1.00 14.15 ? 212 ILE A CB  1 
ATOM   715  C CG1 . ILE A 1 112 ? -2.698  -6.858  -4.284  1.00 16.28 ? 212 ILE A CG1 1 
ATOM   716  C CG2 . ILE A 1 112 ? -0.515  -5.919  -4.307  1.00 15.73 ? 212 ILE A CG2 1 
ATOM   717  C CD1 . ILE A 1 112 ? -2.760  -7.280  -5.686  1.00 19.21 ? 212 ILE A CD1 1 
ATOM   718  N N   . TYR A 1 113 ? -2.414  -6.624  -1.111  1.00 8.65  ? 213 TYR A N   1 
ATOM   719  C CA  . TYR A 1 113 ? -2.101  -7.424  0.041   1.00 8.73  ? 213 TYR A CA  1 
ATOM   720  C C   . TYR A 1 113 ? -2.376  -8.883  -0.270  1.00 8.65  ? 213 TYR A C   1 
ATOM   721  O O   . TYR A 1 113 ? -3.464  -9.209  -0.482  1.00 8.92  ? 213 TYR A O   1 
ATOM   722  C CB  . TYR A 1 113 ? -2.984  -6.985  1.194   1.00 8.81  ? 213 TYR A CB  1 
ATOM   723  C CG  . TYR A 1 113 ? -3.081  -5.456  1.340   1.00 8.71  ? 213 TYR A CG  1 
ATOM   724  C CD1 . TYR A 1 113 ? -3.837  -4.698  0.505   1.00 8.83  ? 213 TYR A CD1 1 
ATOM   725  C CD2 . TYR A 1 113 ? -2.391  -4.809  2.338   1.00 9.49  ? 213 TYR A CD2 1 
ATOM   726  C CE1 . TYR A 1 113 ? -3.901  -3.320  0.639   1.00 8.90  ? 213 TYR A CE1 1 
ATOM   727  C CE2 . TYR A 1 113 ? -2.446  -3.455  2.494   1.00 9.12  ? 213 TYR A CE2 1 
ATOM   728  C CZ  . TYR A 1 113 ? -3.185  -2.688  1.646   1.00 9.44  ? 213 TYR A CZ  1 
ATOM   729  O OH  . TYR A 1 113 ? -3.200  -1.340  1.859   1.00 9.94  ? 213 TYR A OH  1 
ATOM   730  N N   . THR A 1 114 ? -1.349  -9.718  -0.306  1.00 8.50  ? 214 THR A N   1 
ATOM   731  C CA  . THR A 1 114 ? -1.520  -11.088 -0.714  1.00 8.86  ? 214 THR A CA  1 
ATOM   732  C C   . THR A 1 114 ? -0.979  -12.205 0.153   1.00 8.79  ? 214 THR A C   1 
ATOM   733  O O   . THR A 1 114 ? -0.364  -11.962 1.099   1.00 8.19  ? 214 THR A O   1 
ATOM   734  C CB  . THR A 1 114 ? -1.066  -11.313 -2.189  1.00 9.60  ? 214 THR A CB  1 
ATOM   735  O OG1 . THR A 1 114 ? 0.274   -11.711 -2.240  1.00 10.24 ? 214 THR A OG1 1 
ATOM   736  C CG2 . THR A 1 114 ? -1.241  -10.054 -3.025  1.00 9.66  ? 214 THR A CG2 1 
ATOM   737  N N   . HIS A 1 115 ? -1.282  -13.422 -0.298  1.00 8.53  ? 215 HIS A N   1 
ATOM   738  C CA  . HIS A 1 115 ? -0.996  -14.635 0.446   1.00 8.81  ? 215 HIS A CA  1 
ATOM   739  C C   . HIS A 1 115 ? -1.855  -14.788 1.690   1.00 9.56  ? 215 HIS A C   1 
ATOM   740  O O   . HIS A 1 115 ? -1.506  -15.561 2.608   1.00 9.65  ? 215 HIS A O   1 
ATOM   741  C CB  . HIS A 1 115 ? 0.492   -14.865 0.775   1.00 8.87  ? 215 HIS A CB  1 
ATOM   742  C CG  . HIS A 1 115 ? 1.398   -14.766 -0.401  1.00 9.18  ? 215 HIS A CG  1 
ATOM   743  N ND1 . HIS A 1 115 ? 1.158   -15.414 -1.596  1.00 9.29  ? 215 HIS A ND1 1 
ATOM   744  C CD2 . HIS A 1 115 ? 2.559   -14.098 -0.560  1.00 9.44  ? 215 HIS A CD2 1 
ATOM   745  C CE1 . HIS A 1 115 ? 2.127   -15.138 -2.444  1.00 9.86  ? 215 HIS A CE1 1 
ATOM   746  N NE2 . HIS A 1 115 ? 2.986   -14.329 -1.840  1.00 9.44  ? 215 HIS A NE2 1 
ATOM   747  N N   . LEU A 1 116 ? -3.001  -14.098 1.715   1.00 9.63  ? 216 LEU A N   1 
ATOM   748  C CA  . LEU A 1 116 ? -3.809  -14.000 2.923   1.00 9.82  ? 216 LEU A CA  1 
ATOM   749  C C   . LEU A 1 116 ? -4.421  -15.340 3.280   1.00 10.56 ? 216 LEU A C   1 
ATOM   750  O O   . LEU A 1 116 ? -4.627  -16.169 2.413   1.00 10.83 ? 216 LEU A O   1 
ATOM   751  C CB  . LEU A 1 116 ? -4.918  -12.983 2.738   1.00 9.52  ? 216 LEU A CB  1 
ATOM   752  C CG  . LEU A 1 116 ? -4.473  -11.566 2.393   1.00 9.60  ? 216 LEU A CG  1 
ATOM   753  C CD1 . LEU A 1 116 ? -5.675  -10.692 2.101   1.00 9.71  ? 216 LEU A CD1 1 
ATOM   754  C CD2 . LEU A 1 116 ? -3.639  -10.985 3.499   1.00 9.80  ? 216 LEU A CD2 1 
ATOM   755  N N   . ASP A 1 117 ? -4.671  -15.538 4.570   1.00 12.03 ? 217 ASP A N   1 
ATOM   756  C CA  . ASP A 1 117 ? -5.490  -16.666 5.036   1.00 14.50 ? 217 ASP A CA  1 
ATOM   757  C C   . ASP A 1 117 ? -6.984  -16.408 4.909   1.00 13.93 ? 217 ASP A C   1 
ATOM   758  O O   . ASP A 1 117 ? -7.745  -17.349 4.627   1.00 15.78 ? 217 ASP A O   1 
ATOM   759  C CB  . ASP A 1 117 ? -5.164  -17.030 6.482   1.00 16.93 ? 217 ASP A CB  1 
ATOM   760  C CG  . ASP A 1 117 ? -5.597  -18.443 6.819   1.00 22.38 ? 217 ASP A CG  1 
ATOM   761  O OD1 . ASP A 1 117 ? -5.061  -19.402 6.219   1.00 27.46 ? 217 ASP A OD1 1 
ATOM   762  O OD2 . ASP A 1 117 ? -6.514  -18.595 7.633   1.00 26.56 ? 217 ASP A OD2 1 
ATOM   763  N N   . HIS A 1 118 ? -7.399  -15.164 5.113   1.00 13.69 ? 218 HIS A N   1 
ATOM   764  C CA  . HIS A 1 118 ? -8.787  -14.753 5.100   1.00 14.01 ? 218 HIS A CA  1 
ATOM   765  C C   . HIS A 1 118 ? -8.919  -13.283 4.716   1.00 13.60 ? 218 HIS A C   1 
ATOM   766  O O   . HIS A 1 118 ? -8.074  -12.457 5.076   1.00 12.94 ? 218 HIS A O   1 
ATOM   767  C CB  . HIS A 1 118 ? -9.393  -14.973 6.493   1.00 15.14 ? 218 HIS A CB  1 
ATOM   768  C CG  . HIS A 1 118 ? -10.887 -14.891 6.526   1.00 17.05 ? 218 HIS A CG  1 
ATOM   769  N ND1 . HIS A 1 118 ? -11.569 -13.759 6.899   1.00 18.52 ? 218 HIS A ND1 1 
ATOM   770  C CD2 . HIS A 1 118 ? -11.831 -15.801 6.187   1.00 19.24 ? 218 HIS A CD2 1 
ATOM   771  C CE1 . HIS A 1 118 ? -12.870 -13.969 6.791   1.00 18.64 ? 218 HIS A CE1 1 
ATOM   772  N NE2 . HIS A 1 118 ? -13.053 -15.207 6.372   1.00 19.43 ? 218 HIS A NE2 1 
ATOM   773  N N   . VAL A 1 119 ? -9.989  -12.984 3.979   1.00 13.22 ? 219 VAL A N   1 
ATOM   774  C CA  . VAL A 1 119 ? -10.259 -11.652 3.454   1.00 13.82 ? 219 VAL A CA  1 
ATOM   775  C C   . VAL A 1 119 ? -11.503 -11.159 4.167   1.00 14.51 ? 219 VAL A C   1 
ATOM   776  O O   . VAL A 1 119 ? -12.496 -11.885 4.245   1.00 14.59 ? 219 VAL A O   1 
ATOM   777  C CB  . VAL A 1 119 ? -10.485 -11.713 1.936   1.00 14.30 ? 219 VAL A CB  1 
ATOM   778  C CG1 . VAL A 1 119 ? -10.986 -10.397 1.395   1.00 14.74 ? 219 VAL A CG1 1 
ATOM   779  C CG2 . VAL A 1 119 ? -9.206  -12.145 1.217   1.00 14.34 ? 219 VAL A CG2 1 
ATOM   780  N N   . ASN A 1 120 ? -11.445 -9.947  4.696   1.00 14.36 ? 220 ASN A N   1 
ATOM   781  C CA  . ASN A 1 120 ? -12.524 -9.388  5.516   1.00 16.48 ? 220 ASN A CA  1 
ATOM   782  C C   . ASN A 1 120 ? -13.252 -8.172  4.932   1.00 17.42 ? 220 ASN A C   1 
ATOM   783  O O   . ASN A 1 120 ? -14.046 -7.523  5.605   1.00 18.61 ? 220 ASN A O   1 
ATOM   784  C CB  . ASN A 1 120 ? -11.976 -9.083  6.897   1.00 17.30 ? 220 ASN A CB  1 
ATOM   785  C CG  . ASN A 1 120 ? -11.747 -10.351 7.679   1.00 18.17 ? 220 ASN A CG  1 
ATOM   786  O OD1 . ASN A 1 120 ? -10.796 -11.066 7.427   1.00 18.99 ? 220 ASN A OD1 1 
ATOM   787  N ND2 . ASN A 1 120 ? -12.671 -10.675 8.587   1.00 17.60 ? 220 ASN A ND2 1 
ATOM   788  N N   . VAL A 1 121 ? -13.010 -7.905  3.667   1.00 17.45 ? 221 VAL A N   1 
ATOM   789  C CA  . VAL A 1 121 ? -13.683 -6.842  2.950   1.00 17.29 ? 221 VAL A CA  1 
ATOM   790  C C   . VAL A 1 121 ? -14.174 -7.368  1.601   1.00 18.31 ? 221 VAL A C   1 
ATOM   791  O O   . VAL A 1 121 ? -13.649 -8.328  1.072   1.00 18.46 ? 221 VAL A O   1 
ATOM   792  C CB  . VAL A 1 121 ? -12.758 -5.613  2.759   1.00 17.27 ? 221 VAL A CB  1 
ATOM   793  C CG1 . VAL A 1 121 ? -12.525 -4.934  4.080   1.00 17.48 ? 221 VAL A CG1 1 
ATOM   794  C CG2 . VAL A 1 121 ? -11.433 -5.975  2.095   1.00 18.05 ? 221 VAL A CG2 1 
ATOM   795  N N   . GLN A 1 122 ? -15.174 -6.695  1.046   1.00 21.45 ? 222 GLN A N   1 
ATOM   796  C CA  . GLN A 1 122 ? -15.812 -7.058  -0.235  1.00 22.76 ? 222 GLN A CA  1 
ATOM   797  C C   . GLN A 1 122 ? -15.461 -6.059  -1.326  1.00 19.64 ? 222 GLN A C   1 
ATOM   798  O O   . GLN A 1 122 ? -15.344 -4.886  -1.018  1.00 17.26 ? 222 GLN A O   1 
ATOM   799  C CB  . GLN A 1 122 ? -17.339 -6.943  -0.059  1.00 26.64 ? 222 GLN A CB  1 
ATOM   800  C CG  . GLN A 1 122 ? -17.944 -7.809  1.044   1.00 33.10 ? 222 GLN A CG  1 
ATOM   801  C CD  . GLN A 1 122 ? -18.174 -9.243  0.597   1.00 36.72 ? 222 GLN A CD  1 
ATOM   802  O OE1 . GLN A 1 122 ? -17.749 -9.647  -0.486  1.00 41.66 ? 222 GLN A OE1 1 
ATOM   803  N NE2 . GLN A 1 122 ? -18.844 -10.022 1.441   1.00 39.49 ? 222 GLN A NE2 1 
ATOM   804  N N   . PRO A 1 123 ? -15.384 -6.476  -2.605  1.00 20.36 ? 223 PRO A N   1 
ATOM   805  C CA  . PRO A 1 123 ? -15.309 -5.469  -3.670  1.00 20.27 ? 223 PRO A CA  1 
ATOM   806  C C   . PRO A 1 123 ? -16.429 -4.435  -3.605  1.00 19.81 ? 223 PRO A C   1 
ATOM   807  O O   . PRO A 1 123 ? -17.547 -4.758  -3.183  1.00 18.63 ? 223 PRO A O   1 
ATOM   808  C CB  . PRO A 1 123 ? -15.436 -6.281  -4.957  1.00 22.38 ? 223 PRO A CB  1 
ATOM   809  C CG  . PRO A 1 123 ? -15.071 -7.654  -4.561  1.00 22.38 ? 223 PRO A CG  1 
ATOM   810  C CD  . PRO A 1 123 ? -15.579 -7.823  -3.171  1.00 21.85 ? 223 PRO A CD  1 
ATOM   811  N N   . LYS A 1 124 ? -16.089 -3.205  -3.985  1.00 18.01 ? 224 LYS A N   1 
ATOM   812  C CA  . LYS A 1 124 ? -16.933 -2.007  -3.895  1.00 20.10 ? 224 LYS A CA  1 
ATOM   813  C C   . LYS A 1 124 ? -17.065 -1.402  -2.495  1.00 19.09 ? 224 LYS A C   1 
ATOM   814  O O   . LYS A 1 124 ? -17.679 -0.341  -2.360  1.00 19.48 ? 224 LYS A O   1 
ATOM   815  C CB  . LYS A 1 124 ? -18.346 -2.216  -4.491  1.00 23.08 ? 224 LYS A CB  1 
ATOM   816  C CG  . LYS A 1 124 ? -18.399 -2.893  -5.849  1.00 27.63 ? 224 LYS A CG  1 
ATOM   817  C CD  . LYS A 1 124 ? -19.849 -3.219  -6.238  1.00 32.19 ? 224 LYS A CD  1 
ATOM   818  C CE  . LYS A 1 124 ? -19.936 -4.528  -7.024  1.00 36.18 ? 224 LYS A CE  1 
ATOM   819  N NZ  . LYS A 1 124 ? -18.997 -4.525  -8.185  1.00 41.13 ? 224 LYS A NZ  1 
ATOM   820  N N   . SER A 1 125 ? -16.452 -2.014  -1.476  1.00 17.82 ? 225 SER A N   1 
ATOM   821  C CA  . SER A 1 125 ? -16.492 -1.453  -0.120  1.00 19.48 ? 225 SER A CA  1 
ATOM   822  C C   . SER A 1 125 ? -15.543 -0.278  0.030   1.00 16.71 ? 225 SER A C   1 
ATOM   823  O O   . SER A 1 125 ? -14.384 -0.361  -0.402  1.00 14.08 ? 225 SER A O   1 
ATOM   824  C CB  . SER A 1 125 ? -16.131 -2.520  0.919   1.00 21.54 ? 225 SER A CB  1 
ATOM   825  O OG  . SER A 1 125 ? -17.202 -3.443  1.011   1.00 30.59 ? 225 SER A OG  1 
ATOM   826  N N   . PHE A 1 126 ? -16.002 0.792   0.691   1.00 16.25 ? 226 PHE A N   1 
ATOM   827  C CA  . PHE A 1 126 ? -15.131 1.919   0.984   1.00 16.26 ? 226 PHE A CA  1 
ATOM   828  C C   . PHE A 1 126 ? -14.238 1.550   2.176   1.00 16.80 ? 226 PHE A C   1 
ATOM   829  O O   . PHE A 1 126 ? -14.646 0.811   3.082   1.00 16.58 ? 226 PHE A O   1 
ATOM   830  C CB  . PHE A 1 126 ? -15.925 3.215   1.204   1.00 16.63 ? 226 PHE A CB  1 
ATOM   831  C CG  . PHE A 1 126 ? -16.689 3.638   -0.008  1.00 16.63 ? 226 PHE A CG  1 
ATOM   832  C CD1 . PHE A 1 126 ? -16.033 4.185   -1.103  1.00 17.52 ? 226 PHE A CD1 1 
ATOM   833  C CD2 . PHE A 1 126 ? -18.053 3.419   -0.110  1.00 17.35 ? 226 PHE A CD2 1 
ATOM   834  C CE1 . PHE A 1 126 ? -16.724 4.546   -2.251  1.00 17.13 ? 226 PHE A CE1 1 
ATOM   835  C CE2 . PHE A 1 126 ? -18.754 3.806   -1.254  1.00 17.56 ? 226 PHE A CE2 1 
ATOM   836  C CZ  . PHE A 1 126 ? -18.084 4.360   -2.329  1.00 17.91 ? 226 PHE A CZ  1 
ATOM   837  N N   . ILE A 1 127 ? -13.028 2.027   2.102   1.00 15.28 ? 227 ILE A N   1 
ATOM   838  C CA  . ILE A 1 127 ? -12.014 1.725   3.058   1.00 15.45 ? 227 ILE A CA  1 
ATOM   839  C C   . ILE A 1 127 ? -11.440 2.960   3.734   1.00 14.60 ? 227 ILE A C   1 
ATOM   840  O O   . ILE A 1 127 ? -11.128 3.908   3.109   1.00 13.45 ? 227 ILE A O   1 
ATOM   841  C CB  . ILE A 1 127 ? -10.795 1.036   2.346   1.00 16.04 ? 227 ILE A CB  1 
ATOM   842  C CG1 . ILE A 1 127 ? -11.167 -0.278  1.731   1.00 16.37 ? 227 ILE A CG1 1 
ATOM   843  C CG2 . ILE A 1 127 ? -9.591  0.853   3.252   1.00 18.24 ? 227 ILE A CG2 1 
ATOM   844  C CD1 . ILE A 1 127 ? -11.299 -1.369  2.730   1.00 16.83 ? 227 ILE A CD1 1 
ATOM   845  N N   . GLN A 1 128 ? -11.236 2.835   5.028   1.00 15.36 ? 228 GLN A N   1 
ATOM   846  C CA  . GLN A 1 128 ? -10.603 3.850   5.828   1.00 17.26 ? 228 GLN A CA  1 
ATOM   847  C C   . GLN A 1 128 ? -9.176  3.404   6.177   1.00 15.45 ? 228 GLN A C   1 
ATOM   848  O O   . GLN A 1 128 ? -8.953  2.286   6.448   1.00 15.19 ? 228 GLN A O   1 
ATOM   849  C CB  . GLN A 1 128 ? -11.392 4.002   7.100   1.00 22.50 ? 228 GLN A CB  1 
ATOM   850  C CG  . GLN A 1 128 ? -10.860 5.014   8.059   1.00 29.03 ? 228 GLN A CG  1 
ATOM   851  C CD  . GLN A 1 128 ? -11.686 6.288   8.074   1.00 35.26 ? 228 GLN A CD  1 
ATOM   852  O OE1 . GLN A 1 128 ? -11.237 7.277   7.586   1.00 39.95 ? 228 GLN A OE1 1 
ATOM   853  N NE2 . GLN A 1 128 ? -12.919 6.239   8.633   1.00 39.71 ? 228 GLN A NE2 1 
ATOM   854  N N   . LYS A 1 129 ? -8.233  4.323   6.161   1.00 14.17 ? 229 LYS A N   1 
ATOM   855  C CA  . LYS A 1 129 ? -6.865  4.034   6.494   1.00 14.72 ? 229 LYS A CA  1 
ATOM   856  C C   . LYS A 1 129 ? -6.849  3.356   7.859   1.00 14.87 ? 229 LYS A C   1 
ATOM   857  O O   . LYS A 1 129 ? -7.471  3.811   8.723   1.00 14.19 ? 229 LYS A O   1 
ATOM   858  C CB  . LYS A 1 129 ? -6.040  5.300   6.536   1.00 15.44 ? 229 LYS A CB  1 
ATOM   859  C CG  . LYS A 1 129 ? -4.628  5.082   7.022   1.00 17.14 ? 229 LYS A CG  1 
ATOM   860  C CD  . LYS A 1 129 ? -3.733  6.255   6.717   1.00 19.38 ? 229 LYS A CD  1 
ATOM   861  C CE  . LYS A 1 129 ? -2.370  6.113   7.363   1.00 20.14 ? 229 LYS A CE  1 
ATOM   862  N NZ  . LYS A 1 129 ? -1.546  4.952   6.994   1.00 20.40 ? 229 LYS A NZ  1 
ATOM   863  N N   . GLY A 1 130 ? -6.126  2.268   7.986   1.00 14.97 ? 230 GLY A N   1 
ATOM   864  C CA  . GLY A 1 130 ? -6.024  1.536   9.241   1.00 14.93 ? 230 GLY A CA  1 
ATOM   865  C C   . GLY A 1 130 ? -7.089  0.506   9.511   1.00 14.89 ? 230 GLY A C   1 
ATOM   866  O O   . GLY A 1 130 ? -6.998  -0.212  10.516  1.00 15.35 ? 230 GLY A O   1 
ATOM   867  N N   . GLN A 1 131 ? -8.045  0.414   8.627   1.00 14.80 ? 231 GLN A N   1 
ATOM   868  C CA  . GLN A 1 131 ? -9.096  -0.559  8.743   1.00 16.51 ? 231 GLN A CA  1 
ATOM   869  C C   . GLN A 1 131 ? -8.577  -1.976  8.530   1.00 15.96 ? 231 GLN A C   1 
ATOM   870  O O   . GLN A 1 131 ? -7.798  -2.180  7.680   1.00 14.64 ? 231 GLN A O   1 
ATOM   871  C CB  . GLN A 1 131 ? -10.091 -0.286  7.635   1.00 18.89 ? 231 GLN A CB  1 
ATOM   872  C CG  . GLN A 1 131 ? -11.337 -1.049  7.744   1.00 21.64 ? 231 GLN A CG  1 
ATOM   873  C CD  . GLN A 1 131 ? -12.254 -0.755  6.591   1.00 23.35 ? 231 GLN A CD  1 
ATOM   874  O OE1 . GLN A 1 131 ? -12.342 0.333   6.116   1.00 20.22 ? 231 GLN A OE1 1 
ATOM   875  N NE2 . GLN A 1 131 ? -12.941 -1.757  6.173   1.00 26.86 ? 231 GLN A NE2 1 
ATOM   876  N N   . LEU A 1 132 ? -9.088  -2.945  9.265   1.00 15.43 ? 232 LEU A N   1 
ATOM   877  C CA  . LEU A 1 132 ? -8.696  -4.316  9.068   1.00 16.49 ? 232 LEU A CA  1 
ATOM   878  C C   . LEU A 1 132 ? -9.219  -4.814  7.732   1.00 16.22 ? 232 LEU A C   1 
ATOM   879  O O   . LEU A 1 132 ? -10.351 -4.648  7.488   1.00 17.13 ? 232 LEU A O   1 
ATOM   880  C CB  . LEU A 1 132 ? -9.337  -5.230  10.104  1.00 17.64 ? 232 LEU A CB  1 
ATOM   881  C CG  . LEU A 1 132 ? -8.984  -6.705  9.975   1.00 19.85 ? 232 LEU A CG  1 
ATOM   882  C CD1 . LEU A 1 132 ? -7.819  -7.073  10.805  1.00 20.03 ? 232 LEU A CD1 1 
ATOM   883  C CD2 . LEU A 1 132 ? -10.131 -7.579  10.322  1.00 23.55 ? 232 LEU A CD2 1 
ATOM   884  N N   . ILE A 1 133 ? -8.395  -5.433  6.910   1.00 14.20 ? 233 ILE A N   1 
ATOM   885  C CA  . ILE A 1 133 ? -8.855  -5.957  5.652   1.00 13.38 ? 233 ILE A CA  1 
ATOM   886  C C   . ILE A 1 133 ? -8.719  -7.464  5.478   1.00 12.68 ? 233 ILE A C   1 
ATOM   887  O O   . ILE A 1 133 ? -9.271  -8.005  4.617   1.00 12.45 ? 233 ILE A O   1 
ATOM   888  C CB  . ILE A 1 133 ? -8.218  -5.276  4.462   1.00 13.80 ? 233 ILE A CB  1 
ATOM   889  C CG1 . ILE A 1 133 ? -6.740  -5.562  4.381   1.00 14.65 ? 233 ILE A CG1 1 
ATOM   890  C CG2 . ILE A 1 133 ? -8.515  -3.805  4.489   1.00 14.71 ? 233 ILE A CG2 1 
ATOM   891  C CD1 . ILE A 1 133 ? -6.045  -4.770  3.324   1.00 15.54 ? 233 ILE A CD1 1 
ATOM   892  N N   . GLY A 1 134 ? -7.959  -8.089  6.348   1.00 11.72 ? 234 GLY A N   1 
ATOM   893  C CA  . GLY A 1 134 ? -7.803  -9.520  6.312   1.00 11.24 ? 234 GLY A CA  1 
ATOM   894  C C   . GLY A 1 134 ? -6.780  -9.982  7.306   1.00 11.38 ? 234 GLY A C   1 
ATOM   895  O O   . GLY A 1 134 ? -6.363  -9.218  8.153   1.00 11.03 ? 234 GLY A O   1 
ATOM   896  N N   . TYR A 1 135 ? -6.405  -11.237 7.172   1.00 11.12 ? 235 TYR A N   1 
ATOM   897  C CA  . TYR A 1 135 ? -5.494  -11.936 8.082   1.00 11.04 ? 235 TYR A CA  1 
ATOM   898  C C   . TYR A 1 135 ? -4.448  -12.595 7.230   1.00 10.31 ? 235 TYR A C   1 
ATOM   899  O O   . TYR A 1 135 ? -4.784  -13.260 6.227   1.00 11.18 ? 235 TYR A O   1 
ATOM   900  C CB  . TYR A 1 135 ? -6.265  -12.982 8.911   1.00 11.69 ? 235 TYR A CB  1 
ATOM   901  C CG  . TYR A 1 135 ? -7.144  -12.306 9.933   1.00 12.66 ? 235 TYR A CG  1 
ATOM   902  C CD1 . TYR A 1 135 ? -8.431  -11.904 9.615   1.00 14.17 ? 235 TYR A CD1 1 
ATOM   903  C CD2 . TYR A 1 135 ? -6.666  -12.026 11.213  1.00 14.20 ? 235 TYR A CD2 1 
ATOM   904  C CE1 . TYR A 1 135 ? -9.229  -11.235 10.558  1.00 14.94 ? 235 TYR A CE1 1 
ATOM   905  C CE2 . TYR A 1 135 ? -7.438  -11.365 12.142  1.00 15.96 ? 235 TYR A CE2 1 
ATOM   906  C CZ  . TYR A 1 135 ? -8.717  -10.986 11.821  1.00 16.06 ? 235 TYR A CZ  1 
ATOM   907  O OH  . TYR A 1 135 ? -9.456  -10.330 12.775  1.00 19.52 ? 235 TYR A OH  1 
ATOM   908  N N   . SER A 1 136 ? -3.197  -12.460 7.638   1.00 9.41  ? 236 SER A N   1 
ATOM   909  C CA  . SER A 1 136 ? -2.085  -13.010 6.876   1.00 9.37  ? 236 SER A CA  1 
ATOM   910  C C   . SER A 1 136 ? -2.096  -14.538 6.833   1.00 9.94  ? 236 SER A C   1 
ATOM   911  O O   . SER A 1 136 ? -2.644  -15.187 7.735   1.00 9.48  ? 236 SER A O   1 
ATOM   912  C CB  . SER A 1 136 ? -0.734  -12.509 7.391   1.00 9.77  ? 236 SER A CB  1 
ATOM   913  O OG  . SER A 1 136 ? -0.433  -13.087 8.648   1.00 10.65 ? 236 SER A OG  1 
ATOM   914  N N   . GLY A 1 137 ? -1.559  -15.082 5.754   1.00 9.57  ? 237 GLY A N   1 
ATOM   915  C CA  . GLY A 1 137 ? -1.504  -16.524 5.564   1.00 10.19 ? 237 GLY A CA  1 
ATOM   916  C C   . GLY A 1 137 ? -0.277  -17.004 4.843   1.00 10.74 ? 237 GLY A C   1 
ATOM   917  O O   . GLY A 1 137 ? 0.786   -16.404 4.968   1.00 10.79 ? 237 GLY A O   1 
ATOM   918  N N   . LYS A 1 138 ? -0.433  -18.099 4.100   1.00 10.78 ? 238 LYS A N   1 
ATOM   919  C CA  . LYS A 1 138 ? 0.625   -18.632 3.239   1.00 12.21 ? 238 LYS A CA  1 
ATOM   920  C C   . LYS A 1 138 ? 0.029   -19.091 1.917   1.00 11.32 ? 238 LYS A C   1 
ATOM   921  O O   . LYS A 1 138 ? 0.632   -19.922 1.237   1.00 11.42 ? 238 LYS A O   1 
ATOM   922  C CB  . LYS A 1 138 ? 1.339   -19.803 3.924   1.00 14.66 ? 238 LYS A CB  1 
ATOM   923  C CG  . LYS A 1 138 ? 0.415   -20.919 4.372   1.00 17.87 ? 238 LYS A CG  1 
ATOM   924  C CD  . LYS A 1 138 ? 1.254   -22.067 4.934   1.00 22.30 ? 238 LYS A CD  1 
ATOM   925  C CE  . LYS A 1 138 ? 0.451   -23.356 5.015   1.00 26.94 ? 238 LYS A CE  1 
ATOM   926  N NZ  . LYS A 1 138 ? -0.650  -23.222 6.002   1.00 30.52 ? 238 LYS A NZ  1 
ATOM   927  N N   . SER A 1 139 ? -1.126  -18.536 1.530   1.00 10.41 ? 239 SER A N   1 
ATOM   928  C CA  . SER A 1 139 ? -1.834  -19.021 0.333   1.00 10.65 ? 239 SER A CA  1 
ATOM   929  C C   . SER A 1 139 ? -1.089  -18.671 -0.963  1.00 10.90 ? 239 SER A C   1 
ATOM   930  O O   . SER A 1 139 ? -0.421  -17.634 -1.064  1.00 9.99  ? 239 SER A O   1 
ATOM   931  C CB  . SER A 1 139 ? -3.254  -18.480 0.294   1.00 10.77 ? 239 SER A CB  1 
ATOM   932  O OG  . SER A 1 139 ? -3.301  -17.070 0.290   1.00 9.90  ? 239 SER A OG  1 
ATOM   933  N N   . GLY A 1 140 ? -1.176  -19.548 -1.958  1.00 10.98 ? 240 GLY A N   1 
ATOM   934  C CA  . GLY A 1 140 ? -0.540  -19.314 -3.229  1.00 11.63 ? 240 GLY A CA  1 
ATOM   935  C C   . GLY A 1 140 ? 0.930   -19.676 -3.196  1.00 12.19 ? 240 GLY A C   1 
ATOM   936  O O   . GLY A 1 140 ? 1.395   -20.416 -2.318  1.00 12.32 ? 240 GLY A O   1 
ATOM   937  N N   . ASN A 1 141 ? 1.674   -19.113 -4.132  1.00 12.63 ? 241 ASN A N   1 
ATOM   938  C CA  . ASN A 1 141 ? 3.118   -19.353 -4.214  1.00 13.04 ? 241 ASN A CA  1 
ATOM   939  C C   . ASN A 1 141 ? 3.797   -18.343 -3.291  1.00 13.17 ? 241 ASN A C   1 
ATOM   940  O O   . ASN A 1 141 ? 4.374   -17.334 -3.739  1.00 12.05 ? 241 ASN A O   1 
ATOM   941  C CB  . ASN A 1 141 ? 3.615   -19.232 -5.646  1.00 15.14 ? 241 ASN A CB  1 
ATOM   942  C CG  . ASN A 1 141 ? 5.104   -19.481 -5.756  1.00 16.47 ? 241 ASN A CG  1 
ATOM   943  O OD1 . ASN A 1 141 ? 5.664   -20.081 -4.887  1.00 20.17 ? 241 ASN A OD1 1 
ATOM   944  N ND2 . ASN A 1 141 ? 5.727   -19.055 -6.842  1.00 19.10 ? 241 ASN A ND2 1 
ATOM   945  N N   . SER A 1 142 ? 3.704   -18.635 -1.997  1.00 12.68 ? 242 SER A N   1 
ATOM   946  C CA  . SER A 1 142 ? 4.101   -17.722 -0.933  1.00 13.40 ? 242 SER A CA  1 
ATOM   947  C C   . SER A 1 142 ? 5.519   -17.967 -0.434  1.00 14.73 ? 242 SER A C   1 
ATOM   948  O O   . SER A 1 142 ? 6.126   -17.065 0.146   1.00 14.91 ? 242 SER A O   1 
ATOM   949  C CB  . SER A 1 142 ? 3.158   -17.891 0.245   1.00 13.07 ? 242 SER A CB  1 
ATOM   950  O OG  . SER A 1 142 ? 3.227   -19.230 0.742   1.00 13.57 ? 242 SER A OG  1 
ATOM   951  N N   . GLY A 1 143 ? 6.014   -19.201 -0.574  1.00 15.20 ? 243 GLY A N   1 
ATOM   952  C CA  . GLY A 1 143 ? 7.262   -19.577 0.095   1.00 16.05 ? 243 GLY A CA  1 
ATOM   953  C C   . GLY A 1 143 ? 7.192   -19.556 1.618   1.00 17.11 ? 243 GLY A C   1 
ATOM   954  O O   . GLY A 1 143 ? 8.222   -19.493 2.269   1.00 19.81 ? 243 GLY A O   1 
ATOM   955  N N   . GLY A 1 144 ? 6.002   -19.641 2.192   1.00 15.74 ? 244 GLY A N   1 
ATOM   956  C CA  . GLY A 1 144 ? 5.846   -19.675 3.644   1.00 15.68 ? 244 GLY A CA  1 
ATOM   957  C C   . GLY A 1 144 ? 4.861   -18.638 4.149   1.00 14.61 ? 244 GLY A C   1 
ATOM   958  O O   . GLY A 1 144 ? 4.174   -17.959 3.353   1.00 13.47 ? 244 GLY A O   1 
ATOM   959  N N   . GLU A 1 145 ? 4.797   -18.520 5.478   1.00 13.39 ? 245 GLU A N   1 
ATOM   960  C CA  . GLU A 1 145 ? 3.884   -17.596 6.115   1.00 13.15 ? 245 GLU A CA  1 
ATOM   961  C C   . GLU A 1 145 ? 4.414   -16.166 6.002   1.00 12.48 ? 245 GLU A C   1 
ATOM   962  O O   . GLU A 1 145 ? 5.447   -15.811 6.598   1.00 11.55 ? 245 GLU A O   1 
ATOM   963  C CB  . GLU A 1 145 ? 3.647   -17.994 7.575   1.00 15.06 ? 245 GLU A CB  1 
ATOM   964  C CG  . GLU A 1 145 ? 2.931   -19.361 7.672   1.00 17.05 ? 245 GLU A CG  1 
ATOM   965  C CD  . GLU A 1 145 ? 2.728   -19.898 9.096   1.00 20.91 ? 245 GLU A CD  1 
ATOM   966  O OE1 . GLU A 1 145 ? 2.938   -19.152 10.107  1.00 20.46 ? 245 GLU A OE1 1 
ATOM   967  O OE2 . GLU A 1 145 ? 2.277   -21.090 9.203   1.00 23.64 ? 245 GLU A OE2 1 
ATOM   968  N N   . LYS A 1 146 ? 3.681   -15.331 5.274   1.00 10.80 ? 246 LYS A N   1 
ATOM   969  C CA  . LYS A 1 146 ? 4.121   -13.949 5.021   1.00 10.48 ? 246 LYS A CA  1 
ATOM   970  C C   . LYS A 1 146 ? 2.965   -13.133 4.440   1.00 10.62 ? 246 LYS A C   1 
ATOM   971  O O   . LYS A 1 146 ? 2.005   -13.696 3.919   1.00 11.49 ? 246 LYS A O   1 
ATOM   972  C CB  . LYS A 1 146 ? 5.302   -13.922 4.023   1.00 10.41 ? 246 LYS A CB  1 
ATOM   973  C CG  . LYS A 1 146 ? 5.002   -14.590 2.680   1.00 10.66 ? 246 LYS A CG  1 
ATOM   974  C CD  . LYS A 1 146 ? 5.930   -14.125 1.576   1.00 11.09 ? 246 LYS A CD  1 
ATOM   975  C CE  . LYS A 1 146 ? 7.388   -14.435 1.815   1.00 11.36 ? 246 LYS A CE  1 
ATOM   976  N NZ  . LYS A 1 146 ? 7.696   -15.894 2.015   1.00 12.18 ? 246 LYS A NZ  1 
ATOM   977  N N   . LEU A 1 147 ? 3.064   -11.826 4.531   1.00 10.24 ? 247 LEU A N   1 
ATOM   978  C CA  . LEU A 1 147 ? 2.211   -10.892 3.771   1.00 9.55  ? 247 LEU A CA  1 
ATOM   979  C C   . LEU A 1 147 ? 3.031   -10.343 2.621   1.00 9.93  ? 247 LEU A C   1 
ATOM   980  O O   . LEU A 1 147 ? 4.098   -9.744  2.857   1.00 10.35 ? 247 LEU A O   1 
ATOM   981  C CB  . LEU A 1 147 ? 1.784   -9.722  4.658   1.00 9.69  ? 247 LEU A CB  1 
ATOM   982  C CG  . LEU A 1 147 ? 1.100   -8.548  3.935   1.00 9.74  ? 247 LEU A CG  1 
ATOM   983  C CD1 . LEU A 1 147 ? -0.212  -9.007  3.341   1.00 10.46 ? 247 LEU A CD1 1 
ATOM   984  C CD2 . LEU A 1 147 ? 0.862   -7.337  4.827   1.00 9.94  ? 247 LEU A CD2 1 
ATOM   985  N N   . HIS A 1 148 ? 2.547   -10.507 1.392   1.00 9.16  ? 248 HIS A N   1 
ATOM   986  C CA  . HIS A 1 148 ? 3.113   -9.798  0.253   1.00 9.02  ? 248 HIS A CA  1 
ATOM   987  C C   . HIS A 1 148 ? 2.369   -8.484  0.040   1.00 8.83  ? 248 HIS A C   1 
ATOM   988  O O   . HIS A 1 148 ? 1.116   -8.464  0.037   1.00 8.60  ? 248 HIS A O   1 
ATOM   989  C CB  . HIS A 1 148 ? 3.055   -10.671 -0.966  1.00 10.06 ? 248 HIS A CB  1 
ATOM   990  C CG  . HIS A 1 148 ? 3.531   -9.995  -2.190  1.00 10.54 ? 248 HIS A CG  1 
ATOM   991  N ND1 . HIS A 1 148 ? 4.851   -9.686  -2.371  1.00 11.19 ? 248 HIS A ND1 1 
ATOM   992  C CD2 . HIS A 1 148 ? 2.878   -9.562  -3.290  1.00 11.44 ? 248 HIS A CD2 1 
ATOM   993  C CE1 . HIS A 1 148 ? 4.999   -9.069  -3.530  1.00 11.58 ? 248 HIS A CE1 1 
ATOM   994  N NE2 . HIS A 1 148 ? 3.823   -8.977  -4.109  1.00 11.10 ? 248 HIS A NE2 1 
ATOM   995  N N   . TYR A 1 149 ? 3.133   -7.396  -0.129  1.00 8.65  ? 249 TYR A N   1 
ATOM   996  C CA  . TYR A 1 149 ? 2.583   -6.039  -0.189  1.00 8.82  ? 249 TYR A CA  1 
ATOM   997  C C   . TYR A 1 149 ? 3.186   -5.283  -1.358  1.00 9.25  ? 249 TYR A C   1 
ATOM   998  O O   . TYR A 1 149 ? 4.400   -5.309  -1.550  1.00 9.05  ? 249 TYR A O   1 
ATOM   999  C CB  . TYR A 1 149 ? 2.893   -5.315  1.099   1.00 9.07  ? 249 TYR A CB  1 
ATOM   1000 C CG  . TYR A 1 149 ? 2.421   -3.890  1.200   1.00 9.06  ? 249 TYR A CG  1 
ATOM   1001 C CD1 . TYR A 1 149 ? 1.063   -3.572  1.257   1.00 9.77  ? 249 TYR A CD1 1 
ATOM   1002 C CD2 . TYR A 1 149 ? 3.331   -2.846  1.330   1.00 9.42  ? 249 TYR A CD2 1 
ATOM   1003 C CE1 . TYR A 1 149 ? 0.642   -2.266  1.378   1.00 10.21 ? 249 TYR A CE1 1 
ATOM   1004 C CE2 . TYR A 1 149 ? 2.906   -1.528  1.487   1.00 9.39  ? 249 TYR A CE2 1 
ATOM   1005 C CZ  . TYR A 1 149 ? 1.572   -1.247  1.528   1.00 10.23 ? 249 TYR A CZ  1 
ATOM   1006 O OH  . TYR A 1 149 ? 1.162   0.060   1.659   1.00 10.70 ? 249 TYR A OH  1 
ATOM   1007 N N   . GLU A 1 150 ? 2.352   -4.623  -2.129  1.00 9.96  ? 250 GLU A N   1 
ATOM   1008 C CA  . GLU A 1 150 ? 2.848   -3.771  -3.236  1.00 10.82 ? 250 GLU A CA  1 
ATOM   1009 C C   . GLU A 1 150 ? 2.128   -2.461  -3.232  1.00 10.78 ? 250 GLU A C   1 
ATOM   1010 O O   . GLU A 1 150 ? 0.916   -2.417  -2.977  1.00 9.98  ? 250 GLU A O   1 
ATOM   1011 C CB  . GLU A 1 150 ? 2.648   -4.405  -4.610  1.00 12.69 ? 250 GLU A CB  1 
ATOM   1012 C CG  . GLU A 1 150 ? 3.123   -5.848  -4.778  1.00 13.86 ? 250 GLU A CG  1 
ATOM   1013 C CD  . GLU A 1 150 ? 2.871   -6.437  -6.160  1.00 17.06 ? 250 GLU A CD  1 
ATOM   1014 O OE1 . GLU A 1 150 ? 2.245   -5.771  -7.033  1.00 18.19 ? 250 GLU A OE1 1 
ATOM   1015 O OE2 . GLU A 1 150 ? 3.292   -7.620  -6.380  1.00 16.20 ? 250 GLU A OE2 1 
ATOM   1016 N N   . VAL A 1 151 ? 2.874   -1.410  -3.557  1.00 9.99  ? 251 VAL A N   1 
ATOM   1017 C CA  . VAL A 1 151 ? 2.308   -0.104  -3.853  1.00 10.46 ? 251 VAL A CA  1 
ATOM   1018 C C   . VAL A 1 151 ? 2.596   0.172   -5.319  1.00 10.58 ? 251 VAL A C   1 
ATOM   1019 O O   . VAL A 1 151 ? 3.720   -0.023  -5.790  1.00 9.99  ? 251 VAL A O   1 
ATOM   1020 C CB  . VAL A 1 151 ? 2.916   1.013   -3.008  1.00 11.49 ? 251 VAL A CB  1 
ATOM   1021 C CG1 . VAL A 1 151 ? 2.260   2.344   -3.344  1.00 11.83 ? 251 VAL A CG1 1 
ATOM   1022 C CG2 . VAL A 1 151 ? 2.747   0.724   -1.532  1.00 11.66 ? 251 VAL A CG2 1 
ATOM   1023 N N   . ARG A 1 152 ? 1.564   0.597   -6.046  1.00 9.76  ? 252 ARG A N   1 
ATOM   1024 C CA  . ARG A 1 152 ? 1.706   0.922   -7.471  1.00 10.92 ? 252 ARG A CA  1 
ATOM   1025 C C   . ARG A 1 152 ? 1.104   2.277   -7.770  1.00 10.92 ? 252 ARG A C   1 
ATOM   1026 O O   . ARG A 1 152 ? 0.272   2.775   -7.012  1.00 10.05 ? 252 ARG A O   1 
ATOM   1027 C CB  . ARG A 1 152 ? 1.015   -0.143  -8.335  1.00 11.89 ? 252 ARG A CB  1 
ATOM   1028 C CG  . ARG A 1 152 ? 1.663   -1.532  -8.257  1.00 13.97 ? 252 ARG A CG  1 
ATOM   1029 C CD  . ARG A 1 152 ? 0.972   -2.577  -9.141  1.00 16.58 ? 252 ARG A CD  1 
ATOM   1030 N NE  . ARG A 1 152 ? 1.670   -3.870  -9.086  1.00 18.64 ? 252 ARG A NE  1 
ATOM   1031 C CZ  . ARG A 1 152 ? 2.560   -4.324  -9.967  1.00 22.39 ? 252 ARG A CZ  1 
ATOM   1032 N NH1 . ARG A 1 152 ? 2.907   -3.624  -11.056 1.00 23.39 ? 252 ARG A NH1 1 
ATOM   1033 N NH2 . ARG A 1 152 ? 3.132   -5.517  -9.759  1.00 23.28 ? 252 ARG A NH2 1 
ATOM   1034 N N   . PHE A 1 153 ? 1.553   2.858   -8.884  1.00 11.30 ? 253 PHE A N   1 
ATOM   1035 C CA  . PHE A 1 153 ? 1.050   4.121   -9.411  1.00 11.92 ? 253 PHE A CA  1 
ATOM   1036 C C   . PHE A 1 153 ? 0.642   3.903   -10.866 1.00 13.16 ? 253 PHE A C   1 
ATOM   1037 O O   . PHE A 1 153 ? 1.501   3.601   -11.711 1.00 13.05 ? 253 PHE A O   1 
ATOM   1038 C CB  . PHE A 1 153 ? 2.139   5.165   -9.319  1.00 12.36 ? 253 PHE A CB  1 
ATOM   1039 C CG  . PHE A 1 153 ? 1.748   6.506   -9.879  1.00 12.30 ? 253 PHE A CG  1 
ATOM   1040 C CD1 . PHE A 1 153 ? 0.847   7.304   -9.210  1.00 12.88 ? 253 PHE A CD1 1 
ATOM   1041 C CD2 . PHE A 1 153 ? 2.296   6.957   -11.083 1.00 13.59 ? 253 PHE A CD2 1 
ATOM   1042 C CE1 . PHE A 1 153 ? 0.489   8.557   -9.698  1.00 13.35 ? 253 PHE A CE1 1 
ATOM   1043 C CE2 . PHE A 1 153 ? 1.908   8.196   -11.588 1.00 13.34 ? 253 PHE A CE2 1 
ATOM   1044 C CZ  . PHE A 1 153 ? 1.037   8.999   -10.862 1.00 13.26 ? 253 PHE A CZ  1 
ATOM   1045 N N   . LEU A 1 154 ? -0.668  3.993   -11.150 1.00 14.11 ? 254 LEU A N   1 
ATOM   1046 C CA  . LEU A 1 154 ? -1.266  3.583   -12.442 1.00 16.17 ? 254 LEU A CA  1 
ATOM   1047 C C   . LEU A 1 154 ? -0.725  2.218   -12.921 1.00 16.86 ? 254 LEU A C   1 
ATOM   1048 O O   . LEU A 1 154 ? -0.324  2.026   -14.087 1.00 17.87 ? 254 LEU A O   1 
ATOM   1049 C CB  . LEU A 1 154 ? -1.076  4.678   -13.515 1.00 17.38 ? 254 LEU A CB  1 
ATOM   1050 C CG  . LEU A 1 154 ? -1.856  5.964   -13.242 1.00 18.65 ? 254 LEU A CG  1 
ATOM   1051 C CD1 . LEU A 1 154 ? -1.680  6.948   -14.381 1.00 20.64 ? 254 LEU A CD1 1 
ATOM   1052 C CD2 . LEU A 1 154 ? -3.329  5.697   -13.072 1.00 19.01 ? 254 LEU A CD2 1 
ATOM   1053 N N   . GLY A 1 155 ? -0.657  1.292   -11.984 1.00 16.82 ? 255 GLY A N   1 
ATOM   1054 C CA  . GLY A 1 155 ? -0.181  -0.029  -12.305 1.00 18.10 ? 255 GLY A CA  1 
ATOM   1055 C C   . GLY A 1 155 ? 1.318   -0.231  -12.319 1.00 18.52 ? 255 GLY A C   1 
ATOM   1056 O O   . GLY A 1 155 ? 1.773   -1.311  -12.458 1.00 19.97 ? 255 GLY A O   1 
ATOM   1057 N N   . LYS A 1 156 ? 2.059   0.825   -12.147 1.00 18.29 ? 256 LYS A N   1 
ATOM   1058 C CA  . LYS A 1 156 ? 3.493   0.745   -12.114 1.00 20.93 ? 256 LYS A CA  1 
ATOM   1059 C C   . LYS A 1 156 ? 4.068   0.455   -10.728 1.00 17.63 ? 256 LYS A C   1 
ATOM   1060 O O   . LYS A 1 156 ? 3.791   1.127   -9.828  1.00 15.09 ? 256 LYS A O   1 
ATOM   1061 C CB  . LYS A 1 156 ? 4.103   2.037   -12.620 1.00 24.45 ? 256 LYS A CB  1 
ATOM   1062 C CG  . LYS A 1 156 ? 5.598   2.059   -12.503 1.00 31.85 ? 256 LYS A CG  1 
ATOM   1063 C CD  . LYS A 1 156 ? 6.208   3.271   -13.132 1.00 36.83 ? 256 LYS A CD  1 
ATOM   1064 C CE  . LYS A 1 156 ? 6.892   4.146   -12.091 1.00 39.57 ? 256 LYS A CE  1 
ATOM   1065 N NZ  . LYS A 1 156 ? 6.031   5.211   -11.540 1.00 41.88 ? 256 LYS A NZ  1 
ATOM   1066 N N   . ILE A 1 157 ? 4.920   -0.539  -10.649 1.00 18.16 ? 257 ILE A N   1 
ATOM   1067 C CA  . ILE A 1 157 ? 5.524   -0.884  -9.383  1.00 17.90 ? 257 ILE A CA  1 
ATOM   1068 C C   . ILE A 1 157 ? 6.461   0.192   -8.800  1.00 18.03 ? 257 ILE A C   1 
ATOM   1069 O O   . ILE A 1 157 ? 7.279   0.726   -9.500  1.00 18.07 ? 257 ILE A O   1 
ATOM   1070 C CB  . ILE A 1 157 ? 6.276   -2.241  -9.437  1.00 19.26 ? 257 ILE A CB  1 
ATOM   1071 C CG1 . ILE A 1 157 ? 6.562   -2.740  -8.063  1.00 19.47 ? 257 ILE A CG1 1 
ATOM   1072 C CG2 . ILE A 1 157 ? 7.551   -2.116  -10.228 1.00 19.64 ? 257 ILE A CG2 1 
ATOM   1073 C CD1 . ILE A 1 157 ? 5.393   -3.367  -7.380  1.00 20.08 ? 257 ILE A CD1 1 
ATOM   1074 N N   . LEU A 1 158 ? 6.291   0.492   -7.521  1.00 16.17 ? 258 LEU A N   1 
ATOM   1075 C CA  . LEU A 1 158 ? 7.127   1.455   -6.829  1.00 16.92 ? 258 LEU A CA  1 
ATOM   1076 C C   . LEU A 1 158 ? 7.985   0.817   -5.729  1.00 17.98 ? 258 LEU A C   1 
ATOM   1077 O O   . LEU A 1 158 ? 7.786   -0.303  -5.420  1.00 19.25 ? 258 LEU A O   1 
ATOM   1078 C CB  . LEU A 1 158 ? 6.270   2.496   -6.143  1.00 16.42 ? 258 LEU A CB  1 
ATOM   1079 C CG  . LEU A 1 158 ? 5.197   3.129   -7.006  1.00 17.08 ? 258 LEU A CG  1 
ATOM   1080 C CD1 . LEU A 1 158 ? 4.398   4.106   -6.221  1.00 16.63 ? 258 LEU A CD1 1 
ATOM   1081 C CD2 . LEU A 1 158 ? 5.913   3.803   -8.138  1.00 18.19 ? 258 LEU A CD2 1 
ATOM   1082 N N   . ASP A 1 159 ? 8.898   1.581   -5.159  1.00 18.69 ? 259 ASP A N   1 
ATOM   1083 C CA  . ASP A 1 159 ? 9.696   1.095   -4.000  1.00 18.41 ? 259 ASP A CA  1 
ATOM   1084 C C   . ASP A 1 159 ? 8.840   1.235   -2.745  1.00 16.73 ? 259 ASP A C   1 
ATOM   1085 O O   . ASP A 1 159 ? 8.737   2.309   -2.155  1.00 16.72 ? 259 ASP A O   1 
ATOM   1086 C CB  . ASP A 1 159 ? 11.002  1.891   -3.902  1.00 20.65 ? 259 ASP A CB  1 
ATOM   1087 C CG  . ASP A 1 159 ? 11.899  1.460   -2.742  1.00 24.67 ? 259 ASP A CG  1 
ATOM   1088 O OD1 . ASP A 1 159 ? 11.513  0.607   -1.904  1.00 25.82 ? 259 ASP A OD1 1 
ATOM   1089 O OD2 . ASP A 1 159 ? 13.000  2.041   -2.639  1.00 27.15 ? 259 ASP A OD2 1 
ATOM   1090 N N   . ALA A 1 160 ? 8.226   0.128   -2.316  1.00 15.38 ? 260 ALA A N   1 
ATOM   1091 C CA  . ALA A 1 160 ? 7.341   0.167   -1.171  1.00 15.82 ? 260 ALA A CA  1 
ATOM   1092 C C   . ALA A 1 160 ? 7.985   0.669   0.103   1.00 15.36 ? 260 ALA A C   1 
ATOM   1093 O O   . ALA A 1 160 ? 7.302   1.277   0.914   1.00 15.62 ? 260 ALA A O   1 
ATOM   1094 C CB  . ALA A 1 160 ? 6.684   -1.193  -0.926  1.00 15.66 ? 260 ALA A CB  1 
ATOM   1095 N N   . GLN A 1 161 ? 9.292   0.451   0.290   1.00 14.89 ? 261 GLN A N   1 
ATOM   1096 C CA  . GLN A 1 161 ? 9.943   0.897   1.510   1.00 16.22 ? 261 GLN A CA  1 
ATOM   1097 C C   . GLN A 1 161 ? 9.826   2.405   1.666   1.00 15.94 ? 261 GLN A C   1 
ATOM   1098 O O   . GLN A 1 161 ? 9.723   2.896   2.781   1.00 15.53 ? 261 GLN A O   1 
ATOM   1099 C CB  . GLN A 1 161 ? 11.429  0.466   1.590   1.00 17.61 ? 261 GLN A CB  1 
ATOM   1100 C CG  . GLN A 1 161 ? 12.049  0.742   2.958   1.00 18.40 ? 261 GLN A CG  1 
ATOM   1101 C CD  . GLN A 1 161 ? 12.701  2.114   3.074   1.00 19.68 ? 261 GLN A CD  1 
ATOM   1102 O OE1 . GLN A 1 161 ? 13.245  2.611   2.106   1.00 22.79 ? 261 GLN A OE1 1 
ATOM   1103 N NE2 . GLN A 1 161 ? 12.579  2.753   4.222   1.00 19.75 ? 261 GLN A NE2 1 
ATOM   1104 N N   . LYS A 1 162 ? 9.850   3.129   0.552   1.00 16.42 ? 262 LYS A N   1 
ATOM   1105 C CA  . LYS A 1 162 ? 9.709   4.579   0.633   1.00 17.59 ? 262 LYS A CA  1 
ATOM   1106 C C   . LYS A 1 162 ? 8.357   5.022   1.190   1.00 15.77 ? 262 LYS A C   1 
ATOM   1107 O O   . LYS A 1 162 ? 8.287   6.072   1.823   1.00 14.89 ? 262 LYS A O   1 
ATOM   1108 C CB  . LYS A 1 162 ? 9.968   5.274   -0.709  1.00 21.14 ? 262 LYS A CB  1 
ATOM   1109 C CG  . LYS A 1 162 ? 11.326  5.038   -1.355  1.00 25.08 ? 262 LYS A CG  1 
ATOM   1110 C CD  . LYS A 1 162 ? 12.467  4.933   -0.359  1.00 30.92 ? 262 LYS A CD  1 
ATOM   1111 C CE  . LYS A 1 162 ? 12.652  6.113   0.587   1.00 33.74 ? 262 LYS A CE  1 
ATOM   1112 N NZ  . LYS A 1 162 ? 13.351  5.637   1.827   1.00 35.79 ? 262 LYS A NZ  1 
ATOM   1113 N N   . PHE A 1 163 ? 7.313   4.209   0.984   1.00 13.85 ? 263 PHE A N   1 
ATOM   1114 C CA  . PHE A 1 163 ? 5.970   4.478   1.520   1.00 13.72 ? 263 PHE A CA  1 
ATOM   1115 C C   . PHE A 1 163 ? 5.793   3.963   2.947   1.00 13.65 ? 263 PHE A C   1 
ATOM   1116 O O   . PHE A 1 163 ? 5.144   4.607   3.759   1.00 15.04 ? 263 PHE A O   1 
ATOM   1117 C CB  . PHE A 1 163 ? 4.906   3.906   0.553   1.00 13.14 ? 263 PHE A CB  1 
ATOM   1118 C CG  . PHE A 1 163 ? 4.914   4.607   -0.780  1.00 13.82 ? 263 PHE A CG  1 
ATOM   1119 C CD1 . PHE A 1 163 ? 5.827   4.256   -1.751  1.00 15.20 ? 263 PHE A CD1 1 
ATOM   1120 C CD2 . PHE A 1 163 ? 4.078   5.706   -1.015  1.00 13.95 ? 263 PHE A CD2 1 
ATOM   1121 C CE1 . PHE A 1 163 ? 5.883   4.943   -2.955  1.00 15.42 ? 263 PHE A CE1 1 
ATOM   1122 C CE2 . PHE A 1 163 ? 4.132   6.392   -2.218  1.00 14.12 ? 263 PHE A CE2 1 
ATOM   1123 C CZ  . PHE A 1 163 ? 5.033   6.011   -3.175  1.00 15.14 ? 263 PHE A CZ  1 
ATOM   1124 N N   . LEU A 1 164 ? 6.448   2.864   3.280   1.00 15.57 ? 264 LEU A N   1 
ATOM   1125 C CA  . LEU A 1 164 ? 6.494   2.375   4.675   1.00 15.63 ? 264 LEU A CA  1 
ATOM   1126 C C   . LEU A 1 164 ? 7.073   3.398   5.653   1.00 17.04 ? 264 LEU A C   1 
ATOM   1127 O O   . LEU A 1 164 ? 6.566   3.562   6.765   1.00 17.64 ? 264 LEU A O   1 
ATOM   1128 C CB  . LEU A 1 164 ? 7.380   1.118   4.764   1.00 15.51 ? 264 LEU A CB  1 
ATOM   1129 C CG  . LEU A 1 164 ? 6.972   -0.124  4.007   1.00 15.96 ? 264 LEU A CG  1 
ATOM   1130 C CD1 . LEU A 1 164 ? 7.889   -1.265  4.474   1.00 16.13 ? 264 LEU A CD1 1 
ATOM   1131 C CD2 . LEU A 1 164 ? 5.503   -0.484  4.161   1.00 16.14 ? 264 LEU A CD2 1 
ATOM   1132 N N   . ALA A 1 165 ? 8.134   4.072   5.213   1.00 18.36 ? 265 ALA A N   1 
ATOM   1133 C CA  . ALA A 1 165 ? 8.875   5.019   6.040   1.00 19.69 ? 265 ALA A CA  1 
ATOM   1134 C C   . ALA A 1 165 ? 8.292   6.456   5.995   1.00 21.73 ? 265 ALA A C   1 
ATOM   1135 O O   . ALA A 1 165 ? 8.733   7.367   6.723   1.00 23.52 ? 265 ALA A O   1 
ATOM   1136 C CB  . ALA A 1 165 ? 10.317  4.996   5.607   1.00 21.42 ? 265 ALA A CB  1 
ATOM   1137 N N   . TRP A 1 166 ? 7.249   6.650   5.188   1.00 17.73 ? 266 TRP A N   1 
ATOM   1138 C CA  . TRP A 1 166 ? 6.649   7.958   5.004   1.00 17.07 ? 266 TRP A CA  1 
ATOM   1139 C C   . TRP A 1 166 ? 5.647   8.289   6.101   1.00 18.19 ? 266 TRP A C   1 
ATOM   1140 O O   . TRP A 1 166 ? 4.716   7.551   6.325   1.00 18.67 ? 266 TRP A O   1 
ATOM   1141 C CB  . TRP A 1 166 ? 5.975   7.963   3.629   1.00 15.89 ? 266 TRP A CB  1 
ATOM   1142 C CG  . TRP A 1 166 ? 5.515   9.281   3.128   1.00 16.53 ? 266 TRP A CG  1 
ATOM   1143 C CD1 . TRP A 1 166 ? 6.131   10.503  3.261   1.00 17.66 ? 266 TRP A CD1 1 
ATOM   1144 C CD2 . TRP A 1 166 ? 4.351   9.504   2.331   1.00 16.38 ? 266 TRP A CD2 1 
ATOM   1145 N NE1 . TRP A 1 166 ? 5.397   11.477  2.609   1.00 17.57 ? 266 TRP A NE1 1 
ATOM   1146 C CE2 . TRP A 1 166 ? 4.297   10.890  2.031   1.00 16.73 ? 266 TRP A CE2 1 
ATOM   1147 C CE3 . TRP A 1 166 ? 3.349   8.666   1.831   1.00 16.23 ? 266 TRP A CE3 1 
ATOM   1148 C CZ2 . TRP A 1 166 ? 3.260   11.451  1.270   1.00 17.80 ? 266 TRP A CZ2 1 
ATOM   1149 C CZ3 . TRP A 1 166 ? 2.310   9.225   1.089   1.00 16.55 ? 266 TRP A CZ3 1 
ATOM   1150 C CH2 . TRP A 1 166 ? 2.282   10.603  0.806   1.00 17.65 ? 266 TRP A CH2 1 
ATOM   1151 N N   . ASP A 1 167 ? 5.850   9.391   6.809   1.00 19.69 ? 267 ASP A N   1 
ATOM   1152 C CA  . ASP A 1 167 ? 4.933   9.835   7.845   1.00 22.35 ? 267 ASP A CA  1 
ATOM   1153 C C   . ASP A 1 167 ? 5.164   11.332  8.068   1.00 23.15 ? 267 ASP A C   1 
ATOM   1154 O O   . ASP A 1 167 ? 6.024   11.915  7.426   1.00 22.04 ? 267 ASP A O   1 
ATOM   1155 C CB  . ASP A 1 167 ? 5.113   9.002   9.142   1.00 25.94 ? 267 ASP A CB  1 
ATOM   1156 C CG  . ASP A 1 167 ? 6.520   9.105   9.735   1.00 29.18 ? 267 ASP A CG  1 
ATOM   1157 O OD1 . ASP A 1 167 ? 7.167   10.160  9.609   1.00 32.22 ? 267 ASP A OD1 1 
ATOM   1158 O OD2 . ASP A 1 167 ? 6.995   8.115   10.340  1.00 35.10 ? 267 ASP A OD2 1 
ATOM   1159 N N   . LEU A 1 168 ? 4.392   11.937  8.955   1.00 27.31 ? 268 LEU A N   1 
ATOM   1160 C CA  . LEU A 1 168 ? 4.466   13.393  9.193   1.00 31.72 ? 268 LEU A CA  1 
ATOM   1161 C C   . LEU A 1 168 ? 5.889   13.877  9.525   1.00 33.90 ? 268 LEU A C   1 
ATOM   1162 O O   . LEU A 1 168 ? 6.328   14.901  9.008   1.00 36.88 ? 268 LEU A O   1 
ATOM   1163 C CB  . LEU A 1 168 ? 3.488   13.779  10.311  1.00 33.88 ? 268 LEU A CB  1 
ATOM   1164 C CG  . LEU A 1 168 ? 2.860   15.168  10.311  1.00 37.99 ? 268 LEU A CG  1 
ATOM   1165 C CD1 . LEU A 1 168 ? 1.958   15.371  9.092   1.00 38.86 ? 268 LEU A CD1 1 
ATOM   1166 C CD2 . LEU A 1 168 ? 2.079   15.350  11.608  1.00 38.19 ? 268 LEU A CD2 1 
ATOM   1167 N N   . ASP A 1 169 ? 6.612   13.116  10.350  1.00 36.41 ? 269 ASP A N   1 
ATOM   1168 C CA  . ASP A 1 169 ? 7.996   13.458  10.751  1.00 36.32 ? 269 ASP A CA  1 
ATOM   1169 C C   . ASP A 1 169 ? 9.056   13.067  9.716   1.00 34.88 ? 269 ASP A C   1 
ATOM   1170 O O   . ASP A 1 169 ? 10.233  13.402  9.880   1.00 33.54 ? 269 ASP A O   1 
ATOM   1171 C CB  . ASP A 1 169 ? 8.354   12.770  12.081  1.00 40.53 ? 269 ASP A CB  1 
ATOM   1172 C CG  . ASP A 1 169 ? 7.412   13.137  13.226  1.00 43.92 ? 269 ASP A CG  1 
ATOM   1173 O OD1 . ASP A 1 169 ? 6.809   14.234  13.199  1.00 46.11 ? 269 ASP A OD1 1 
ATOM   1174 O OD2 . ASP A 1 169 ? 7.280   12.318  14.169  1.00 48.43 ? 269 ASP A OD2 1 
ATOM   1175 N N   . HIS A 1 170 ? 8.658   12.323  8.680   1.00 29.66 ? 270 HIS A N   1 
ATOM   1176 C CA  . HIS A 1 170 ? 9.555   11.895  7.622   1.00 27.79 ? 270 HIS A CA  1 
ATOM   1177 C C   . HIS A 1 170 ? 8.861   12.100  6.281   1.00 25.72 ? 270 HIS A C   1 
ATOM   1178 O O   . HIS A 1 170 ? 8.695   11.166  5.514   1.00 23.86 ? 270 HIS A O   1 
ATOM   1179 C CB  . HIS A 1 170 ? 9.917   10.434  7.818   1.00 30.58 ? 270 HIS A CB  1 
ATOM   1180 C CG  . HIS A 1 170 ? 10.585  10.158  9.134   1.00 32.37 ? 270 HIS A CG  1 
ATOM   1181 N ND1 . HIS A 1 170 ? 9.892   9.714   10.238  1.00 36.09 ? 270 HIS A ND1 1 
ATOM   1182 C CD2 . HIS A 1 170 ? 11.873  10.294  9.526   1.00 36.34 ? 270 HIS A CD2 1 
ATOM   1183 C CE1 . HIS A 1 170 ? 10.727  9.574   11.255  1.00 36.82 ? 270 HIS A CE1 1 
ATOM   1184 N NE2 . HIS A 1 170 ? 11.935  9.917   10.846  1.00 36.93 ? 270 HIS A NE2 1 
ATOM   1185 N N   . PHE A 1 171 ? 8.478   13.341  6.000   1.00 25.23 ? 271 PHE A N   1 
ATOM   1186 C CA  . PHE A 1 171 ? 7.550   13.593  4.899   1.00 23.48 ? 271 PHE A CA  1 
ATOM   1187 C C   . PHE A 1 171 ? 8.191   13.533  3.528   1.00 23.10 ? 271 PHE A C   1 
ATOM   1188 O O   . PHE A 1 171 ? 7.503   13.333  2.522   1.00 22.86 ? 271 PHE A O   1 
ATOM   1189 C CB  . PHE A 1 171 ? 6.788   14.909  5.097   1.00 25.05 ? 271 PHE A CB  1 
ATOM   1190 C CG  . PHE A 1 171 ? 5.537   14.973  4.266   1.00 23.16 ? 271 PHE A CG  1 
ATOM   1191 C CD1 . PHE A 1 171 ? 4.405   14.293  4.670   1.00 23.49 ? 271 PHE A CD1 1 
ATOM   1192 C CD2 . PHE A 1 171 ? 5.529   15.625  3.036   1.00 23.56 ? 271 PHE A CD2 1 
ATOM   1193 C CE1 . PHE A 1 171 ? 3.251   14.304  3.896   1.00 22.33 ? 271 PHE A CE1 1 
ATOM   1194 C CE2 . PHE A 1 171 ? 4.385   15.621  2.242   1.00 22.33 ? 271 PHE A CE2 1 
ATOM   1195 C CZ  . PHE A 1 171 ? 3.248   14.964  2.678   1.00 23.44 ? 271 PHE A CZ  1 
ATOM   1196 N N   . GLN A 1 172 ? 9.518   13.663  3.450   1.00 23.25 ? 272 GLN A N   1 
ATOM   1197 C CA  . GLN A 1 172 ? 10.183  13.590  2.164   1.00 23.51 ? 272 GLN A CA  1 
ATOM   1198 C C   . GLN A 1 172 ? 10.350  12.174  1.634   1.00 21.48 ? 272 GLN A C   1 
ATOM   1199 O O   . GLN A 1 172 ? 10.683  11.995  0.479   1.00 20.76 ? 272 GLN A O   1 
ATOM   1200 C CB  . GLN A 1 172 ? 11.537  14.323  2.184   1.00 26.62 ? 272 GLN A CB  1 
ATOM   1201 C CG  . GLN A 1 172 ? 11.424  15.801  2.517   1.00 29.31 ? 272 GLN A CG  1 
ATOM   1202 C CD  . GLN A 1 172 ? 10.610  16.557  1.487   1.00 29.57 ? 272 GLN A CD  1 
ATOM   1203 O OE1 . GLN A 1 172 ? 10.866  16.454  0.298   1.00 32.77 ? 272 GLN A OE1 1 
ATOM   1204 N NE2 . GLN A 1 172 ? 9.602   17.283  1.942   1.00 31.45 ? 272 GLN A NE2 1 
ATOM   1205 N N   . SER A 1 173 ? 10.099  11.156  2.458   1.00 20.56 ? 273 SER A N   1 
ATOM   1206 C CA  . SER A 1 173 ? 10.423  9.798   2.080   1.00 18.96 ? 273 SER A CA  1 
ATOM   1207 C C   . SER A 1 173 ? 9.773   9.379   0.741   1.00 18.17 ? 273 SER A C   1 
ATOM   1208 O O   . SER A 1 173 ? 10.449  8.970   -0.186  1.00 18.13 ? 273 SER A O   1 
ATOM   1209 C CB  . SER A 1 173 ? 9.969   8.841   3.206   1.00 18.41 ? 273 SER A CB  1 
ATOM   1210 O OG  . SER A 1 173 ? 10.313  7.516   2.878   1.00 19.26 ? 273 SER A OG  1 
ATOM   1211 N N   . ALA A 1 174 ? 8.450   9.490   0.663   1.00 17.58 ? 274 ALA A N   1 
ATOM   1212 C CA  . ALA A 1 174 ? 7.725   9.071   -0.555  1.00 17.23 ? 274 ALA A CA  1 
ATOM   1213 C C   . ALA A 1 174 ? 8.003   10.015  -1.727  1.00 17.76 ? 274 ALA A C   1 
ATOM   1214 O O   . ALA A 1 174 ? 7.975   9.611   -2.879  1.00 18.07 ? 274 ALA A O   1 
ATOM   1215 C CB  . ALA A 1 174 ? 6.245   9.040   -0.288  1.00 16.83 ? 274 ALA A CB  1 
ATOM   1216 N N   . LEU A 1 175 ? 8.244   11.271  -1.402  1.00 20.11 ? 275 LEU A N   1 
ATOM   1217 C CA  . LEU A 1 175 ? 8.520   12.301  -2.431  1.00 24.37 ? 275 LEU A CA  1 
ATOM   1218 C C   . LEU A 1 175 ? 9.805   12.035  -3.250  1.00 28.52 ? 275 LEU A C   1 
ATOM   1219 O O   . LEU A 1 175 ? 9.947   12.530  -4.367  1.00 27.79 ? 275 LEU A O   1 
ATOM   1220 C CB  . LEU A 1 175 ? 8.514   13.697  -1.794  1.00 24.36 ? 275 LEU A CB  1 
ATOM   1221 C CG  . LEU A 1 175 ? 7.130   14.342  -1.637  1.00 26.27 ? 275 LEU A CG  1 
ATOM   1222 C CD1 . LEU A 1 175 ? 6.089   13.421  -1.011  1.00 26.85 ? 275 LEU A CD1 1 
ATOM   1223 C CD2 . LEU A 1 175 ? 7.221   15.612  -0.815  1.00 26.50 ? 275 LEU A CD2 1 
ATOM   1224 N N   . GLU A 1 176 ? 10.716  11.219  -2.714  1.00 30.01 ? 276 GLU A N   1 
ATOM   1225 C CA  . GLU A 1 176 ? 11.913  10.772  -3.437  1.00 32.61 ? 276 GLU A CA  1 
ATOM   1226 C C   . GLU A 1 176 ? 11.645  9.644   -4.440  1.00 32.63 ? 276 GLU A C   1 
ATOM   1227 O O   . GLU A 1 176 ? 12.532  9.252   -5.194  1.00 33.43 ? 276 GLU A O   1 
ATOM   1228 C CB  . GLU A 1 176 ? 12.990  10.340  -2.429  1.00 36.76 ? 276 GLU A CB  1 
ATOM   1229 C CG  . GLU A 1 176 ? 13.441  11.473  -1.514  1.00 37.59 ? 276 GLU A CG  1 
ATOM   1230 C CD  . GLU A 1 176 ? 14.095  11.008  -0.210  1.00 44.07 ? 276 GLU A CD  1 
ATOM   1231 O OE1 . GLU A 1 176 ? 14.613  11.881  0.514   1.00 47.97 ? 276 GLU A OE1 1 
ATOM   1232 O OE2 . GLU A 1 176 ? 14.093  9.793   0.110   1.00 46.24 ? 276 GLU A OE2 1 
ATOM   1233 N N   . GLU A 1 177 ? 10.424  9.112   -4.452  1.00 28.77 ? 277 GLU A N   1 
ATOM   1234 C CA  . GLU A 1 177 ? 9.957   8.266   -5.536  1.00 29.70 ? 277 GLU A CA  1 
ATOM   1235 C C   . GLU A 1 177 ? 9.398   9.196   -6.619  1.00 27.51 ? 277 GLU A C   1 
ATOM   1236 O O   . GLU A 1 177 ? 8.201   9.294   -6.811  1.00 24.41 ? 277 GLU A O   1 
ATOM   1237 C CB  . GLU A 1 177 ? 8.892   7.305   -5.005  1.00 30.93 ? 277 GLU A CB  1 
ATOM   1238 C CG  . GLU A 1 177 ? 8.675   6.094   -5.886  1.00 35.58 ? 277 GLU A CG  1 
ATOM   1239 C CD  . GLU A 1 177 ? 9.807   5.066   -5.787  1.00 37.51 ? 277 GLU A CD  1 
ATOM   1240 O OE1 . GLU A 1 177 ? 10.894  5.360   -5.205  1.00 43.04 ? 277 GLU A OE1 1 
ATOM   1241 O OE2 . GLU A 1 177 ? 9.599   3.955   -6.309  1.00 31.68 ? 277 GLU A OE2 1 
ATOM   1242 N N   . ASN A 1 178 ? 10.306  9.878   -7.304  1.00 29.13 ? 278 ASN A N   1 
ATOM   1243 C CA  . ASN A 1 178 ? 9.997   11.100  -8.074  1.00 28.97 ? 278 ASN A CA  1 
ATOM   1244 C C   . ASN A 1 178 ? 10.175  10.972  -9.580  1.00 29.19 ? 278 ASN A C   1 
ATOM   1245 O O   . ASN A 1 178 ? 9.908   11.925  -10.314 1.00 29.69 ? 278 ASN A O   1 
ATOM   1246 C CB  . ASN A 1 178 ? 10.903  12.232  -7.590  1.00 32.60 ? 278 ASN A CB  1 
ATOM   1247 C CG  . ASN A 1 178 ? 12.382  11.910  -7.744  1.00 33.14 ? 278 ASN A CG  1 
ATOM   1248 O OD1 . ASN A 1 178 ? 12.772  10.831  -8.217  1.00 33.97 ? 278 ASN A OD1 1 
ATOM   1249 N ND2 . ASN A 1 178 ? 13.218  12.842  -7.337  1.00 40.20 ? 278 ASN A ND2 1 
ATOM   1250 N N   . LYS A 1 179 ? 10.630  9.815   -10.035 1.00 26.53 ? 279 LYS A N   1 
ATOM   1251 C CA  . LYS A 1 179 ? 10.975  9.606   -11.418 1.00 28.35 ? 279 LYS A CA  1 
ATOM   1252 C C   . LYS A 1 179 ? 9.754   9.537   -12.331 1.00 27.00 ? 279 LYS A C   1 
ATOM   1253 O O   . LYS A 1 179 ? 9.771   10.042  -13.443 1.00 23.08 ? 279 LYS A O   1 
ATOM   1254 C CB  . LYS A 1 179 ? 11.779  8.315   -11.513 1.00 30.47 ? 279 LYS A CB  1 
ATOM   1255 C CG  . LYS A 1 179 ? 12.707  8.212   -12.692 1.00 33.50 ? 279 LYS A CG  1 
ATOM   1256 C CD  . LYS A 1 179 ? 13.922  7.358   -12.331 1.00 34.55 ? 279 LYS A CD  1 
ATOM   1257 C CE  . LYS A 1 179 ? 14.616  6.815   -13.557 1.00 34.38 ? 279 LYS A CE  1 
ATOM   1258 N NZ  . LYS A 1 179 ? 15.191  5.474   -13.283 1.00 34.11 ? 279 LYS A NZ  1 
ATOM   1259 N N   . PHE A 1 180 ? 8.705   8.878   -11.843 1.00 25.99 ? 280 PHE A N   1 
ATOM   1260 C CA  . PHE A 1 180 ? 7.492   8.637   -12.585 1.00 29.75 ? 280 PHE A CA  1 
ATOM   1261 C C   . PHE A 1 180 ? 6.248   9.385   -12.011 1.00 26.64 ? 280 PHE A C   1 
ATOM   1262 O O   . PHE A 1 180 ? 5.205   9.420   -12.654 1.00 31.31 ? 280 PHE A O   1 
ATOM   1263 C CB  . PHE A 1 180 ? 7.243   7.119   -12.579 1.00 33.24 ? 280 PHE A CB  1 
ATOM   1264 C CG  . PHE A 1 180 ? 8.463   6.266   -12.924 1.00 37.07 ? 280 PHE A CG  1 
ATOM   1265 C CD1 . PHE A 1 180 ? 8.735   5.894   -14.247 1.00 40.00 ? 280 PHE A CD1 1 
ATOM   1266 C CD2 . PHE A 1 180 ? 9.317   5.781   -11.913 1.00 39.02 ? 280 PHE A CD2 1 
ATOM   1267 C CE1 . PHE A 1 180 ? 9.841   5.092   -14.552 1.00 41.20 ? 280 PHE A CE1 1 
ATOM   1268 C CE2 . PHE A 1 180 ? 10.424  4.985   -12.218 1.00 40.59 ? 280 PHE A CE2 1 
ATOM   1269 C CZ  . PHE A 1 180 ? 10.688  4.643   -13.538 1.00 39.80 ? 280 PHE A CZ  1 
ATOM   1270 N N   . ILE A 1 181 ? 6.358   9.988   -10.829 1.00 20.99 ? 281 ILE A N   1 
ATOM   1271 C CA  . ILE A 1 181 ? 5.260   10.713  -10.201 1.00 20.28 ? 281 ILE A CA  1 
ATOM   1272 C C   . ILE A 1 181 ? 5.594   12.206  -10.105 1.00 20.42 ? 281 ILE A C   1 
ATOM   1273 O O   . ILE A 1 181 ? 6.594   12.578  -9.481  1.00 20.78 ? 281 ILE A O   1 
ATOM   1274 C CB  . ILE A 1 181 ? 5.024   10.158  -8.783  1.00 19.45 ? 281 ILE A CB  1 
ATOM   1275 C CG1 . ILE A 1 181 ? 4.750   8.644   -8.832  1.00 19.06 ? 281 ILE A CG1 1 
ATOM   1276 C CG2 . ILE A 1 181 ? 3.906   10.888  -8.044  1.00 18.60 ? 281 ILE A CG2 1 
ATOM   1277 C CD1 . ILE A 1 181 ? 4.733   8.018   -7.451  1.00 19.84 ? 281 ILE A CD1 1 
ATOM   1278 N N   . GLU A 1 182 ? 4.731   13.058  -10.670 1.00 21.01 ? 282 GLU A N   1 
ATOM   1279 C CA  . GLU A 1 182 ? 4.872   14.526  -10.578 1.00 21.59 ? 282 GLU A CA  1 
ATOM   1280 C C   . GLU A 1 182 ? 4.299   15.064  -9.269  1.00 19.06 ? 282 GLU A C   1 
ATOM   1281 O O   . GLU A 1 182 ? 3.179   15.585  -9.217  1.00 18.20 ? 282 GLU A O   1 
ATOM   1282 C CB  . GLU A 1 182 ? 4.185   15.218  -11.780 1.00 25.56 ? 282 GLU A CB  1 
ATOM   1283 C CG  . GLU A 1 182 ? 4.568   14.685  -13.166 1.00 30.13 ? 282 GLU A CG  1 
ATOM   1284 C CD  . GLU A 1 182 ? 3.517   15.020  -14.233 1.00 37.30 ? 282 GLU A CD  1 
ATOM   1285 O OE1 . GLU A 1 182 ? 2.901   14.084  -14.819 1.00 39.51 ? 282 GLU A OE1 1 
ATOM   1286 O OE2 . GLU A 1 182 ? 3.290   16.226  -14.481 1.00 38.56 ? 282 GLU A OE2 1 
ATOM   1287 N N   . TRP A 1 183 ? 5.078   14.943  -8.186  1.00 17.51 ? 283 TRP A N   1 
ATOM   1288 C CA  . TRP A 1 183 ? 4.604   15.244  -6.859  1.00 17.35 ? 283 TRP A CA  1 
ATOM   1289 C C   . TRP A 1 183 ? 4.206   16.718  -6.710  1.00 17.40 ? 283 TRP A C   1 
ATOM   1290 O O   . TRP A 1 183 ? 3.266   17.042  -5.995  1.00 16.98 ? 283 TRP A O   1 
ATOM   1291 C CB  . TRP A 1 183 ? 5.647   14.863  -5.805  1.00 17.93 ? 283 TRP A CB  1 
ATOM   1292 C CG  . TRP A 1 183 ? 5.782   13.391  -5.530  1.00 17.43 ? 283 TRP A CG  1 
ATOM   1293 C CD1 . TRP A 1 183 ? 6.764   12.548  -5.984  1.00 18.21 ? 283 TRP A CD1 1 
ATOM   1294 C CD2 . TRP A 1 183 ? 4.924   12.594  -4.698  1.00 17.30 ? 283 TRP A CD2 1 
ATOM   1295 N NE1 . TRP A 1 183 ? 6.532   11.259  -5.516  1.00 17.65 ? 283 TRP A NE1 1 
ATOM   1296 C CE2 . TRP A 1 183 ? 5.427   11.273  -4.714  1.00 17.74 ? 283 TRP A CE2 1 
ATOM   1297 C CE3 . TRP A 1 183 ? 3.758   12.859  -3.981  1.00 17.50 ? 283 TRP A CE3 1 
ATOM   1298 C CZ2 . TRP A 1 183 ? 4.818   10.239  -4.011  1.00 17.41 ? 283 TRP A CZ2 1 
ATOM   1299 C CZ3 . TRP A 1 183 ? 3.175   11.845  -3.270  1.00 18.07 ? 283 TRP A CZ3 1 
ATOM   1300 C CH2 . TRP A 1 183 ? 3.716   10.545  -3.281  1.00 17.89 ? 283 TRP A CH2 1 
ATOM   1301 N N   . LYS A 1 184 ? 4.915   17.621  -7.384  1.00 19.62 ? 284 LYS A N   1 
ATOM   1302 C CA  . LYS A 1 184 ? 4.599   19.055  -7.264  1.00 21.80 ? 284 LYS A CA  1 
ATOM   1303 C C   . LYS A 1 184 ? 3.163   19.320  -7.727  1.00 19.74 ? 284 LYS A C   1 
ATOM   1304 O O   . LYS A 1 184 ? 2.381   20.020  -7.055  1.00 19.88 ? 284 LYS A O   1 
ATOM   1305 C CB  . LYS A 1 184 ? 5.560   19.895  -8.120  1.00 25.69 ? 284 LYS A CB  1 
ATOM   1306 C CG  . LYS A 1 184 ? 7.006   19.867  -7.655  1.00 33.55 ? 284 LYS A CG  1 
ATOM   1307 C CD  . LYS A 1 184 ? 7.994   20.026  -8.824  1.00 39.12 ? 284 LYS A CD  1 
ATOM   1308 C CE  . LYS A 1 184 ? 9.370   19.439  -8.517  1.00 41.72 ? 284 LYS A CE  1 
ATOM   1309 N NZ  . LYS A 1 184 ? 10.134  20.373  -7.639  1.00 46.34 ? 284 LYS A NZ  1 
ATOM   1310 N N   . ASN A 1 185 ? 2.813   18.723  -8.857  1.00 19.87 ? 285 ASN A N   1 
ATOM   1311 C CA  . ASN A 1 185 ? 1.479   18.895  -9.434  1.00 20.79 ? 285 ASN A CA  1 
ATOM   1312 C C   . ASN A 1 185 ? 0.408   18.248  -8.588  1.00 20.52 ? 285 ASN A C   1 
ATOM   1313 O O   . ASN A 1 185 ? -0.675  18.790  -8.448  1.00 20.29 ? 285 ASN A O   1 
ATOM   1314 C CB  . ASN A 1 185 ? 1.439   18.353  -10.855 1.00 22.67 ? 285 ASN A CB  1 
ATOM   1315 C CG  . ASN A 1 185 ? 2.279   19.184  -11.797 1.00 27.40 ? 285 ASN A CG  1 
ATOM   1316 O OD1 . ASN A 1 185 ? 2.468   20.372  -11.573 1.00 32.33 ? 285 ASN A OD1 1 
ATOM   1317 N ND2 . ASN A 1 185 ? 2.814   18.566  -12.822 1.00 30.03 ? 285 ASN A ND2 1 
ATOM   1318 N N   . LEU A 1 186 ? 0.717   17.101  -7.987  1.00 19.17 ? 286 LEU A N   1 
ATOM   1319 C CA  . LEU A 1 186 ? -0.230  16.496  -7.044  1.00 18.68 ? 286 LEU A CA  1 
ATOM   1320 C C   . LEU A 1 186 ? -0.506  17.415  -5.844  1.00 18.82 ? 286 LEU A C   1 
ATOM   1321 O O   . LEU A 1 186 ? -1.661  17.638  -5.457  1.00 18.01 ? 286 LEU A O   1 
ATOM   1322 C CB  . LEU A 1 186 ? 0.293   15.120  -6.605  1.00 20.09 ? 286 LEU A CB  1 
ATOM   1323 C CG  . LEU A 1 186 ? -0.513  14.372  -5.549  1.00 21.44 ? 286 LEU A CG  1 
ATOM   1324 C CD1 . LEU A 1 186 ? -1.999  14.391  -5.887  1.00 23.24 ? 286 LEU A CD1 1 
ATOM   1325 C CD2 . LEU A 1 186 ? -0.013  12.939  -5.455  1.00 22.51 ? 286 LEU A CD2 1 
ATOM   1326 N N   . PHE A 1 187 ? 0.554   18.006  -5.283  1.00 18.00 ? 287 PHE A N   1 
ATOM   1327 C CA  . PHE A 1 187 ? 0.379   18.884  -4.129  1.00 19.30 ? 287 PHE A CA  1 
ATOM   1328 C C   . PHE A 1 187 ? -0.337  20.204  -4.477  1.00 19.39 ? 287 PHE A C   1 
ATOM   1329 O O   . PHE A 1 187 ? -1.073  20.727  -3.630  1.00 20.11 ? 287 PHE A O   1 
ATOM   1330 C CB  . PHE A 1 187 ? 1.702   19.069  -3.359  1.00 19.44 ? 287 PHE A CB  1 
ATOM   1331 C CG  . PHE A 1 187 ? 1.996   17.901  -2.446  1.00 19.15 ? 287 PHE A CG  1 
ATOM   1332 C CD1 . PHE A 1 187 ? 1.274   17.732  -1.275  1.00 20.14 ? 287 PHE A CD1 1 
ATOM   1333 C CD2 . PHE A 1 187 ? 2.898   16.930  -2.803  1.00 20.49 ? 287 PHE A CD2 1 
ATOM   1334 C CE1 . PHE A 1 187 ? 1.482   16.626  -0.450  1.00 20.84 ? 287 PHE A CE1 1 
ATOM   1335 C CE2 . PHE A 1 187 ? 3.122   15.827  -1.980  1.00 20.12 ? 287 PHE A CE2 1 
ATOM   1336 C CZ  . PHE A 1 187 ? 2.411   15.675  -0.816  1.00 20.40 ? 287 PHE A CZ  1 
ATOM   1337 N N   . TRP A 1 188 ? -0.204  20.664  -5.722  1.00 22.48 ? 288 TRP A N   1 
ATOM   1338 C CA  . TRP A 1 188 ? -1.009  21.825  -6.205  1.00 25.80 ? 288 TRP A CA  1 
ATOM   1339 C C   . TRP A 1 188 ? -2.489  21.496  -6.167  1.00 24.48 ? 288 TRP A C   1 
ATOM   1340 O O   . TRP A 1 188 ? -3.297  22.280  -5.664  1.00 23.28 ? 288 TRP A O   1 
ATOM   1341 C CB  . TRP A 1 188 ? -0.644  22.250  -7.628  1.00 33.09 ? 288 TRP A CB  1 
ATOM   1342 C CG  . TRP A 1 188 ? 0.641   23.013  -7.800  1.00 43.60 ? 288 TRP A CG  1 
ATOM   1343 C CD1 . TRP A 1 188 ? 1.399   23.614  -6.822  1.00 48.17 ? 288 TRP A CD1 1 
ATOM   1344 C CD2 . TRP A 1 188 ? 1.303   23.291  -9.049  1.00 51.84 ? 288 TRP A CD2 1 
ATOM   1345 N NE1 . TRP A 1 188 ? 2.503   24.221  -7.389  1.00 52.30 ? 288 TRP A NE1 1 
ATOM   1346 C CE2 . TRP A 1 188 ? 2.467   24.042  -8.749  1.00 54.59 ? 288 TRP A CE2 1 
ATOM   1347 C CE3 . TRP A 1 188 ? 1.031   22.964  -10.392 1.00 55.06 ? 288 TRP A CE3 1 
ATOM   1348 C CZ2 . TRP A 1 188 ? 3.363   24.476  -9.750  1.00 57.18 ? 288 TRP A CZ2 1 
ATOM   1349 C CZ3 . TRP A 1 188 ? 1.919   23.403  -11.387 1.00 58.63 ? 288 TRP A CZ3 1 
ATOM   1350 C CH2 . TRP A 1 188 ? 3.071   24.148  -11.055 1.00 59.35 ? 288 TRP A CH2 1 
ATOM   1351 N N   . VAL A 1 189 ? -2.847  20.307  -6.651  1.00 21.84 ? 289 VAL A N   1 
ATOM   1352 C CA  . VAL A 1 189 ? -4.229  19.849  -6.560  1.00 21.50 ? 289 VAL A CA  1 
ATOM   1353 C C   . VAL A 1 189 ? -4.719  19.764  -5.108  1.00 20.91 ? 289 VAL A C   1 
ATOM   1354 O O   . VAL A 1 189 ? -5.817  20.242  -4.794  1.00 20.12 ? 289 VAL A O   1 
ATOM   1355 C CB  . VAL A 1 189 ? -4.429  18.508  -7.308  1.00 21.86 ? 289 VAL A CB  1 
ATOM   1356 C CG1 . VAL A 1 189 ? -5.846  17.998  -7.112  1.00 23.01 ? 289 VAL A CG1 1 
ATOM   1357 C CG2 . VAL A 1 189 ? -4.116  18.674  -8.796  1.00 21.50 ? 289 VAL A CG2 1 
ATOM   1358 N N   . LEU A 1 190 ? -3.907  19.190  -4.212  1.00 19.93 ? 290 LEU A N   1 
ATOM   1359 C CA  . LEU A 1 190 ? -4.264  19.091  -2.795  1.00 20.73 ? 290 LEU A CA  1 
ATOM   1360 C C   . LEU A 1 190 ? -4.377  20.460  -2.115  1.00 23.13 ? 290 LEU A C   1 
ATOM   1361 O O   . LEU A 1 190 ? -5.221  20.631  -1.227  1.00 22.93 ? 290 LEU A O   1 
ATOM   1362 C CB  . LEU A 1 190 ? -3.265  18.212  -2.030  1.00 20.90 ? 290 LEU A CB  1 
ATOM   1363 C CG  . LEU A 1 190 ? -3.168  16.729  -2.428  1.00 21.69 ? 290 LEU A CG  1 
ATOM   1364 C CD1 . LEU A 1 190 ? -2.302  15.991  -1.430  1.00 21.93 ? 290 LEU A CD1 1 
ATOM   1365 C CD2 . LEU A 1 190 ? -4.554  16.088  -2.497  1.00 21.79 ? 290 LEU A CD2 1 
ATOM   1366 N N   . GLU A 1 191 ? -3.552  21.421  -2.535  1.00 24.00 ? 291 GLU A N   1 
ATOM   1367 C CA  . GLU A 1 191 ? -3.636  22.787  -1.985  1.00 28.84 ? 291 GLU A CA  1 
ATOM   1368 C C   . GLU A 1 191 ? -5.012  23.410  -2.243  1.00 29.08 ? 291 GLU A C   1 
ATOM   1369 O O   . GLU A 1 191 ? -5.585  24.035  -1.366  1.00 30.84 ? 291 GLU A O   1 
ATOM   1370 C CB  . GLU A 1 191 ? -2.523  23.683  -2.536  1.00 31.40 ? 291 GLU A CB  1 
ATOM   1371 C CG  . GLU A 1 191 ? -2.562  25.152  -2.090  1.00 36.32 ? 291 GLU A CG  1 
ATOM   1372 C CD  . GLU A 1 191 ? -2.512  25.364  -0.578  1.00 41.57 ? 291 GLU A CD  1 
ATOM   1373 O OE1 . GLU A 1 191 ? -2.170  24.436  0.188   1.00 45.57 ? 291 GLU A OE1 1 
ATOM   1374 O OE2 . GLU A 1 191 ? -2.812  26.498  -0.143  1.00 48.52 ? 291 GLU A OE2 1 
ATOM   1375 N N   . ASP A 1 192 ? -5.557  23.216  -3.433  1.00 31.55 ? 292 ASP A N   1 
ATOM   1376 C CA  . ASP A 1 192 ? -6.892  23.741  -3.728  1.00 34.45 ? 292 ASP A CA  1 
ATOM   1377 C C   . ASP A 1 192 ? -7.988  23.099  -2.875  1.00 32.74 ? 292 ASP A C   1 
ATOM   1378 O O   . ASP A 1 192 ? -8.926  23.794  -2.479  1.00 33.30 ? 292 ASP A O   1 
ATOM   1379 C CB  . ASP A 1 192 ? -7.189  23.675  -5.229  1.00 38.30 ? 292 ASP A CB  1 
ATOM   1380 C CG  . ASP A 1 192 ? -6.449  24.760  -6.005  1.00 45.54 ? 292 ASP A CG  1 
ATOM   1381 O OD1 . ASP A 1 192 ? -6.793  25.952  -5.829  1.00 52.88 ? 292 ASP A OD1 1 
ATOM   1382 O OD2 . ASP A 1 192 ? -5.518  24.443  -6.778  1.00 51.12 ? 292 ASP A OD2 1 
ATOM   1383 N N   . ILE A 1 193 ? -7.842  21.814  -2.523  1.00 29.53 ? 293 ILE A N   1 
ATOM   1384 C CA  . ILE A 1 193 ? -8.767  21.165  -1.568  1.00 29.51 ? 293 ILE A CA  1 
ATOM   1385 C C   . ILE A 1 193 ? -8.632  21.753  -0.158  1.00 32.47 ? 293 ILE A C   1 
ATOM   1386 O O   . ILE A 1 193 ? -9.646  22.023  0.490   1.00 32.74 ? 293 ILE A O   1 
ATOM   1387 C CB  . ILE A 1 193 ? -8.576  19.623  -1.502  1.00 31.14 ? 293 ILE A CB  1 
ATOM   1388 C CG1 . ILE A 1 193 ? -8.886  18.988  -2.868  1.00 31.25 ? 293 ILE A CG1 1 
ATOM   1389 C CG2 . ILE A 1 193 ? -9.443  18.994  -0.404  1.00 30.77 ? 293 ILE A CG2 1 
ATOM   1390 C CD1 . ILE A 1 193 ? -8.304  17.603  -3.067  1.00 32.22 ? 293 ILE A CD1 1 
ATOM   1391 N N   . VAL A 1 194 ? -7.401  21.954  0.316   1.00 33.27 ? 294 VAL A N   1 
ATOM   1392 C CA  . VAL A 1 194 ? -7.207  22.484  1.677   1.00 36.41 ? 294 VAL A CA  1 
ATOM   1393 C C   . VAL A 1 194 ? -7.699  23.940  1.812   1.00 36.69 ? 294 VAL A C   1 
ATOM   1394 O O   . VAL A 1 194 ? -8.284  24.294  2.839   1.00 36.78 ? 294 VAL A O   1 
ATOM   1395 C CB  . VAL A 1 194 ? -5.760  22.330  2.226   1.00 38.89 ? 294 VAL A CB  1 
ATOM   1396 C CG1 . VAL A 1 194 ? -5.252  20.903  2.063   1.00 40.22 ? 294 VAL A CG1 1 
ATOM   1397 C CG2 . VAL A 1 194 ? -4.788  23.312  1.614   1.00 40.91 ? 294 VAL A CG2 1 
ATOM   1398 N N   . GLN A 1 195 ? -7.472  24.752  0.781   1.00 35.66 ? 295 GLN A N   1 
ATOM   1399 C CA  . GLN A 1 195 ? -7.944  26.142  0.750   1.00 40.10 ? 295 GLN A CA  1 
ATOM   1400 C C   . GLN A 1 195 ? -9.459  26.272  0.761   1.00 44.53 ? 295 GLN A C   1 
ATOM   1401 O O   . GLN A 1 195 ? -9.995  27.213  1.348   1.00 47.91 ? 295 GLN A O   1 
ATOM   1402 C CB  . GLN A 1 195 ? -7.392  26.884  -0.463  1.00 42.13 ? 295 GLN A CB  1 
ATOM   1403 C CG  . GLN A 1 195 ? -5.921  27.212  -0.326  1.00 46.26 ? 295 GLN A CG  1 
ATOM   1404 C CD  . GLN A 1 195 ? -5.371  27.966  -1.516  1.00 49.29 ? 295 GLN A CD  1 
ATOM   1405 O OE1 . GLN A 1 195 ? -6.003  28.043  -2.574  1.00 54.23 ? 295 GLN A OE1 1 
ATOM   1406 N NE2 . GLN A 1 195 ? -4.185  28.530  -1.352  1.00 51.00 ? 295 GLN A NE2 1 
ATOM   1407 N N   . LEU A 1 196 ? -10.142 25.329  0.120   1.00 47.37 ? 296 LEU A N   1 
ATOM   1408 C CA  . LEU A 1 196 ? -11.597 25.320  0.089   1.00 53.53 ? 296 LEU A CA  1 
ATOM   1409 C C   . LEU A 1 196 ? -12.181 25.079  1.480   1.00 54.38 ? 296 LEU A C   1 
ATOM   1410 O O   . LEU A 1 196 ? -13.172 25.710  1.844   1.00 54.04 ? 296 LEU A O   1 
ATOM   1411 C CB  . LEU A 1 196 ? -12.113 24.265  -0.904  1.00 55.11 ? 296 LEU A CB  1 
ATOM   1412 C CG  . LEU A 1 196 ? -13.593 24.354  -1.290  1.00 59.60 ? 296 LEU A CG  1 
ATOM   1413 C CD1 . LEU A 1 196 ? -13.897 25.649  -2.044  1.00 59.64 ? 296 LEU A CD1 1 
ATOM   1414 C CD2 . LEU A 1 196 ? -13.992 23.132  -2.106  1.00 58.93 ? 296 LEU A CD2 1 
ATOM   1415 N N   . GLN A 1 197 ? -11.576 24.178  2.252   1.00 56.73 ? 297 GLN A N   1 
ATOM   1416 C CA  . GLN A 1 197 ? -12.054 23.897  3.612   1.00 61.10 ? 297 GLN A CA  1 
ATOM   1417 C C   . GLN A 1 197 ? -11.705 25.008  4.607   1.00 61.97 ? 297 GLN A C   1 
ATOM   1418 O O   . GLN A 1 197 ? -12.448 25.222  5.559   1.00 64.80 ? 297 GLN A O   1 
ATOM   1419 C CB  . GLN A 1 197 ? -11.562 22.533  4.122   1.00 60.83 ? 297 GLN A CB  1 
ATOM   1420 C CG  . GLN A 1 197 ? -12.056 22.223  5.537   1.00 62.95 ? 297 GLN A CG  1 
ATOM   1421 C CD  . GLN A 1 197 ? -12.081 20.747  5.905   1.00 63.08 ? 297 GLN A CD  1 
ATOM   1422 O OE1 . GLN A 1 197 ? -12.112 19.863  5.044   1.00 63.42 ? 297 GLN A OE1 1 
ATOM   1423 N NE2 . GLN A 1 197 ? -12.090 20.480  7.207   1.00 62.79 ? 297 GLN A NE2 1 
ATOM   1424 N N   . GLU A 1 198 ? -10.584 25.699  4.406   1.00 65.09 ? 298 GLU A N   1 
ATOM   1425 C CA  . GLU A 1 198 ? -10.263 26.901  5.201   1.00 68.06 ? 298 GLU A CA  1 
ATOM   1426 C C   . GLU A 1 198 ? -11.286 28.027  4.968   1.00 71.17 ? 298 GLU A C   1 
ATOM   1427 O O   . GLU A 1 198 ? -11.691 28.705  5.915   1.00 71.71 ? 298 GLU A O   1 
ATOM   1428 C CB  . GLU A 1 198 ? -8.840  27.397  4.903   1.00 68.22 ? 298 GLU A CB  1 
ATOM   1429 C CG  . GLU A 1 198 ? -7.746  26.539  5.535   1.00 68.21 ? 298 GLU A CG  1 
ATOM   1430 C CD  . GLU A 1 198 ? -6.355  26.776  4.954   1.00 67.80 ? 298 GLU A CD  1 
ATOM   1431 O OE1 . GLU A 1 198 ? -6.170  27.707  4.142   1.00 67.44 ? 298 GLU A OE1 1 
ATOM   1432 O OE2 . GLU A 1 198 ? -5.431  26.014  5.313   1.00 69.07 ? 298 GLU A OE2 1 
ATOM   1433 N N   . HIS A 1 199 ? -11.694 28.201  3.709   1.00 75.06 ? 299 HIS A N   1 
ATOM   1434 C CA  . HIS A 1 199 ? -12.728 29.178  3.310   1.00 77.99 ? 299 HIS A CA  1 
ATOM   1435 C C   . HIS A 1 199 ? -14.121 28.844  3.891   1.00 79.26 ? 299 HIS A C   1 
ATOM   1436 O O   . HIS A 1 199 ? -14.912 29.747  4.164   1.00 82.98 ? 299 HIS A O   1 
ATOM   1437 C CB  . HIS A 1 199 ? -12.795 29.266  1.770   1.00 78.70 ? 299 HIS A CB  1 
ATOM   1438 C CG  . HIS A 1 199 ? -13.432 30.520  1.251   1.00 82.58 ? 299 HIS A CG  1 
ATOM   1439 N ND1 . HIS A 1 199 ? -14.771 30.597  0.925   1.00 82.72 ? 299 HIS A ND1 1 
ATOM   1440 C CD2 . HIS A 1 199 ? -12.907 31.737  0.975   1.00 83.39 ? 299 HIS A CD2 1 
ATOM   1441 C CE1 . HIS A 1 199 ? -15.044 31.812  0.484   1.00 82.81 ? 299 HIS A CE1 1 
ATOM   1442 N NE2 . HIS A 1 199 ? -13.932 32.524  0.505   1.00 83.92 ? 299 HIS A NE2 1 
ATOM   1443 N N   . VAL A 1 200 ? -14.401 27.551  4.075   1.00 78.53 ? 300 VAL A N   1 
ATOM   1444 C CA  . VAL A 1 200 ? -15.670 27.054  4.644   1.00 78.76 ? 300 VAL A CA  1 
ATOM   1445 C C   . VAL A 1 200 ? -15.684 27.042  6.192   1.00 77.27 ? 300 VAL A C   1 
ATOM   1446 O O   . VAL A 1 200 ? -16.760 27.073  6.792   1.00 74.79 ? 300 VAL A O   1 
ATOM   1447 C CB  . VAL A 1 200 ? -16.020 25.655  4.041   1.00 79.72 ? 300 VAL A CB  1 
ATOM   1448 C CG1 . VAL A 1 200 ? -17.188 24.974  4.751   1.00 78.44 ? 300 VAL A CG1 1 
ATOM   1449 C CG2 . VAL A 1 200 ? -16.332 25.786  2.551   1.00 79.04 ? 300 VAL A CG2 1 
ATOM   1450 N N   . ASP A 1 201 ? -14.511 27.009  6.834   1.00 79.11 ? 301 ASP A N   1 
ATOM   1451 C CA  . ASP A 1 201 ? -14.413 27.104  8.307   1.00 81.20 ? 301 ASP A CA  1 
ATOM   1452 C C   . ASP A 1 201 ? -14.998 28.418  8.838   1.00 79.61 ? 301 ASP A C   1 
ATOM   1453 O O   . ASP A 1 201 ? -14.409 29.488  8.676   1.00 76.00 ? 301 ASP A O   1 
ATOM   1454 C CB  . ASP A 1 201 ? -12.953 26.983  8.788   1.00 84.62 ? 301 ASP A CB  1 
ATOM   1455 C CG  . ASP A 1 201 ? -12.386 25.569  8.654   1.00 88.86 ? 301 ASP A CG  1 
ATOM   1456 O OD1 . ASP A 1 201 ? -13.116 24.579  8.885   1.00 91.23 ? 301 ASP A OD1 1 
ATOM   1457 O OD2 . ASP A 1 201 ? -11.185 25.449  8.331   1.00 94.42 ? 301 ASP A OD2 1 
HETATM 1458 C C1  . GOL B 2 .   ? 12.426  11.402  5.596   1.00 57.51 ? 401 GOL A C1  1 
HETATM 1459 O O1  . GOL B 2 .   ? 12.970  10.408  4.719   1.00 55.95 ? 401 GOL A O1  1 
HETATM 1460 C C2  . GOL B 2 .   ? 12.983  12.784  5.277   1.00 58.67 ? 401 GOL A C2  1 
HETATM 1461 O O2  . GOL B 2 .   ? 14.370  12.877  5.597   1.00 60.13 ? 401 GOL A O2  1 
HETATM 1462 C C3  . GOL B 2 .   ? 12.234  13.868  6.053   1.00 58.51 ? 401 GOL A C3  1 
HETATM 1463 O O3  . GOL B 2 .   ? 12.466  15.162  5.496   1.00 57.78 ? 401 GOL A O3  1 
HETATM 1464 C C1  . GOL C 2 .   ? -11.607 -16.444 -6.076  1.00 41.87 ? 402 GOL A C1  1 
HETATM 1465 O O1  . GOL C 2 .   ? -10.871 -16.970 -4.978  1.00 38.37 ? 402 GOL A O1  1 
HETATM 1466 C C2  . GOL C 2 .   ? -13.046 -16.200 -5.686  1.00 45.40 ? 402 GOL A C2  1 
HETATM 1467 O O2  . GOL C 2 .   ? -13.502 -17.329 -4.917  1.00 44.80 ? 402 GOL A O2  1 
HETATM 1468 C C3  . GOL C 2 .   ? -13.204 -14.879 -4.918  1.00 46.71 ? 402 GOL A C3  1 
HETATM 1469 O O3  . GOL C 2 .   ? -13.964 -13.907 -5.649  1.00 52.29 ? 402 GOL A O3  1 
HETATM 1470 O O   . HOH D 3 .   ? 11.243  13.790  -11.230 1.00 35.21 ? 501 HOH A O   1 
HETATM 1471 O O   . HOH D 3 .   ? -10.771 9.257   6.151   1.00 28.57 ? 502 HOH A O   1 
HETATM 1472 O O   . HOH D 3 .   ? 10.821  -1.645  -1.069  1.00 28.34 ? 503 HOH A O   1 
HETATM 1473 O O   . HOH D 3 .   ? 14.384  9.294   2.900   1.00 39.56 ? 504 HOH A O   1 
HETATM 1474 O O   . HOH D 3 .   ? 4.172   -8.430  -8.647  1.00 22.38 ? 505 HOH A O   1 
HETATM 1475 O O   . HOH D 3 .   ? 14.358  -11.726 -13.137 1.00 39.28 ? 506 HOH A O   1 
HETATM 1476 O O   . HOH D 3 .   ? 18.243  -6.531  0.255   1.00 22.62 ? 507 HOH A O   1 
HETATM 1477 O O   . HOH D 3 .   ? 1.641   -10.171 -11.784 1.00 36.48 ? 508 HOH A O   1 
HETATM 1478 O O   . HOH D 3 .   ? -5.265  -13.235 14.730  1.00 28.18 ? 509 HOH A O   1 
HETATM 1479 O O   . HOH D 3 .   ? -12.835 -4.123  8.296   1.00 32.51 ? 510 HOH A O   1 
HETATM 1480 O O   . HOH D 3 .   ? 0.533   -12.479 14.655  1.00 25.49 ? 511 HOH A O   1 
HETATM 1481 O O   . HOH D 3 .   ? 18.231  -8.815  1.637   1.00 24.38 ? 512 HOH A O   1 
HETATM 1482 O O   . HOH D 3 .   ? 2.722   6.607   8.009   1.00 23.87 ? 513 HOH A O   1 
HETATM 1483 O O   . HOH D 3 .   ? -7.391  -5.915  14.480  1.00 42.05 ? 514 HOH A O   1 
HETATM 1484 O O   . HOH D 3 .   ? 0.781   -22.113 -0.300  1.00 19.19 ? 515 HOH A O   1 
HETATM 1485 O O   . HOH D 3 .   ? 3.446   -3.606  16.972  1.00 34.15 ? 516 HOH A O   1 
HETATM 1486 O O   . HOH D 3 .   ? 5.486   -18.534 10.718  1.00 26.14 ? 517 HOH A O   1 
HETATM 1487 O O   . HOH D 3 .   ? -2.054  1.723   -9.281  1.00 15.73 ? 518 HOH A O   1 
HETATM 1488 O O   . HOH D 3 .   ? -7.285  7.521   -1.415  1.00 18.30 ? 519 HOH A O   1 
HETATM 1489 O O   . HOH D 3 .   ? 2.273   -19.859 12.634  1.00 34.10 ? 520 HOH A O   1 
HETATM 1490 O O   . HOH D 3 .   ? 2.958   -23.288 7.769   1.00 37.43 ? 521 HOH A O   1 
HETATM 1491 O O   . HOH D 3 .   ? -0.589  -12.901 3.878   1.00 8.53  ? 522 HOH A O   1 
HETATM 1492 O O   . HOH D 3 .   ? -0.006  -18.279 13.717  1.00 25.63 ? 523 HOH A O   1 
HETATM 1493 O O   . HOH D 3 .   ? -4.881  -15.679 -6.528  1.00 16.90 ? 524 HOH A O   1 
HETATM 1494 O O   . HOH D 3 .   ? 0.706   16.141  -13.641 1.00 22.47 ? 525 HOH A O   1 
HETATM 1495 O O   . HOH D 3 .   ? 11.146  -11.964 -0.314  1.00 16.98 ? 526 HOH A O   1 
HETATM 1496 O O   . HOH D 3 .   ? 7.448   -1.552  12.127  1.00 19.70 ? 527 HOH A O   1 
HETATM 1497 O O   . HOH D 3 .   ? 8.208   -17.715 -3.572  1.00 21.94 ? 528 HOH A O   1 
HETATM 1498 O O   . HOH D 3 .   ? -16.875 -5.212  3.066   1.00 31.52 ? 529 HOH A O   1 
HETATM 1499 O O   . HOH D 3 .   ? -8.162  -8.736  14.581  1.00 36.45 ? 530 HOH A O   1 
HETATM 1500 O O   . HOH D 3 .   ? -1.076  -14.891 14.635  1.00 24.79 ? 531 HOH A O   1 
HETATM 1501 O O   . HOH D 3 .   ? 2.739   1.928   2.940   1.00 12.75 ? 532 HOH A O   1 
HETATM 1502 O O   . HOH D 3 .   ? 12.547  -4.465  -5.034  1.00 23.19 ? 533 HOH A O   1 
HETATM 1503 O O   . HOH D 3 .   ? -10.000 5.513   -4.324  1.00 17.21 ? 534 HOH A O   1 
HETATM 1504 O O   . HOH D 3 .   ? 7.433   -14.580 11.489  1.00 23.32 ? 535 HOH A O   1 
HETATM 1505 O O   . HOH D 3 .   ? 10.374  -16.329 1.387   1.00 21.67 ? 536 HOH A O   1 
HETATM 1506 O O   . HOH D 3 .   ? -19.206 -4.067  -1.045  1.00 31.08 ? 537 HOH A O   1 
HETATM 1507 O O   . HOH D 3 .   ? -2.702  -1.894  -9.421  1.00 28.52 ? 538 HOH A O   1 
HETATM 1508 O O   . HOH D 3 .   ? -0.851  -6.662  12.633  1.00 14.15 ? 539 HOH A O   1 
HETATM 1509 O O   . HOH D 3 .   ? 10.776  -6.436  -5.129  1.00 12.55 ? 540 HOH A O   1 
HETATM 1510 O O   . HOH D 3 .   ? 8.494   14.502  -8.748  1.00 32.06 ? 541 HOH A O   1 
HETATM 1511 O O   . HOH D 3 .   ? -7.136  7.052   -8.483  1.00 22.99 ? 542 HOH A O   1 
HETATM 1512 O O   . HOH D 3 .   ? 5.678   -1.682  -4.134  1.00 16.07 ? 543 HOH A O   1 
HETATM 1513 O O   . HOH D 3 .   ? 7.532   -16.661 4.739   1.00 15.29 ? 544 HOH A O   1 
HETATM 1514 O O   . HOH D 3 .   ? 4.668   -2.413  12.215  1.00 20.94 ? 545 HOH A O   1 
HETATM 1515 O O   . HOH D 3 .   ? -20.222 0.896   -2.571  1.00 25.14 ? 546 HOH A O   1 
HETATM 1516 O O   . HOH D 3 .   ? 5.565   -8.877  -12.557 1.00 31.02 ? 547 HOH A O   1 
HETATM 1517 O O   . HOH D 3 .   ? 1.514   24.334  8.067   1.00 40.96 ? 548 HOH A O   1 
HETATM 1518 O O   . HOH D 3 .   ? 6.503   -16.589 9.122   1.00 21.50 ? 549 HOH A O   1 
HETATM 1519 O O   . HOH D 3 .   ? 1.160   -15.209 7.598   1.00 13.57 ? 550 HOH A O   1 
HETATM 1520 O O   . HOH D 3 .   ? 9.031   -2.554  -2.928  1.00 21.57 ? 551 HOH A O   1 
HETATM 1521 O O   . HOH D 3 .   ? 9.376   -3.109  -5.716  1.00 15.88 ? 552 HOH A O   1 
HETATM 1522 O O   . HOH D 3 .   ? -6.488  -22.240 -6.279  1.00 27.50 ? 553 HOH A O   1 
HETATM 1523 O O   . HOH D 3 .   ? 7.946   12.948  -12.169 1.00 32.05 ? 554 HOH A O   1 
HETATM 1524 O O   . HOH D 3 .   ? 14.323  -15.037 -0.136  1.00 30.42 ? 555 HOH A O   1 
HETATM 1525 O O   . HOH D 3 .   ? -3.025  -19.374 4.117   1.00 15.99 ? 556 HOH A O   1 
HETATM 1526 O O   . HOH D 3 .   ? 8.089   7.647   -9.296  1.00 27.40 ? 557 HOH A O   1 
HETATM 1527 O O   . HOH D 3 .   ? 6.501   -20.292 7.008   1.00 22.07 ? 558 HOH A O   1 
HETATM 1528 O O   . HOH D 3 .   ? -11.448 -15.222 2.856   1.00 23.86 ? 559 HOH A O   1 
HETATM 1529 O O   . HOH D 3 .   ? -4.780  0.108   12.366  1.00 32.29 ? 560 HOH A O   1 
HETATM 1530 O O   . HOH D 3 .   ? 0.433   -1.360  11.403  1.00 32.25 ? 561 HOH A O   1 
HETATM 1531 O O   . HOH D 3 .   ? 11.336  -12.125 -8.105  1.00 15.24 ? 562 HOH A O   1 
HETATM 1532 O O   . HOH D 3 .   ? 17.355  -10.948 -6.858  1.00 33.47 ? 563 HOH A O   1 
HETATM 1533 O O   . HOH D 3 .   ? 5.588   -1.938  -13.120 1.00 25.44 ? 564 HOH A O   1 
HETATM 1534 O O   . HOH D 3 .   ? 11.522  -6.642  -12.828 1.00 24.17 ? 565 HOH A O   1 
HETATM 1535 O O   . HOH D 3 .   ? 12.092  8.219   6.438   1.00 29.17 ? 566 HOH A O   1 
HETATM 1536 O O   . HOH D 3 .   ? -6.082  -20.827 0.033   1.00 31.92 ? 567 HOH A O   1 
HETATM 1537 O O   . HOH D 3 .   ? 4.998   -21.762 -1.550  1.00 22.92 ? 568 HOH A O   1 
HETATM 1538 O O   . HOH D 3 .   ? -10.994 -2.325  11.405  1.00 26.83 ? 569 HOH A O   1 
HETATM 1539 O O   . HOH D 3 .   ? 9.533   15.762  7.310   1.00 47.72 ? 570 HOH A O   1 
HETATM 1540 O O   . HOH D 3 .   ? -0.981  -23.783 0.766   1.00 25.27 ? 571 HOH A O   1 
HETATM 1541 O O   . HOH D 3 .   ? -2.854  -14.920 -8.340  1.00 13.73 ? 572 HOH A O   1 
HETATM 1542 O O   . HOH D 3 .   ? 7.374   17.012  -8.927  1.00 27.22 ? 573 HOH A O   1 
HETATM 1543 O O   . HOH D 3 .   ? -13.071 -9.261  -7.018  1.00 25.22 ? 574 HOH A O   1 
HETATM 1544 O O   . HOH D 3 .   ? 5.247   -4.555  -12.659 1.00 31.80 ? 575 HOH A O   1 
HETATM 1545 O O   . HOH D 3 .   ? -6.185  4.010   -8.285  1.00 25.14 ? 576 HOH A O   1 
HETATM 1546 O O   . HOH D 3 .   ? 2.146   10.264  10.156  1.00 39.50 ? 577 HOH A O   1 
HETATM 1547 O O   . HOH D 3 .   ? 5.200   11.075  12.192  1.00 39.69 ? 578 HOH A O   1 
HETATM 1548 O O   . HOH D 3 .   ? 12.673  -18.382 -3.318  1.00 27.31 ? 579 HOH A O   1 
HETATM 1549 O O   . HOH D 3 .   ? 15.318  -9.879  5.098   0.50 11.83 ? 580 HOH A O   1 
HETATM 1550 O O   . HOH D 3 .   ? -0.535  -7.989  15.120  1.00 25.84 ? 581 HOH A O   1 
HETATM 1551 O O   . HOH D 3 .   ? 8.423   2.831   9.334   1.00 34.74 ? 582 HOH A O   1 
HETATM 1552 O O   . HOH D 3 .   ? 9.252   18.128  5.064   1.00 38.45 ? 583 HOH A O   1 
HETATM 1553 O O   . HOH D 3 .   ? 1.386   -21.324 -8.348  0.50 5.72  ? 584 HOH A O   1 
HETATM 1554 O O   . HOH D 3 .   ? 12.193  6.650   8.825   1.00 26.38 ? 585 HOH A O   1 
HETATM 1555 O O   . HOH D 3 .   ? 3.296   -6.394  -13.811 1.00 46.35 ? 586 HOH A O   1 
HETATM 1556 O O   . HOH D 3 .   ? 6.620   -20.610 9.696   1.00 39.51 ? 587 HOH A O   1 
HETATM 1557 O O   . HOH D 3 .   ? 20.779  -6.676  -0.898  1.00 43.05 ? 588 HOH A O   1 
HETATM 1558 O O   . HOH D 3 .   ? -0.798  -10.489 15.787  1.00 28.02 ? 589 HOH A O   1 
HETATM 1559 O O   . HOH D 3 .   ? 4.931   -22.771 6.043   1.00 48.46 ? 590 HOH A O   1 
HETATM 1560 O O   . HOH D 3 .   ? 9.749   -17.715 5.882   1.00 31.01 ? 591 HOH A O   1 
HETATM 1561 O O   . HOH D 3 .   ? 10.697  -18.198 -1.069  1.00 35.87 ? 592 HOH A O   1 
HETATM 1562 O O   . HOH D 3 .   ? 17.411  -10.087 3.869   1.00 20.77 ? 593 HOH A O   1 
HETATM 1563 O O   . HOH D 3 .   ? 12.719  -14.373 3.673   1.00 26.97 ? 594 HOH A O   1 
HETATM 1564 O O   . HOH D 3 .   ? 8.929   -17.882 8.626   1.00 26.38 ? 595 HOH A O   1 
HETATM 1565 O O   . HOH D 3 .   ? 11.894  -14.203 1.108   1.00 21.86 ? 596 HOH A O   1 
HETATM 1566 O O   . HOH D 3 .   ? -4.287  -12.562 -9.414  1.00 29.25 ? 597 HOH A O   1 
# 
